data_4TMC
#
_entry.id   4TMC
#
_cell.length_a   52.394
_cell.length_b   151.027
_cell.length_c   199.893
_cell.angle_alpha   90.00
_cell.angle_beta   90.00
_cell.angle_gamma   90.00
#
_symmetry.space_group_name_H-M   'P 21 21 21'
#
loop_
_entity.id
_entity.type
_entity.pdbx_description
1 polymer 'Old yellow enzyme'
2 non-polymer 'FLAVIN MONONUCLEOTIDE'
3 non-polymer P-HYDROXYBENZALDEHYDE
4 water water
#
_entity_poly.entity_id   1
_entity_poly.type   'polypeptide(L)'
_entity_poly.pdbx_seq_one_letter_code
;MSYMNFDPKPLGDTNIFKPIKIGNNELKHRVVMPALTRMRAIAPGNIPNTEWAEEYYRQRSQYPGTLIITEGTFPSAQSG
GYPNVPGIWSKEQLAEWKKIFNAIHENKSFVWVQLWVLGRQAWPEVLKKEGLRYDSATDDLYMGEEEKERALKANNPQHG
ITKEEIKQYIKEYVDAAKKAIDAGADGVQIHSANGYLLNQFLDPISNNRTDEYGGSIENRARFTLEVVDAVVDAVGAERT
SIRFSPYGTFGTMSGGENPGIVAQYAYVIGELEKRARAGKRLAFIDLVEPRVTDPFLPEFEKWFKEGTNEFIYSIWKGPV
LRVGNYALDPDQATLDSKKPNTLIGYGRSFIANPDLVYRLEKGLPLNKYDRNTFYTFTKEGYTDYPSYEESVAKGYKKEE
KKY
;
_entity_poly.pdbx_strand_id   A,B,C,D
#
# COMPACT_ATOMS: atom_id res chain seq x y z
N MET A 1 -7.06 40.29 39.99
CA MET A 1 -5.81 41.05 40.32
C MET A 1 -5.14 40.60 41.63
N SER A 2 -4.47 39.47 41.55
CA SER A 2 -3.79 38.88 42.69
C SER A 2 -2.69 37.97 42.23
N TYR A 3 -1.97 37.40 43.18
CA TYR A 3 -0.81 36.55 42.89
C TYR A 3 -1.22 35.12 42.95
N MET A 4 -0.53 34.28 42.20
CA MET A 4 -0.76 32.82 42.25
C MET A 4 -0.50 32.37 43.70
N ASN A 5 -1.28 31.41 44.16
CA ASN A 5 -1.17 30.98 45.58
C ASN A 5 -0.17 29.84 45.68
N PHE A 6 1.08 30.23 45.94
CA PHE A 6 2.22 29.32 46.19
C PHE A 6 3.31 30.18 46.79
N ASP A 7 4.34 29.51 47.26
CA ASP A 7 5.51 30.15 47.82
C ASP A 7 6.60 30.10 46.72
N PRO A 8 6.99 31.26 46.28
CA PRO A 8 8.02 31.35 45.25
C PRO A 8 9.36 31.11 45.83
N LYS A 9 10.22 30.53 44.99
CA LYS A 9 11.59 30.23 45.36
C LYS A 9 12.49 30.80 44.24
N PRO A 10 13.59 31.46 44.60
CA PRO A 10 14.49 31.98 43.57
C PRO A 10 15.12 30.87 42.74
N LEU A 11 15.21 31.04 41.42
CA LEU A 11 15.81 30.04 40.53
C LEU A 11 17.19 30.55 40.01
N GLY A 12 17.59 31.75 40.40
CA GLY A 12 18.77 32.34 39.84
C GLY A 12 20.10 31.60 40.08
N ASP A 13 20.13 30.67 41.03
CA ASP A 13 21.33 29.88 41.29
C ASP A 13 21.23 28.46 40.78
N THR A 14 20.24 28.17 39.95
CA THR A 14 20.07 26.86 39.41
C THR A 14 20.54 26.90 37.97
N ASN A 15 20.48 25.74 37.33
CA ASN A 15 20.84 25.63 35.90
C ASN A 15 19.88 26.38 34.98
N ILE A 16 18.72 26.79 35.52
CA ILE A 16 17.78 27.63 34.77
C ILE A 16 18.37 28.96 34.38
N PHE A 17 19.31 29.44 35.16
CA PHE A 17 20.01 30.70 34.90
C PHE A 17 21.43 30.53 34.46
N LYS A 18 21.71 29.36 33.91
CA LYS A 18 22.98 29.14 33.19
C LYS A 18 22.74 29.40 31.68
N PRO A 19 23.67 30.09 31.04
CA PRO A 19 23.59 30.29 29.57
C PRO A 19 23.68 28.97 28.80
N ILE A 20 23.17 28.96 27.56
CA ILE A 20 23.20 27.77 26.72
C ILE A 20 23.02 28.25 25.29
N LYS A 21 23.69 27.55 24.37
CA LYS A 21 23.55 27.81 22.93
C LYS A 21 22.45 26.91 22.42
N ILE A 22 21.52 27.50 21.69
CA ILE A 22 20.43 26.79 21.08
C ILE A 22 20.50 27.13 19.60
N GLY A 23 20.91 26.17 18.76
CA GLY A 23 21.24 26.48 17.38
C GLY A 23 22.28 27.59 17.31
N ASN A 24 21.97 28.68 16.63
CA ASN A 24 22.83 29.88 16.54
C ASN A 24 22.78 30.80 17.75
N ASN A 25 21.76 30.65 18.59
CA ASN A 25 21.44 31.68 19.55
C ASN A 25 22.08 31.42 20.92
N GLU A 26 22.80 32.41 21.43
CA GLU A 26 23.40 32.34 22.75
C GLU A 26 22.41 32.81 23.83
N LEU A 27 21.61 31.90 24.33
CA LEU A 27 20.65 32.22 25.38
C LEU A 27 21.39 32.57 26.64
N LYS A 28 20.89 33.57 27.39
CA LYS A 28 21.50 33.91 28.71
C LYS A 28 20.97 33.12 29.90
N HIS A 29 19.84 32.45 29.73
CA HIS A 29 19.12 31.70 30.72
C HIS A 29 18.17 30.79 29.96
N ARG A 30 17.56 29.89 30.72
CA ARG A 30 16.76 28.81 30.22
C ARG A 30 15.26 28.88 30.46
N VAL A 31 14.76 30.06 30.81
CA VAL A 31 13.33 30.32 30.93
C VAL A 31 12.81 30.66 29.53
N VAL A 32 11.96 29.81 29.00
CA VAL A 32 11.47 29.99 27.62
C VAL A 32 9.94 30.34 27.59
N MET A 33 9.55 31.20 26.68
CA MET A 33 8.12 31.42 26.46
C MET A 33 7.72 30.48 25.33
N PRO A 34 6.89 29.49 25.63
CA PRO A 34 6.43 28.56 24.62
C PRO A 34 5.33 29.20 23.79
N ALA A 35 5.01 28.54 22.67
CA ALA A 35 3.91 28.95 21.82
C ALA A 35 2.63 29.11 22.60
N LEU A 36 2.00 30.27 22.48
CA LEU A 36 0.74 30.55 23.15
C LEU A 36 -0.25 31.25 22.21
N THR A 37 -1.33 30.54 21.84
CA THR A 37 -2.37 31.14 21.00
C THR A 37 -3.18 32.14 21.81
N ARG A 38 -3.34 33.32 21.21
CA ARG A 38 -3.99 34.45 21.82
C ARG A 38 -5.13 35.04 21.05
N MET A 39 -5.19 34.76 19.74
CA MET A 39 -6.38 35.20 18.92
C MET A 39 -6.52 36.73 18.80
N ARG A 40 -5.40 37.48 18.74
CA ARG A 40 -5.42 38.88 18.49
C ARG A 40 -5.06 39.22 17.03
N ALA A 41 -4.84 38.22 16.18
CA ALA A 41 -4.60 38.50 14.76
C ALA A 41 -5.84 39.04 14.10
N ILE A 42 -5.60 39.80 13.04
CA ILE A 42 -6.65 40.55 12.34
C ILE A 42 -7.17 39.74 11.17
N ALA A 43 -8.50 39.60 11.06
CA ALA A 43 -9.13 38.94 9.93
C ALA A 43 -9.43 39.89 8.69
N PRO A 44 -9.52 39.39 7.48
CA PRO A 44 -9.48 38.09 6.88
C PRO A 44 -8.11 37.58 6.36
N GLY A 45 -7.11 38.43 6.49
CA GLY A 45 -5.73 38.06 6.10
C GLY A 45 -4.81 37.38 7.10
N ASN A 46 -5.35 36.98 8.26
CA ASN A 46 -4.57 36.35 9.36
C ASN A 46 -3.28 37.18 9.65
N ILE A 47 -3.53 38.47 9.87
CA ILE A 47 -2.40 39.44 9.96
C ILE A 47 -2.05 39.63 11.43
N PRO A 48 -0.80 39.50 11.79
CA PRO A 48 -0.40 39.80 13.20
C PRO A 48 -0.90 41.21 13.59
N ASN A 49 -1.39 41.35 14.83
CA ASN A 49 -2.22 42.49 15.21
C ASN A 49 -1.37 43.71 15.24
N THR A 50 -1.88 44.73 14.60
CA THR A 50 -1.09 45.92 14.31
C THR A 50 -1.00 46.93 15.42
N GLU A 51 -1.90 46.86 16.40
CA GLU A 51 -1.93 47.83 17.46
C GLU A 51 -1.23 47.22 18.75
N TRP A 52 -1.36 45.91 18.95
CA TRP A 52 -1.09 45.32 20.26
C TRP A 52 0.00 44.28 20.37
N ALA A 53 0.26 43.52 19.32
CA ALA A 53 1.16 42.38 19.40
C ALA A 53 2.63 42.71 19.60
N GLU A 54 3.11 43.76 18.95
CA GLU A 54 4.51 44.17 19.14
C GLU A 54 4.81 44.49 20.63
N GLU A 55 3.92 45.21 21.30
CA GLU A 55 4.08 45.43 22.70
C GLU A 55 4.02 44.19 23.54
N TYR A 56 3.17 43.26 23.16
CA TYR A 56 3.02 42.00 23.94
C TYR A 56 4.34 41.22 23.89
N TYR A 57 4.94 41.11 22.69
CA TYR A 57 6.23 40.38 22.59
C TYR A 57 7.41 41.21 23.11
N ARG A 58 7.34 42.52 22.97
CA ARG A 58 8.36 43.41 23.53
C ARG A 58 8.43 43.25 25.01
N GLN A 59 7.27 43.25 25.69
CA GLN A 59 7.26 43.07 27.14
C GLN A 59 7.92 41.76 27.55
N ARG A 60 7.48 40.64 26.93
CA ARG A 60 7.87 39.31 27.41
C ARG A 60 9.29 38.92 26.95
N SER A 61 9.91 39.74 26.09
CA SER A 61 11.31 39.54 25.65
C SER A 61 12.29 40.49 26.33
N GLN A 62 11.79 41.19 27.34
CA GLN A 62 12.58 42.26 28.01
C GLN A 62 13.83 41.81 28.70
N TYR A 63 13.84 40.61 29.21
CA TYR A 63 15.04 40.11 29.88
C TYR A 63 15.99 39.61 28.80
N PRO A 64 17.21 40.22 28.71
CA PRO A 64 18.09 39.95 27.57
C PRO A 64 18.48 38.49 27.50
N GLY A 65 18.46 37.97 26.27
CA GLY A 65 18.86 36.57 26.01
C GLY A 65 17.76 35.55 26.26
N THR A 66 16.52 35.99 26.18
CA THR A 66 15.36 35.08 26.31
C THR A 66 14.96 34.44 24.99
N LEU A 67 14.72 33.13 24.99
CA LEU A 67 14.02 32.49 23.82
C LEU A 67 12.53 32.66 23.88
N ILE A 68 11.97 33.24 22.82
CA ILE A 68 10.58 33.43 22.65
C ILE A 68 10.14 32.55 21.46
N ILE A 69 9.14 31.71 21.70
CA ILE A 69 8.48 30.93 20.60
C ILE A 69 7.14 31.62 20.40
N THR A 70 6.89 32.00 19.16
CA THR A 70 5.64 32.66 18.86
C THR A 70 4.43 31.77 19.06
N GLU A 71 3.28 32.41 19.19
CA GLU A 71 1.99 31.74 19.05
C GLU A 71 2.05 30.87 17.79
N GLY A 72 1.26 29.82 17.79
CA GLY A 72 1.09 28.97 16.58
C GLY A 72 0.69 29.87 15.41
N THR A 73 1.35 29.66 14.26
CA THR A 73 1.24 30.50 13.10
C THR A 73 1.02 29.58 11.92
N PHE A 74 0.03 29.86 11.09
CA PHE A 74 -0.35 28.98 10.02
C PHE A 74 0.60 29.16 8.80
N PRO A 75 1.18 28.08 8.24
CA PRO A 75 2.09 28.27 7.08
C PRO A 75 1.37 28.41 5.77
N SER A 76 0.05 28.22 5.74
CA SER A 76 -0.75 28.42 4.52
C SER A 76 -2.20 28.48 4.94
N ALA A 77 -3.03 29.00 4.06
CA ALA A 77 -4.44 29.15 4.37
C ALA A 77 -5.11 27.78 4.67
N GLN A 78 -4.76 26.76 3.90
CA GLN A 78 -5.34 25.40 4.07
C GLN A 78 -4.95 24.76 5.43
N SER A 79 -3.86 25.24 6.01
CA SER A 79 -3.41 24.82 7.35
C SER A 79 -4.21 25.41 8.47
N GLY A 80 -5.02 26.41 8.14
CA GLY A 80 -5.67 27.24 9.19
C GLY A 80 -7.15 26.92 9.39
N GLY A 81 -7.92 27.99 9.59
CA GLY A 81 -9.34 27.84 9.96
C GLY A 81 -9.75 28.55 11.20
N TYR A 82 -8.79 29.19 11.90
CA TYR A 82 -9.14 30.14 12.89
C TYR A 82 -8.81 31.56 12.40
N PRO A 83 -9.81 32.44 12.26
CA PRO A 83 -9.48 33.68 11.57
C PRO A 83 -8.53 34.59 12.30
N ASN A 84 -8.51 34.51 13.64
CA ASN A 84 -7.70 35.42 14.43
C ASN A 84 -6.37 34.88 14.93
N VAL A 85 -5.87 33.86 14.24
CA VAL A 85 -4.53 33.34 14.39
C VAL A 85 -3.69 33.87 13.19
N PRO A 86 -2.47 34.27 13.42
CA PRO A 86 -1.69 34.77 12.32
C PRO A 86 -1.19 33.66 11.38
N GLY A 87 -0.95 34.10 10.16
CA GLY A 87 -0.20 33.28 9.17
C GLY A 87 1.13 33.91 8.79
N ILE A 88 1.95 33.20 8.00
CA ILE A 88 3.28 33.66 7.67
C ILE A 88 3.62 33.33 6.20
N TRP A 89 2.59 33.31 5.35
CA TRP A 89 2.82 33.13 3.92
C TRP A 89 2.74 34.38 3.08
N SER A 90 2.00 35.42 3.52
CA SER A 90 1.65 36.53 2.63
C SER A 90 2.55 37.71 2.94
N LYS A 91 2.68 38.60 1.96
CA LYS A 91 3.50 39.81 2.12
C LYS A 91 3.05 40.69 3.30
N GLU A 92 1.75 40.91 3.43
CA GLU A 92 1.22 41.78 4.49
C GLU A 92 1.40 41.11 5.89
N GLN A 93 1.31 39.80 5.94
CA GLN A 93 1.68 39.07 7.18
C GLN A 93 3.12 39.26 7.57
N LEU A 94 4.00 39.04 6.62
CA LEU A 94 5.41 39.17 6.80
C LEU A 94 5.81 40.57 7.20
N ALA A 95 5.12 41.56 6.68
CA ALA A 95 5.51 42.92 7.06
C ALA A 95 5.34 43.14 8.52
N GLU A 96 4.27 42.59 9.09
CA GLU A 96 3.98 42.78 10.51
C GLU A 96 4.87 41.93 11.36
N TRP A 97 5.15 40.71 10.91
CA TRP A 97 6.10 39.87 11.61
C TRP A 97 7.45 40.50 11.74
N LYS A 98 7.94 41.17 10.69
CA LYS A 98 9.22 41.77 10.79
C LYS A 98 9.32 42.80 11.95
N LYS A 99 8.22 43.54 12.21
CA LYS A 99 8.22 44.50 13.30
C LYS A 99 8.28 43.84 14.66
N ILE A 100 7.61 42.69 14.78
CA ILE A 100 7.63 41.91 16.00
C ILE A 100 9.01 41.36 16.25
N PHE A 101 9.59 40.78 15.20
CA PHE A 101 10.93 40.23 15.33
C PHE A 101 11.90 41.31 15.71
N ASN A 102 11.74 42.49 15.10
CA ASN A 102 12.62 43.62 15.48
C ASN A 102 12.52 44.00 16.92
N ALA A 103 11.33 43.99 17.51
CA ALA A 103 11.14 44.38 18.93
C ALA A 103 11.84 43.40 19.84
N ILE A 104 11.70 42.13 19.50
CA ILE A 104 12.36 41.09 20.30
C ILE A 104 13.89 41.15 20.18
N HIS A 105 14.38 41.40 18.98
CA HIS A 105 15.81 41.51 18.72
C HIS A 105 16.39 42.73 19.36
N GLU A 106 15.64 43.81 19.39
CA GLU A 106 16.10 45.04 20.07
C GLU A 106 16.27 44.82 21.56
N ASN A 107 15.58 43.85 22.12
CA ASN A 107 15.75 43.43 23.52
C ASN A 107 16.91 42.49 23.78
N LYS A 108 17.64 42.15 22.73
CA LYS A 108 18.73 41.15 22.76
C LYS A 108 18.23 39.74 23.04
N SER A 109 17.03 39.50 22.57
CA SER A 109 16.34 38.23 22.75
C SER A 109 16.11 37.55 21.38
N PHE A 110 15.51 36.37 21.37
CA PHE A 110 15.43 35.53 20.20
C PHE A 110 14.00 35.11 19.91
N VAL A 111 13.71 34.94 18.63
CA VAL A 111 12.36 34.56 18.26
C VAL A 111 12.29 33.38 17.26
N TRP A 112 11.42 32.41 17.61
CA TRP A 112 11.22 31.20 16.86
C TRP A 112 9.74 31.10 16.49
N VAL A 113 9.45 31.04 15.18
CA VAL A 113 8.07 30.97 14.71
C VAL A 113 7.53 29.55 14.76
N GLN A 114 6.48 29.29 15.54
CA GLN A 114 5.88 27.96 15.56
C GLN A 114 4.97 27.83 14.34
N LEU A 115 5.26 26.83 13.52
CA LEU A 115 4.45 26.52 12.36
C LEU A 115 3.40 25.46 12.66
N TRP A 116 2.16 25.95 12.61
CA TRP A 116 0.97 25.22 13.13
C TRP A 116 -0.01 24.85 12.01
N VAL A 117 -0.33 23.56 11.94
CA VAL A 117 -1.25 23.01 10.96
C VAL A 117 -2.31 22.23 11.65
N LEU A 118 -3.54 22.67 11.47
CA LEU A 118 -4.61 22.26 12.37
C LEU A 118 -5.17 20.85 12.14
N GLY A 119 -5.25 20.41 10.91
CA GLY A 119 -6.02 19.22 10.66
C GLY A 119 -7.44 19.25 11.23
N ARG A 120 -7.83 18.16 11.88
CA ARG A 120 -9.22 18.00 12.32
C ARG A 120 -9.63 18.95 13.46
N GLN A 121 -8.69 19.69 14.08
CA GLN A 121 -9.08 20.67 15.09
C GLN A 121 -9.67 21.93 14.49
N ALA A 122 -9.51 22.11 13.20
CA ALA A 122 -10.01 23.29 12.47
C ALA A 122 -11.53 23.37 12.50
N TRP A 123 -12.04 24.58 12.27
CA TRP A 123 -13.45 24.83 12.15
C TRP A 123 -13.92 24.72 10.67
N PRO A 124 -14.63 23.62 10.36
CA PRO A 124 -14.87 23.26 8.96
C PRO A 124 -15.78 24.17 8.23
N GLU A 125 -16.64 24.89 8.98
CA GLU A 125 -17.53 25.88 8.40
C GLU A 125 -16.80 27.13 7.97
N VAL A 126 -15.75 27.46 8.69
CA VAL A 126 -14.84 28.55 8.32
C VAL A 126 -14.04 28.17 7.09
N LEU A 127 -13.42 27.01 7.11
CA LEU A 127 -12.77 26.52 5.91
C LEU A 127 -13.66 26.51 4.66
N LYS A 128 -14.91 26.09 4.82
CA LYS A 128 -15.87 25.96 3.68
C LYS A 128 -16.06 27.31 2.97
N LYS A 129 -16.17 28.36 3.78
CA LYS A 129 -16.34 29.72 3.31
C LYS A 129 -15.23 30.07 2.37
N GLU A 130 -14.02 29.56 2.62
CA GLU A 130 -12.84 29.89 1.81
C GLU A 130 -12.57 28.89 0.72
N GLY A 131 -13.44 27.91 0.52
CA GLY A 131 -13.23 26.84 -0.43
C GLY A 131 -12.10 25.91 -0.12
N LEU A 132 -11.84 25.74 1.18
CA LEU A 132 -10.78 24.89 1.70
C LEU A 132 -11.34 23.62 2.38
N ARG A 133 -10.54 22.58 2.35
CA ARG A 133 -10.87 21.25 2.85
C ARG A 133 -10.81 21.19 4.38
N TYR A 134 -11.49 20.20 4.95
CA TYR A 134 -11.38 19.89 6.39
C TYR A 134 -10.51 18.64 6.45
N ASP A 135 -9.22 18.78 6.74
CA ASP A 135 -8.21 17.73 6.58
C ASP A 135 -7.85 16.92 7.85
N SER A 136 -7.52 15.66 7.62
CA SER A 136 -6.92 14.80 8.65
C SER A 136 -6.19 13.65 8.00
N ALA A 137 -5.77 12.70 8.84
CA ALA A 137 -5.20 11.44 8.36
C ALA A 137 -6.22 10.52 7.64
N THR A 138 -7.45 10.55 8.10
CA THR A 138 -8.53 9.72 7.59
C THR A 138 -9.84 10.47 7.34
N ASP A 139 -10.66 9.94 6.45
CA ASP A 139 -12.01 10.46 6.25
C ASP A 139 -12.86 10.34 7.49
N ASP A 140 -12.74 9.27 8.23
CA ASP A 140 -13.80 8.84 9.12
C ASP A 140 -13.54 8.92 10.64
N LEU A 141 -12.32 9.17 11.07
CA LEU A 141 -12.05 9.28 12.50
C LEU A 141 -12.27 10.70 13.01
N TYR A 142 -13.51 11.02 13.33
CA TYR A 142 -13.82 12.35 13.86
C TYR A 142 -13.31 12.47 15.28
N MET A 143 -12.95 13.67 15.69
CA MET A 143 -12.43 13.82 17.06
C MET A 143 -13.52 13.81 18.10
N GLY A 144 -14.77 13.83 17.66
CA GLY A 144 -15.92 13.83 18.59
C GLY A 144 -17.25 14.05 17.86
N GLU A 145 -18.34 13.80 18.55
CA GLU A 145 -19.68 13.98 17.92
C GLU A 145 -19.97 15.41 17.50
N GLU A 146 -19.56 16.39 18.29
CA GLU A 146 -19.84 17.82 18.00
C GLU A 146 -19.10 18.26 16.75
N GLU A 147 -17.86 17.83 16.66
CA GLU A 147 -17.03 18.09 15.49
C GLU A 147 -17.55 17.41 14.26
N LYS A 148 -17.99 16.19 14.38
CA LYS A 148 -18.64 15.50 13.26
C LYS A 148 -19.92 16.25 12.78
N GLU A 149 -20.78 16.62 13.72
CA GLU A 149 -22.00 17.42 13.41
C GLU A 149 -21.63 18.73 12.73
N ARG A 150 -20.63 19.45 13.25
CA ARG A 150 -20.21 20.72 12.64
C ARG A 150 -19.74 20.53 11.19
N ALA A 151 -18.96 19.48 10.94
CA ALA A 151 -18.46 19.19 9.63
C ALA A 151 -19.58 18.85 8.66
N LEU A 152 -20.51 18.01 9.10
CA LEU A 152 -21.63 17.58 8.22
C LEU A 152 -22.59 18.75 7.92
N LYS A 153 -22.91 19.60 8.92
CA LYS A 153 -23.71 20.84 8.70
C LYS A 153 -23.06 21.74 7.66
N ALA A 154 -21.73 21.86 7.73
CA ALA A 154 -21.01 22.71 6.78
C ALA A 154 -20.85 22.06 5.40
N ASN A 155 -21.30 20.81 5.24
CA ASN A 155 -21.01 20.06 4.03
C ASN A 155 -19.50 20.12 3.70
N ASN A 156 -18.68 19.98 4.74
CA ASN A 156 -17.23 19.92 4.55
C ASN A 156 -16.70 18.74 5.37
N PRO A 157 -17.03 17.52 4.96
CA PRO A 157 -16.70 16.35 5.77
C PRO A 157 -15.18 16.16 5.96
N GLN A 158 -14.76 15.48 7.04
CA GLN A 158 -13.36 15.19 7.23
C GLN A 158 -12.76 14.46 6.04
N HIS A 159 -11.55 14.86 5.65
CA HIS A 159 -10.92 14.33 4.42
C HIS A 159 -9.54 13.78 4.79
N GLY A 160 -9.35 12.48 4.55
CA GLY A 160 -8.07 11.81 4.72
C GLY A 160 -7.19 12.27 3.58
N ILE A 161 -6.14 13.05 3.85
CA ILE A 161 -5.38 13.63 2.78
C ILE A 161 -4.57 12.66 1.93
N THR A 162 -4.41 13.00 0.66
CA THR A 162 -3.71 12.13 -0.23
C THR A 162 -2.22 12.36 -0.15
N LYS A 163 -1.50 11.45 -0.78
CA LYS A 163 -0.08 11.64 -0.90
C LYS A 163 0.32 12.94 -1.55
N GLU A 164 -0.36 13.36 -2.62
CA GLU A 164 -0.06 14.64 -3.20
C GLU A 164 -0.33 15.81 -2.20
N GLU A 165 -1.47 15.76 -1.50
CA GLU A 165 -1.81 16.79 -0.53
C GLU A 165 -0.81 16.86 0.61
N ILE A 166 -0.26 15.70 0.97
CA ILE A 166 0.87 15.55 1.90
C ILE A 166 2.10 16.31 1.39
N LYS A 167 2.49 16.04 0.15
CA LYS A 167 3.59 16.82 -0.47
C LYS A 167 3.28 18.32 -0.49
N GLN A 168 2.04 18.69 -0.68
CA GLN A 168 1.70 20.13 -0.74
C GLN A 168 1.91 20.76 0.62
N TYR A 169 1.44 20.08 1.68
CA TYR A 169 1.71 20.63 3.07
C TYR A 169 3.19 20.78 3.30
N ILE A 170 3.95 19.76 2.89
CA ILE A 170 5.42 19.81 2.96
C ILE A 170 5.98 21.06 2.31
N LYS A 171 5.50 21.35 1.12
CA LYS A 171 5.96 22.56 0.40
C LYS A 171 5.64 23.85 1.13
N GLU A 172 4.50 23.86 1.82
CA GLU A 172 4.00 24.99 2.56
C GLU A 172 4.76 25.17 3.88
N TYR A 173 5.09 24.08 4.58
CA TYR A 173 6.05 24.26 5.69
C TYR A 173 7.38 24.85 5.25
N VAL A 174 7.92 24.34 4.16
CA VAL A 174 9.18 24.85 3.64
C VAL A 174 9.08 26.36 3.27
N ASP A 175 8.02 26.72 2.58
CA ASP A 175 7.77 28.06 2.10
C ASP A 175 7.68 29.00 3.29
N ALA A 176 6.89 28.62 4.28
CA ALA A 176 6.72 29.44 5.47
C ALA A 176 8.03 29.55 6.25
N ALA A 177 8.79 28.47 6.27
CA ALA A 177 10.06 28.46 7.00
C ALA A 177 11.03 29.44 6.34
N LYS A 178 11.10 29.39 5.02
CA LYS A 178 12.11 30.26 4.30
C LYS A 178 11.68 31.70 4.52
N LYS A 179 10.36 31.93 4.36
CA LYS A 179 9.79 33.26 4.55
C LYS A 179 10.04 33.84 5.97
N ALA A 180 9.87 32.99 6.99
CA ALA A 180 10.10 33.37 8.41
C ALA A 180 11.51 33.79 8.65
N ILE A 181 12.45 32.94 8.24
CA ILE A 181 13.84 33.25 8.38
C ILE A 181 14.24 34.49 7.54
N ASP A 182 13.72 34.62 6.30
CA ASP A 182 14.05 35.81 5.49
C ASP A 182 13.61 37.12 6.23
N ALA A 183 12.51 37.06 6.96
CA ALA A 183 11.89 38.26 7.55
C ALA A 183 12.62 38.56 8.87
N GLY A 184 13.46 37.60 9.29
CA GLY A 184 14.36 37.82 10.41
C GLY A 184 14.19 36.89 11.58
N ALA A 185 13.29 35.89 11.48
CA ALA A 185 13.19 34.89 12.58
C ALA A 185 14.48 34.09 12.79
N ASP A 186 14.79 33.78 14.03
CA ASP A 186 15.99 32.97 14.37
C ASP A 186 15.84 31.52 14.01
N GLY A 187 14.61 31.06 13.95
CA GLY A 187 14.29 29.65 13.61
C GLY A 187 12.82 29.44 13.54
N VAL A 188 12.44 28.19 13.22
CA VAL A 188 11.05 27.80 13.19
C VAL A 188 10.89 26.53 13.98
N GLN A 189 9.71 26.35 14.58
CA GLN A 189 9.37 25.15 15.25
C GLN A 189 8.24 24.48 14.59
N ILE A 190 8.45 23.22 14.22
CA ILE A 190 7.39 22.39 13.66
C ILE A 190 6.48 21.91 14.81
N HIS A 191 5.22 22.31 14.79
CA HIS A 191 4.23 21.85 15.73
C HIS A 191 3.74 20.45 15.36
N SER A 192 4.14 19.48 16.17
CA SER A 192 3.78 18.06 15.98
C SER A 192 3.11 17.52 17.24
N ALA A 193 2.45 18.41 17.97
CA ALA A 193 1.87 18.07 19.27
C ALA A 193 0.42 18.49 19.38
N ASN A 194 -0.11 18.30 20.58
CA ASN A 194 -1.45 18.78 20.98
C ASN A 194 -2.63 18.44 20.04
N GLY A 195 -2.56 17.31 19.34
CA GLY A 195 -3.63 16.75 18.61
C GLY A 195 -3.89 17.44 17.28
N TYR A 196 -2.94 18.25 16.83
CA TYR A 196 -3.00 18.89 15.51
C TYR A 196 -2.54 17.95 14.41
N LEU A 197 -2.46 18.46 13.17
CA LEU A 197 -2.38 17.54 12.05
C LEU A 197 -1.31 16.48 12.13
N LEU A 198 -0.06 16.88 12.39
CA LEU A 198 1.02 15.89 12.46
C LEU A 198 0.81 14.90 13.58
N ASN A 199 0.31 15.35 14.70
CA ASN A 199 -0.01 14.46 15.83
C ASN A 199 -1.13 13.48 15.44
N GLN A 200 -2.06 13.93 14.61
CA GLN A 200 -3.15 13.09 14.12
C GLN A 200 -2.62 11.91 13.32
N PHE A 201 -1.51 12.12 12.60
CA PHE A 201 -0.78 11.02 11.91
C PHE A 201 0.01 10.15 12.91
N LEU A 202 0.69 10.79 13.87
CA LEU A 202 1.49 10.05 14.87
C LEU A 202 0.65 9.06 15.69
N ASP A 203 -0.60 9.38 15.94
CA ASP A 203 -1.31 8.62 17.02
C ASP A 203 -2.26 7.62 16.35
N PRO A 204 -2.17 6.36 16.70
CA PRO A 204 -3.10 5.39 16.11
C PRO A 204 -4.59 5.66 16.34
N ILE A 205 -4.95 6.44 17.36
CA ILE A 205 -6.35 6.72 17.66
C ILE A 205 -6.97 7.52 16.54
N SER A 206 -6.13 8.25 15.80
CA SER A 206 -6.58 9.13 14.75
C SER A 206 -6.03 8.78 13.38
N ASN A 207 -5.34 7.65 13.28
CA ASN A 207 -4.77 7.25 12.00
C ASN A 207 -4.76 5.74 11.92
N ASN A 208 -5.72 5.21 11.13
CA ASN A 208 -5.70 3.82 10.67
C ASN A 208 -5.54 3.64 9.17
N ARG A 209 -4.71 4.48 8.56
CA ARG A 209 -4.43 4.45 7.12
C ARG A 209 -3.70 3.14 6.85
N THR A 210 -3.87 2.62 5.64
CA THR A 210 -3.21 1.37 5.21
C THR A 210 -2.17 1.62 4.13
N ASP A 211 -1.94 2.88 3.77
CA ASP A 211 -0.76 3.23 2.95
C ASP A 211 0.50 3.44 3.84
N GLU A 212 1.52 4.03 3.25
CA GLU A 212 2.79 4.18 3.93
C GLU A 212 2.76 5.18 5.10
N TYR A 213 1.63 5.85 5.36
CA TYR A 213 1.57 6.88 6.39
C TYR A 213 0.74 6.39 7.56
N GLY A 214 0.32 5.12 7.53
CA GLY A 214 -0.23 4.51 8.73
C GLY A 214 0.07 3.00 8.87
N GLY A 215 -0.29 2.48 10.04
CA GLY A 215 -0.32 1.07 10.30
C GLY A 215 0.91 0.52 11.01
N SER A 216 1.85 1.39 11.41
CA SER A 216 3.07 1.01 12.11
C SER A 216 3.68 2.31 12.69
N ILE A 217 4.55 2.16 13.68
CA ILE A 217 5.31 3.29 14.23
C ILE A 217 6.02 4.11 13.16
N GLU A 218 6.77 3.45 12.30
CA GLU A 218 7.56 4.08 11.25
C GLU A 218 6.64 4.80 10.29
N ASN A 219 5.52 4.20 9.95
CA ASN A 219 4.64 4.80 8.96
C ASN A 219 3.92 6.02 9.56
N ARG A 220 3.46 5.92 10.82
CA ARG A 220 2.81 7.02 11.52
C ARG A 220 3.75 8.21 11.69
N ALA A 221 5.06 7.95 11.80
CA ALA A 221 6.04 9.02 11.99
C ALA A 221 6.48 9.63 10.66
N ARG A 222 6.08 9.04 9.54
CA ARG A 222 6.63 9.42 8.22
C ARG A 222 6.39 10.90 7.83
N PHE A 223 5.17 11.37 8.01
CA PHE A 223 4.79 12.72 7.63
C PHE A 223 5.60 13.70 8.45
N THR A 224 5.58 13.54 9.75
CA THR A 224 6.39 14.36 10.60
C THR A 224 7.86 14.37 10.18
N LEU A 225 8.46 13.21 9.90
CA LEU A 225 9.89 13.23 9.49
C LEU A 225 10.14 13.83 8.10
N GLU A 226 9.19 13.66 7.16
CA GLU A 226 9.34 14.34 5.88
C GLU A 226 9.31 15.83 6.09
N VAL A 227 8.41 16.33 6.96
CA VAL A 227 8.36 17.74 7.24
C VAL A 227 9.70 18.23 7.81
N VAL A 228 10.21 17.55 8.85
CA VAL A 228 11.50 17.91 9.43
C VAL A 228 12.64 17.95 8.38
N ASP A 229 12.71 16.90 7.59
CA ASP A 229 13.81 16.80 6.61
C ASP A 229 13.67 17.88 5.51
N ALA A 230 12.45 18.21 5.10
CA ALA A 230 12.29 19.28 4.12
C ALA A 230 12.60 20.63 4.68
N VAL A 231 12.24 20.87 5.96
CA VAL A 231 12.48 22.20 6.57
C VAL A 231 13.98 22.39 6.84
N VAL A 232 14.61 21.32 7.32
CA VAL A 232 16.04 21.26 7.47
C VAL A 232 16.76 21.52 6.13
N ASP A 233 16.30 20.91 5.04
CA ASP A 233 16.93 21.08 3.71
C ASP A 233 16.91 22.60 3.37
N ALA A 234 15.82 23.27 3.75
CA ALA A 234 15.62 24.63 3.33
C ALA A 234 16.32 25.68 4.25
N VAL A 235 16.31 25.49 5.57
CA VAL A 235 16.80 26.54 6.44
C VAL A 235 17.94 26.07 7.40
N GLY A 236 18.15 24.78 7.43
CA GLY A 236 19.20 24.12 8.19
C GLY A 236 18.71 23.69 9.57
N ALA A 237 19.33 22.64 10.09
CA ALA A 237 18.93 22.05 11.35
C ALA A 237 19.07 23.01 12.51
N GLU A 238 20.08 23.89 12.46
CA GLU A 238 20.27 24.91 13.49
C GLU A 238 19.16 25.93 13.65
N ARG A 239 18.32 26.04 12.63
CA ARG A 239 17.15 26.92 12.61
C ARG A 239 15.83 26.20 12.64
N THR A 240 15.87 24.93 13.02
CA THR A 240 14.66 24.11 13.06
C THR A 240 14.50 23.45 14.39
N SER A 241 13.25 23.32 14.84
CA SER A 241 12.91 22.63 16.10
C SER A 241 11.57 21.97 15.96
N ILE A 242 11.15 21.20 16.97
CA ILE A 242 9.89 20.45 16.91
C ILE A 242 9.35 20.29 18.27
N ARG A 243 8.03 20.16 18.35
CA ARG A 243 7.32 20.01 19.60
C ARG A 243 6.48 18.73 19.52
N PHE A 244 6.54 17.93 20.59
CA PHE A 244 5.73 16.73 20.81
C PHE A 244 5.00 16.79 22.19
N SER A 245 3.91 16.03 22.32
CA SER A 245 3.14 15.90 23.56
C SER A 245 2.81 14.44 23.80
N PRO A 246 3.84 13.65 24.15
CA PRO A 246 3.59 12.23 24.20
C PRO A 246 2.37 11.80 25.01
N TYR A 247 2.16 12.49 26.12
CA TYR A 247 1.12 12.14 27.11
C TYR A 247 -0.15 12.97 26.95
N GLY A 248 -0.22 13.76 25.87
CA GLY A 248 -1.36 14.64 25.69
C GLY A 248 -2.62 13.89 25.32
N THR A 249 -3.77 14.31 25.91
CA THR A 249 -5.08 13.83 25.48
C THR A 249 -5.91 14.88 24.70
N PHE A 250 -5.52 16.15 24.79
CA PHE A 250 -6.20 17.28 24.15
C PHE A 250 -6.25 16.96 22.66
N GLY A 251 -7.39 17.24 22.03
CA GLY A 251 -7.58 16.86 20.67
C GLY A 251 -8.00 15.45 20.44
N THR A 252 -8.41 14.76 21.50
CA THR A 252 -8.79 13.34 21.47
C THR A 252 -7.60 12.43 21.00
N MET A 253 -6.44 12.66 21.59
CA MET A 253 -5.25 11.84 21.37
C MET A 253 -5.19 10.81 22.45
N SER A 254 -4.29 9.84 22.24
CA SER A 254 -4.22 8.66 23.13
C SER A 254 -3.76 8.91 24.54
N GLY A 255 -2.72 9.71 24.70
CA GLY A 255 -2.16 9.81 26.04
C GLY A 255 -1.55 8.49 26.50
N GLY A 256 -1.11 8.48 27.76
CA GLY A 256 -0.36 7.38 28.32
C GLY A 256 -1.18 6.14 28.69
N GLU A 257 -2.52 6.23 28.67
CA GLU A 257 -3.34 5.04 28.79
C GLU A 257 -3.12 4.00 27.64
N ASN A 258 -2.62 4.41 26.47
CA ASN A 258 -2.21 3.41 25.47
C ASN A 258 -0.72 3.11 25.77
N PRO A 259 -0.37 1.88 26.19
CA PRO A 259 1.04 1.57 26.54
C PRO A 259 2.00 1.59 25.38
N GLY A 260 1.49 1.71 24.17
CA GLY A 260 2.36 1.75 23.04
C GLY A 260 2.78 3.14 22.64
N ILE A 261 2.28 4.16 23.32
CA ILE A 261 2.55 5.57 22.95
C ILE A 261 4.02 6.02 23.16
N VAL A 262 4.65 5.60 24.26
CA VAL A 262 6.07 5.89 24.41
C VAL A 262 6.98 5.41 23.23
N ALA A 263 6.71 4.21 22.71
CA ALA A 263 7.49 3.67 21.61
C ALA A 263 7.39 4.57 20.38
N GLN A 264 6.25 5.20 20.18
CA GLN A 264 6.05 6.01 19.00
C GLN A 264 6.97 7.16 19.07
N TYR A 265 7.07 7.79 20.26
CA TYR A 265 7.86 8.99 20.41
C TYR A 265 9.34 8.66 20.51
N ALA A 266 9.65 7.56 21.19
CA ALA A 266 11.01 7.03 21.21
C ALA A 266 11.55 6.81 19.83
N TYR A 267 10.71 6.33 18.94
CA TYR A 267 11.16 6.10 17.59
C TYR A 267 11.45 7.47 16.92
N VAL A 268 10.48 8.38 16.93
CA VAL A 268 10.65 9.62 16.10
C VAL A 268 11.84 10.37 16.64
N ILE A 269 11.98 10.40 17.95
CA ILE A 269 13.07 11.17 18.57
C ILE A 269 14.40 10.49 18.23
N GLY A 270 14.40 9.14 18.18
CA GLY A 270 15.62 8.37 17.84
C GLY A 270 16.01 8.66 16.38
N GLU A 271 15.03 8.79 15.51
CA GLU A 271 15.29 9.25 14.17
C GLU A 271 15.93 10.66 14.09
N LEU A 272 15.48 11.61 14.94
CA LEU A 272 16.09 12.92 14.99
C LEU A 272 17.49 12.82 15.50
N GLU A 273 17.75 11.92 16.50
CA GLU A 273 19.09 11.80 16.97
C GLU A 273 20.03 11.18 15.90
N LYS A 274 19.52 10.22 15.16
CA LYS A 274 20.26 9.65 14.04
C LYS A 274 20.77 10.72 13.05
N ARG A 275 19.84 11.58 12.68
CA ARG A 275 20.12 12.73 11.87
C ARG A 275 21.15 13.67 12.49
N ALA A 276 21.05 13.91 13.79
CA ALA A 276 22.04 14.75 14.50
C ALA A 276 23.42 14.16 14.46
N ARG A 277 23.53 12.85 14.66
CA ARG A 277 24.85 12.23 14.67
C ARG A 277 25.48 12.31 13.28
N ALA A 278 24.66 12.26 12.23
CA ALA A 278 25.15 12.26 10.86
C ALA A 278 25.52 13.67 10.40
N GLY A 279 25.19 14.72 11.15
CA GLY A 279 25.45 16.09 10.73
C GLY A 279 25.15 17.21 11.74
N LYS A 280 24.41 18.24 11.36
CA LYS A 280 24.02 19.30 12.34
C LYS A 280 22.76 18.80 12.99
N ARG A 281 22.63 19.02 14.29
CA ARG A 281 21.44 18.62 15.04
C ARG A 281 20.32 19.69 15.04
N LEU A 282 19.06 19.25 15.04
CA LEU A 282 17.92 20.14 15.37
C LEU A 282 18.23 20.99 16.64
N ALA A 283 17.86 22.29 16.61
CA ALA A 283 18.22 23.22 17.65
C ALA A 283 17.75 22.76 19.01
N PHE A 284 16.52 22.20 19.08
CA PHE A 284 15.94 21.68 20.31
C PHE A 284 14.72 20.88 19.97
N ILE A 285 14.34 20.01 20.90
CA ILE A 285 13.06 19.30 20.88
C ILE A 285 12.31 19.84 22.12
N ASP A 286 11.03 20.14 21.92
CA ASP A 286 10.18 20.72 22.93
C ASP A 286 9.13 19.66 23.28
N LEU A 287 9.01 19.32 24.56
CA LEU A 287 8.05 18.38 25.02
C LEU A 287 7.11 19.02 26.01
N VAL A 288 5.84 18.77 25.76
CA VAL A 288 4.83 19.07 26.76
C VAL A 288 4.93 17.96 27.82
N GLU A 289 4.92 18.35 29.10
CA GLU A 289 4.96 17.40 30.19
C GLU A 289 3.63 16.74 30.44
N PRO A 290 3.64 15.51 30.96
CA PRO A 290 2.41 14.91 31.43
C PRO A 290 1.71 15.66 32.57
N ARG A 291 2.40 16.62 33.17
CA ARG A 291 1.92 17.51 34.18
C ARG A 291 0.68 18.22 33.66
N VAL A 292 0.63 18.38 32.34
CA VAL A 292 -0.49 19.08 31.69
C VAL A 292 -0.90 18.24 30.46
N THR A 293 -1.90 17.39 30.62
CA THR A 293 -2.39 16.56 29.48
C THR A 293 -3.41 17.34 28.62
N ASP A 294 -3.88 18.45 29.19
CA ASP A 294 -4.84 19.29 28.49
C ASP A 294 -4.73 20.69 29.10
N PRO A 295 -4.31 21.65 28.26
CA PRO A 295 -3.98 23.03 28.73
C PRO A 295 -5.20 23.88 29.01
N PHE A 296 -6.41 23.35 28.71
CA PHE A 296 -7.68 24.00 29.08
C PHE A 296 -8.12 23.76 30.53
N LEU A 297 -7.46 22.80 31.19
CA LEU A 297 -7.75 22.44 32.57
C LEU A 297 -6.78 23.15 33.50
N PRO A 298 -7.25 23.49 34.73
CA PRO A 298 -6.35 24.20 35.63
C PRO A 298 -5.16 23.36 36.06
N GLU A 299 -4.10 24.06 36.47
CA GLU A 299 -2.92 23.41 36.98
C GLU A 299 -3.27 22.32 38.01
N PHE A 300 -2.61 21.18 37.81
CA PHE A 300 -2.63 19.99 38.63
C PHE A 300 -3.82 19.04 38.33
N GLU A 301 -4.76 19.47 37.47
CA GLU A 301 -5.88 18.62 37.01
C GLU A 301 -5.35 17.83 35.83
N LYS A 302 -5.77 16.58 35.79
CA LYS A 302 -5.38 15.56 34.80
C LYS A 302 -3.86 15.57 34.59
N TRP A 303 -3.17 15.54 35.72
CA TRP A 303 -1.74 15.31 35.71
C TRP A 303 -1.60 13.79 35.57
N PHE A 304 -1.11 13.32 34.42
CA PHE A 304 -0.80 11.87 34.25
C PHE A 304 0.43 11.51 35.11
N LYS A 305 0.25 10.70 36.15
CA LYS A 305 1.42 10.41 37.03
C LYS A 305 2.12 9.05 36.75
N GLU A 306 1.62 8.30 35.78
CA GLU A 306 2.05 6.93 35.60
C GLU A 306 3.08 6.88 34.47
N GLY A 307 3.42 8.02 33.89
CA GLY A 307 4.44 8.06 32.83
C GLY A 307 5.13 9.39 32.83
N THR A 308 6.41 9.42 32.42
CA THR A 308 7.18 10.69 32.41
C THR A 308 7.89 10.79 31.05
N ASN A 309 8.41 11.98 30.79
CA ASN A 309 9.27 12.24 29.66
C ASN A 309 10.75 11.91 29.83
N GLU A 310 11.14 11.24 30.94
CA GLU A 310 12.55 11.00 31.23
C GLU A 310 13.25 10.16 30.09
N PHE A 311 12.48 9.30 29.42
CA PHE A 311 13.00 8.47 28.32
C PHE A 311 13.79 9.32 27.30
N ILE A 312 13.40 10.57 27.08
CA ILE A 312 14.09 11.34 26.03
C ILE A 312 15.61 11.42 26.25
N TYR A 313 16.02 11.49 27.51
CA TYR A 313 17.44 11.73 27.77
C TYR A 313 18.34 10.51 27.45
N SER A 314 17.71 9.35 27.22
CA SER A 314 18.40 8.15 26.81
C SER A 314 18.46 8.04 25.31
N ILE A 315 17.91 9.01 24.61
CA ILE A 315 17.85 8.97 23.13
C ILE A 315 18.48 10.22 22.50
N TRP A 316 17.83 11.36 22.75
CA TRP A 316 18.28 12.68 22.23
C TRP A 316 19.36 13.24 23.10
N LYS A 317 20.44 13.65 22.46
CA LYS A 317 21.54 14.23 23.18
C LYS A 317 21.72 15.72 22.95
N GLY A 318 20.66 16.43 22.58
CA GLY A 318 20.73 17.86 22.41
C GLY A 318 19.77 18.54 23.35
N PRO A 319 19.56 19.84 23.13
CA PRO A 319 18.72 20.56 24.10
C PRO A 319 17.25 20.10 24.06
N VAL A 320 16.64 20.10 25.23
CA VAL A 320 15.30 19.68 25.42
C VAL A 320 14.58 20.78 26.17
N LEU A 321 13.48 21.28 25.61
CA LEU A 321 12.60 22.21 26.29
C LEU A 321 11.43 21.45 26.92
N ARG A 322 11.15 21.68 28.22
CA ARG A 322 10.05 20.98 28.87
C ARG A 322 9.05 22.02 29.32
N VAL A 323 7.79 21.76 29.15
CA VAL A 323 6.74 22.80 29.41
C VAL A 323 5.52 22.11 30.08
N GLY A 324 5.05 22.66 31.21
CA GLY A 324 3.82 22.15 31.83
C GLY A 324 3.80 22.29 33.31
N ASN A 325 3.00 23.25 33.81
CA ASN A 325 2.84 23.45 35.27
C ASN A 325 4.18 23.62 36.07
N TYR A 326 5.11 24.36 35.52
CA TYR A 326 6.34 24.65 36.26
C TYR A 326 6.27 25.87 37.18
N ALA A 327 5.38 26.83 36.90
CA ALA A 327 5.35 28.09 37.64
C ALA A 327 5.06 27.79 39.11
N LEU A 328 4.11 26.89 39.32
CA LEU A 328 3.68 26.50 40.67
C LEU A 328 4.62 25.52 41.31
N ASP A 329 5.67 25.07 40.62
CA ASP A 329 6.50 23.96 41.13
C ASP A 329 7.96 24.26 40.82
N PRO A 330 8.52 25.31 41.46
CA PRO A 330 9.93 25.61 41.29
C PRO A 330 10.84 24.42 41.65
N ASP A 331 10.42 23.60 42.62
CA ASP A 331 11.23 22.47 43.01
C ASP A 331 11.43 21.49 41.81
N GLN A 332 10.35 21.19 41.12
CA GLN A 332 10.39 20.32 39.95
C GLN A 332 11.12 20.96 38.81
N ALA A 333 10.92 22.27 38.61
CA ALA A 333 11.71 23.00 37.58
C ALA A 333 13.23 22.85 37.85
N THR A 334 13.61 22.95 39.12
CA THR A 334 14.96 22.95 39.46
C THR A 334 15.51 21.54 39.22
N LEU A 335 14.74 20.52 39.60
CA LEU A 335 15.17 19.12 39.42
C LEU A 335 15.34 18.79 37.94
N ASP A 336 14.36 19.18 37.11
CA ASP A 336 14.39 18.88 35.67
C ASP A 336 15.55 19.62 35.01
N SER A 337 15.83 20.83 35.51
CA SER A 337 16.86 21.63 34.96
C SER A 337 18.26 21.10 35.25
N LYS A 338 18.41 20.19 36.22
CA LYS A 338 19.74 19.54 36.43
C LYS A 338 20.07 18.54 35.39
N LYS A 339 19.07 18.10 34.62
CA LYS A 339 19.34 17.19 33.50
C LYS A 339 20.03 17.97 32.39
N PRO A 340 20.90 17.29 31.60
CA PRO A 340 21.69 18.02 30.60
C PRO A 340 20.85 18.84 29.65
N ASN A 341 21.23 20.08 29.47
CA ASN A 341 20.79 20.92 28.37
C ASN A 341 19.27 20.99 28.35
N THR A 342 18.72 21.29 29.51
CA THR A 342 17.30 21.33 29.67
C THR A 342 16.83 22.77 29.87
N LEU A 343 15.83 23.13 29.07
CA LEU A 343 15.15 24.46 29.14
C LEU A 343 13.77 24.25 29.72
N ILE A 344 13.27 25.22 30.48
CA ILE A 344 12.02 25.13 31.15
C ILE A 344 11.10 26.22 30.60
N GLY A 345 9.96 25.77 30.08
CA GLY A 345 9.00 26.65 29.52
C GLY A 345 7.87 26.98 30.52
N TYR A 346 7.39 28.20 30.39
CA TYR A 346 6.32 28.72 31.20
C TYR A 346 5.27 29.30 30.27
N GLY A 347 4.08 28.73 30.23
CA GLY A 347 2.99 29.21 29.35
C GLY A 347 2.07 30.22 30.03
N ARG A 348 1.11 29.73 30.81
CA ARG A 348 0.10 30.60 31.41
C ARG A 348 0.74 31.68 32.28
N SER A 349 1.79 31.34 33.00
CA SER A 349 2.48 32.31 33.84
C SER A 349 3.24 33.40 32.99
N PHE A 350 3.67 33.11 31.75
CA PHE A 350 4.22 34.12 30.88
C PHE A 350 3.13 35.04 30.30
N ILE A 351 1.93 34.51 30.11
CA ILE A 351 0.80 35.34 29.67
C ILE A 351 0.63 36.40 30.78
N ALA A 352 0.65 35.99 32.05
CA ALA A 352 0.31 36.87 33.14
C ALA A 352 1.45 37.72 33.67
N ASN A 353 2.71 37.43 33.32
CA ASN A 353 3.86 38.06 33.99
C ASN A 353 4.83 38.53 32.92
N PRO A 354 4.73 39.78 32.55
CA PRO A 354 5.63 40.23 31.46
C PRO A 354 7.11 40.08 31.83
N ASP A 355 7.35 40.24 33.15
CA ASP A 355 8.70 40.17 33.68
C ASP A 355 8.89 38.84 34.43
N LEU A 356 8.41 37.80 33.86
CA LEU A 356 8.52 36.49 34.46
C LEU A 356 9.94 36.04 34.75
N VAL A 357 10.87 36.29 33.82
CA VAL A 357 12.24 35.80 33.98
C VAL A 357 12.86 36.35 35.27
N TYR A 358 12.73 37.63 35.42
CA TYR A 358 13.20 38.32 36.63
C TYR A 358 12.51 37.83 37.88
N ARG A 359 11.19 37.67 37.83
CA ARG A 359 10.45 37.14 39.00
C ARG A 359 10.94 35.73 39.39
N LEU A 360 11.21 34.92 38.40
CA LEU A 360 11.69 33.53 38.62
C LEU A 360 13.07 33.61 39.19
N GLU A 361 13.91 34.45 38.62
CA GLU A 361 15.32 34.55 39.08
C GLU A 361 15.41 34.93 40.56
N LYS A 362 14.58 35.89 40.98
CA LYS A 362 14.56 36.44 42.34
C LYS A 362 13.56 35.81 43.32
N GLY A 363 12.72 34.91 42.86
CA GLY A 363 11.76 34.24 43.74
C GLY A 363 10.64 35.18 44.20
N LEU A 364 10.20 36.01 43.30
CA LEU A 364 9.16 36.94 43.55
C LEU A 364 7.76 36.32 43.28
N PRO A 365 6.72 36.92 43.86
CA PRO A 365 5.36 36.42 43.62
C PRO A 365 4.99 36.61 42.14
N LEU A 366 4.16 35.71 41.63
CA LEU A 366 3.75 35.77 40.25
C LEU A 366 2.32 36.24 40.14
N ASN A 367 2.05 37.11 39.20
CA ASN A 367 0.68 37.47 38.92
C ASN A 367 -0.11 36.21 38.55
N LYS A 368 -1.37 36.15 38.97
CA LYS A 368 -2.29 35.14 38.51
C LYS A 368 -2.81 35.50 37.15
N TYR A 369 -2.91 34.50 36.30
CA TYR A 369 -3.52 34.74 35.02
C TYR A 369 -5.01 34.92 35.05
N ASP A 370 -5.53 35.56 34.01
CA ASP A 370 -6.96 35.76 33.84
C ASP A 370 -7.40 34.95 32.66
N ARG A 371 -7.92 33.76 32.94
CA ARG A 371 -8.38 32.87 31.90
C ARG A 371 -9.40 33.53 30.96
N ASN A 372 -10.20 34.46 31.48
CA ASN A 372 -11.24 35.07 30.67
C ASN A 372 -10.73 35.75 29.43
N THR A 373 -9.47 36.24 29.46
CA THR A 373 -8.94 36.97 28.32
C THR A 373 -7.77 36.27 27.60
N PHE A 374 -7.66 34.95 27.78
CA PHE A 374 -6.68 34.20 27.04
C PHE A 374 -6.87 34.39 25.50
N TYR A 375 -8.13 34.40 25.03
CA TYR A 375 -8.43 34.32 23.63
C TYR A 375 -9.34 35.38 23.09
N THR A 376 -9.61 36.44 23.84
CA THR A 376 -10.45 37.53 23.40
C THR A 376 -9.63 38.49 22.51
N PHE A 377 -10.33 39.17 21.60
CA PHE A 377 -9.69 40.21 20.72
C PHE A 377 -9.69 41.51 21.54
N THR A 378 -8.73 41.62 22.47
CA THR A 378 -8.68 42.69 23.45
C THR A 378 -7.24 42.97 23.85
N LYS A 379 -7.00 44.23 24.10
CA LYS A 379 -5.76 44.67 24.69
C LYS A 379 -5.71 44.20 26.15
N GLU A 380 -6.89 44.17 26.73
CA GLU A 380 -7.10 43.70 28.13
C GLU A 380 -6.76 42.22 28.22
N GLY A 381 -5.96 41.86 29.22
CA GLY A 381 -5.47 40.53 29.34
C GLY A 381 -4.41 40.14 28.36
N TYR A 382 -3.83 41.13 27.68
CA TYR A 382 -2.76 40.90 26.66
C TYR A 382 -1.51 41.68 27.06
N THR A 383 -1.62 43.01 27.07
CA THR A 383 -0.48 43.87 27.40
C THR A 383 -0.64 44.66 28.71
N ASP A 384 -1.68 44.37 29.50
CA ASP A 384 -1.96 45.18 30.70
C ASP A 384 -1.74 44.41 32.01
N TYR A 385 -1.06 43.28 31.94
CA TYR A 385 -0.62 42.64 33.15
C TYR A 385 0.59 43.41 33.68
N PRO A 386 0.58 43.72 35.00
CA PRO A 386 1.68 44.56 35.53
C PRO A 386 3.06 43.87 35.74
N SER A 387 4.12 44.66 35.69
CA SER A 387 5.38 44.23 36.25
C SER A 387 5.25 43.99 37.71
N TYR A 388 6.25 43.34 38.27
CA TYR A 388 6.27 43.11 39.71
C TYR A 388 6.09 44.39 40.52
N GLU A 389 6.91 45.39 40.23
CA GLU A 389 6.89 46.62 41.03
C GLU A 389 5.50 47.26 40.95
N GLU A 390 4.90 47.24 39.78
CA GLU A 390 3.55 47.80 39.60
C GLU A 390 2.51 46.97 40.44
N SER A 391 2.67 45.63 40.47
CA SER A 391 1.75 44.81 41.25
C SER A 391 1.82 45.16 42.73
N VAL A 392 3.02 45.56 43.20
CA VAL A 392 3.23 45.87 44.61
C VAL A 392 2.55 47.21 44.91
N ALA A 393 2.84 48.22 44.09
CA ALA A 393 2.15 49.52 44.16
C ALA A 393 0.62 49.39 44.11
N LYS A 394 0.07 48.37 43.46
CA LYS A 394 -1.35 48.14 43.47
C LYS A 394 -1.82 47.25 44.58
N GLY A 395 -0.94 46.82 45.45
CA GLY A 395 -1.34 46.07 46.63
C GLY A 395 -1.79 44.63 46.36
N TYR A 396 -1.23 43.98 45.35
CA TYR A 396 -1.58 42.60 45.04
C TYR A 396 -1.23 41.72 46.19
N LYS A 397 -2.03 40.66 46.30
CA LYS A 397 -1.92 39.63 47.34
C LYS A 397 -2.27 38.25 46.77
N LYS A 398 -1.83 37.19 47.45
CA LYS A 398 -2.24 35.81 47.06
C LYS A 398 -3.75 35.62 46.89
N GLU A 399 -4.20 35.02 45.78
CA GLU A 399 -5.64 34.73 45.62
C GLU A 399 -6.13 33.73 46.69
N MET B 1 27.63 -21.95 -31.72
CA MET B 1 26.52 -21.61 -32.68
C MET B 1 26.76 -20.24 -33.38
N SER B 2 25.79 -19.31 -33.33
CA SER B 2 25.76 -18.21 -34.28
C SER B 2 24.66 -17.20 -33.86
N TYR B 3 24.46 -16.16 -34.67
CA TYR B 3 23.50 -15.09 -34.42
C TYR B 3 22.20 -15.24 -35.20
N MET B 4 21.13 -14.64 -34.72
CA MET B 4 19.86 -14.71 -35.44
C MET B 4 19.95 -13.89 -36.71
N ASN B 5 19.24 -14.35 -37.74
CA ASN B 5 19.31 -13.65 -38.99
C ASN B 5 18.32 -12.49 -39.01
N PHE B 6 18.73 -11.33 -38.54
CA PHE B 6 17.90 -10.14 -38.75
C PHE B 6 18.84 -8.98 -38.64
N ASP B 7 18.29 -7.77 -38.79
CA ASP B 7 19.07 -6.57 -38.66
C ASP B 7 18.71 -5.88 -37.39
N PRO B 8 19.57 -6.03 -36.38
CA PRO B 8 19.25 -5.49 -35.07
C PRO B 8 19.25 -3.98 -35.13
N LYS B 9 18.37 -3.39 -34.32
CA LYS B 9 18.20 -1.99 -34.15
C LYS B 9 18.38 -1.63 -32.68
N PRO B 10 19.00 -0.51 -32.40
CA PRO B 10 19.23 -0.11 -31.02
C PRO B 10 17.96 0.37 -30.38
N LEU B 11 17.63 -0.11 -29.20
CA LEU B 11 16.40 0.30 -28.56
C LEU B 11 16.54 1.31 -27.41
N GLY B 12 17.77 1.76 -27.17
CA GLY B 12 18.09 2.52 -25.98
C GLY B 12 17.51 3.91 -25.91
N ASP B 13 17.01 4.44 -27.04
CA ASP B 13 16.37 5.78 -27.04
C ASP B 13 14.88 5.64 -27.36
N THR B 14 14.33 4.48 -27.09
CA THR B 14 12.90 4.21 -27.17
C THR B 14 12.39 4.12 -25.74
N ASN B 15 11.07 4.05 -25.62
CA ASN B 15 10.42 3.92 -24.34
C ASN B 15 10.85 2.62 -23.63
N ILE B 16 11.39 1.66 -24.39
CA ILE B 16 11.80 0.36 -23.81
C ILE B 16 12.93 0.58 -22.77
N PHE B 17 13.72 1.65 -22.91
CA PHE B 17 14.67 1.97 -21.86
C PHE B 17 14.34 3.12 -20.95
N LYS B 18 13.05 3.36 -20.74
CA LYS B 18 12.66 4.33 -19.75
C LYS B 18 12.33 3.63 -18.48
N PRO B 19 12.77 4.14 -17.34
CA PRO B 19 12.34 3.41 -16.17
C PRO B 19 10.82 3.41 -15.94
N ILE B 20 10.37 2.45 -15.15
CA ILE B 20 8.94 2.31 -14.87
C ILE B 20 8.80 1.63 -13.49
N LYS B 21 7.74 1.99 -12.77
CA LYS B 21 7.45 1.48 -11.43
C LYS B 21 6.37 0.40 -11.59
N ILE B 22 6.70 -0.81 -11.17
CA ILE B 22 5.84 -1.96 -11.28
C ILE B 22 5.61 -2.48 -9.86
N GLY B 23 4.42 -2.32 -9.30
CA GLY B 23 4.21 -2.71 -7.89
C GLY B 23 5.05 -1.79 -6.97
N ASN B 24 5.89 -2.37 -6.12
CA ASN B 24 6.88 -1.66 -5.27
C ASN B 24 8.24 -1.41 -5.91
N ASN B 25 8.48 -2.04 -7.05
CA ASN B 25 9.79 -2.07 -7.63
C ASN B 25 10.03 -1.05 -8.72
N GLU B 26 11.12 -0.31 -8.55
CA GLU B 26 11.51 0.71 -9.51
C GLU B 26 12.40 0.06 -10.57
N LEU B 27 11.77 -0.36 -11.69
CA LEU B 27 12.53 -0.96 -12.79
C LEU B 27 13.26 0.06 -13.54
N LYS B 28 14.38 -0.34 -14.08
CA LYS B 28 15.28 0.58 -14.69
C LYS B 28 15.13 0.60 -16.23
N HIS B 29 14.29 -0.31 -16.75
CA HIS B 29 14.00 -0.37 -18.17
C HIS B 29 12.84 -1.35 -18.34
N ARG B 30 12.38 -1.58 -19.56
CA ARG B 30 11.16 -2.35 -19.77
C ARG B 30 11.29 -3.68 -20.49
N VAL B 31 12.49 -4.23 -20.43
CA VAL B 31 12.83 -5.46 -21.04
C VAL B 31 12.62 -6.47 -19.96
N VAL B 32 11.75 -7.42 -20.24
CA VAL B 32 11.38 -8.38 -19.23
C VAL B 32 11.71 -9.81 -19.63
N MET B 33 12.17 -10.58 -18.63
CA MET B 33 12.27 -12.06 -18.78
C MET B 33 11.01 -12.73 -18.34
N PRO B 34 10.23 -13.26 -19.31
CA PRO B 34 8.99 -13.92 -18.92
C PRO B 34 9.25 -15.32 -18.39
N ALA B 35 8.20 -15.94 -17.81
CA ALA B 35 8.27 -17.33 -17.41
C ALA B 35 8.73 -18.25 -18.50
N LEU B 36 9.73 -19.05 -18.21
CA LEU B 36 10.21 -19.99 -19.16
C LEU B 36 10.57 -21.31 -18.49
N THR B 37 9.79 -22.35 -18.81
CA THR B 37 10.06 -23.70 -18.32
C THR B 37 11.33 -24.31 -18.93
N ARG B 38 12.17 -24.85 -18.08
CA ARG B 38 13.47 -25.36 -18.49
C ARG B 38 13.77 -26.78 -18.06
N MET B 39 13.00 -27.33 -17.11
CA MET B 39 13.16 -28.70 -16.66
C MET B 39 14.51 -29.07 -16.03
N ARG B 40 15.15 -28.10 -15.34
CA ARG B 40 16.36 -28.39 -14.60
C ARG B 40 16.11 -28.62 -13.10
N ALA B 41 14.87 -28.60 -12.60
CA ALA B 41 14.67 -28.94 -11.19
C ALA B 41 14.91 -30.39 -10.95
N ILE B 42 15.19 -30.68 -9.70
CA ILE B 42 15.61 -31.99 -9.25
C ILE B 42 14.42 -32.78 -8.79
N ALA B 43 14.33 -34.00 -9.30
CA ALA B 43 13.32 -34.94 -8.89
C ALA B 43 14.01 -35.98 -8.04
N PRO B 44 13.33 -36.51 -6.98
CA PRO B 44 11.99 -36.18 -6.61
C PRO B 44 12.05 -34.92 -5.79
N GLY B 45 10.88 -34.43 -5.46
CA GLY B 45 10.82 -33.19 -4.61
C GLY B 45 10.64 -31.88 -5.31
N ASN B 46 10.75 -31.83 -6.66
CA ASN B 46 10.58 -30.61 -7.40
C ASN B 46 11.45 -29.50 -6.88
N ILE B 47 12.72 -29.79 -6.72
CA ILE B 47 13.62 -28.84 -6.03
C ILE B 47 14.36 -28.01 -7.04
N PRO B 48 14.37 -26.67 -6.89
CA PRO B 48 15.17 -25.87 -7.81
C PRO B 48 16.64 -26.35 -7.86
N ASN B 49 17.22 -26.37 -9.05
CA ASN B 49 18.45 -27.10 -9.25
C ASN B 49 19.57 -26.44 -8.57
N THR B 50 20.26 -27.24 -7.77
CA THR B 50 21.26 -26.80 -6.78
C THR B 50 22.66 -26.47 -7.34
N GLU B 51 22.96 -26.95 -8.51
CA GLU B 51 24.22 -26.64 -9.15
C GLU B 51 24.04 -25.50 -10.14
N TRP B 52 22.87 -25.37 -10.78
CA TRP B 52 22.85 -24.63 -12.06
C TRP B 52 21.92 -23.46 -12.11
N ALA B 53 20.80 -23.50 -11.39
CA ALA B 53 19.80 -22.44 -11.55
C ALA B 53 20.21 -21.04 -11.03
N GLU B 54 20.93 -20.99 -9.90
CA GLU B 54 21.39 -19.73 -9.39
C GLU B 54 22.14 -18.95 -10.50
N GLU B 55 23.09 -19.63 -11.14
CA GLU B 55 23.84 -19.04 -12.22
C GLU B 55 22.97 -18.62 -13.43
N TYR B 56 21.99 -19.46 -13.81
CA TYR B 56 21.08 -19.16 -14.95
C TYR B 56 20.37 -17.86 -14.65
N TYR B 57 19.78 -17.74 -13.48
CA TYR B 57 19.10 -16.46 -13.08
C TYR B 57 20.05 -15.29 -12.81
N ARG B 58 21.23 -15.56 -12.24
CA ARG B 58 22.25 -14.49 -12.04
C ARG B 58 22.64 -13.89 -13.38
N GLN B 59 22.86 -14.73 -14.37
CA GLN B 59 23.24 -14.32 -15.69
C GLN B 59 22.18 -13.38 -16.29
N ARG B 60 20.92 -13.79 -16.21
CA ARG B 60 19.89 -13.06 -16.93
C ARG B 60 19.36 -11.80 -16.21
N SER B 61 19.72 -11.65 -14.95
CA SER B 61 19.37 -10.50 -14.17
C SER B 61 20.53 -9.49 -14.05
N GLN B 62 21.57 -9.75 -14.80
CA GLN B 62 22.82 -8.97 -14.69
C GLN B 62 22.65 -7.45 -14.98
N TYR B 63 21.68 -7.06 -15.80
CA TYR B 63 21.45 -5.65 -16.06
C TYR B 63 20.58 -5.16 -14.92
N PRO B 64 21.06 -4.21 -14.10
CA PRO B 64 20.31 -3.80 -12.91
C PRO B 64 18.94 -3.25 -13.24
N GLY B 65 17.96 -3.55 -12.38
CA GLY B 65 16.62 -3.03 -12.49
C GLY B 65 15.75 -3.77 -13.49
N THR B 66 16.19 -4.98 -13.87
CA THR B 66 15.42 -5.90 -14.73
C THR B 66 14.37 -6.68 -13.95
N LEU B 67 13.19 -6.80 -14.55
CA LEU B 67 12.14 -7.71 -13.99
C LEU B 67 12.35 -9.10 -14.57
N ILE B 68 12.55 -10.03 -13.67
CA ILE B 68 12.66 -11.46 -13.97
C ILE B 68 11.41 -12.16 -13.46
N ILE B 69 10.72 -12.86 -14.35
CA ILE B 69 9.63 -13.80 -13.95
C ILE B 69 10.23 -15.23 -14.05
N THR B 70 10.16 -15.97 -12.96
CA THR B 70 10.64 -17.32 -12.96
C THR B 70 9.88 -18.24 -13.93
N GLU B 71 10.51 -19.34 -14.25
CA GLU B 71 9.81 -20.51 -14.72
C GLU B 71 8.57 -20.79 -13.94
N GLY B 72 7.59 -21.40 -14.61
CA GLY B 72 6.43 -21.82 -13.94
C GLY B 72 6.82 -22.72 -12.78
N THR B 73 6.16 -22.52 -11.65
CA THR B 73 6.55 -23.12 -10.39
C THR B 73 5.23 -23.62 -9.72
N PHE B 74 5.21 -24.87 -9.26
CA PHE B 74 3.96 -25.52 -8.82
C PHE B 74 3.68 -25.06 -7.38
N PRO B 75 2.46 -24.57 -7.09
CA PRO B 75 2.21 -24.18 -5.68
C PRO B 75 1.92 -25.30 -4.73
N SER B 76 1.73 -26.50 -5.27
CA SER B 76 1.45 -27.70 -4.43
C SER B 76 1.74 -28.93 -5.32
N ALA B 77 1.86 -30.08 -4.70
CA ALA B 77 2.13 -31.31 -5.43
C ALA B 77 0.97 -31.63 -6.39
N GLN B 78 -0.28 -31.33 -5.97
CA GLN B 78 -1.46 -31.69 -6.79
C GLN B 78 -1.51 -30.78 -8.01
N SER B 79 -0.84 -29.61 -7.92
CA SER B 79 -0.78 -28.70 -9.05
C SER B 79 0.11 -29.16 -10.18
N GLY B 80 0.95 -30.13 -9.88
CA GLY B 80 2.11 -30.45 -10.74
C GLY B 80 1.87 -31.69 -11.60
N GLY B 81 2.93 -32.48 -11.77
CA GLY B 81 2.92 -33.68 -12.61
C GLY B 81 3.96 -33.64 -13.76
N TYR B 82 4.90 -32.71 -13.67
CA TYR B 82 6.14 -32.77 -14.47
C TYR B 82 7.23 -32.84 -13.45
N PRO B 83 8.02 -33.90 -13.37
CA PRO B 83 8.90 -34.09 -12.22
C PRO B 83 10.04 -33.08 -12.12
N ASN B 84 10.48 -32.49 -13.25
CA ASN B 84 11.66 -31.61 -13.19
C ASN B 84 11.33 -30.10 -13.33
N VAL B 85 10.09 -29.76 -12.93
CA VAL B 85 9.62 -28.42 -12.75
C VAL B 85 9.70 -28.15 -11.24
N PRO B 86 10.14 -26.93 -10.84
CA PRO B 86 10.18 -26.69 -9.39
C PRO B 86 8.82 -26.42 -8.74
N GLY B 87 8.76 -26.67 -7.44
CA GLY B 87 7.61 -26.24 -6.65
C GLY B 87 8.06 -25.19 -5.62
N ILE B 88 7.11 -24.58 -4.89
CA ILE B 88 7.51 -23.59 -3.89
C ILE B 88 6.69 -23.73 -2.61
N TRP B 89 6.25 -24.96 -2.33
CA TRP B 89 5.53 -25.23 -1.05
C TRP B 89 6.46 -25.76 0.03
N SER B 90 7.55 -26.43 -0.32
CA SER B 90 8.25 -27.26 0.64
C SER B 90 9.49 -26.62 1.20
N LYS B 91 9.99 -27.08 2.40
CA LYS B 91 11.17 -26.44 2.97
C LYS B 91 12.42 -26.57 2.08
N GLU B 92 12.55 -27.71 1.41
CA GLU B 92 13.74 -27.95 0.63
C GLU B 92 13.69 -27.10 -0.63
N GLN B 93 12.48 -26.94 -1.17
CA GLN B 93 12.30 -26.02 -2.30
C GLN B 93 12.68 -24.59 -1.93
N LEU B 94 12.14 -24.14 -0.81
CA LEU B 94 12.31 -22.72 -0.45
C LEU B 94 13.75 -22.38 -0.11
N ALA B 95 14.51 -23.36 0.35
CA ALA B 95 15.89 -23.16 0.67
C ALA B 95 16.69 -22.82 -0.57
N GLU B 96 16.34 -23.46 -1.67
CA GLU B 96 17.01 -23.21 -2.91
C GLU B 96 16.52 -21.93 -3.54
N TRP B 97 15.22 -21.69 -3.50
CA TRP B 97 14.68 -20.48 -4.05
C TRP B 97 15.33 -19.23 -3.44
N LYS B 98 15.53 -19.26 -2.12
CA LYS B 98 16.12 -18.13 -1.45
C LYS B 98 17.46 -17.76 -2.05
N LYS B 99 18.27 -18.77 -2.38
CA LYS B 99 19.62 -18.57 -2.91
C LYS B 99 19.51 -17.96 -4.31
N ILE B 100 18.52 -18.46 -5.05
CA ILE B 100 18.26 -17.91 -6.40
C ILE B 100 17.85 -16.44 -6.33
N PHE B 101 16.93 -16.12 -5.43
CA PHE B 101 16.41 -14.76 -5.35
C PHE B 101 17.53 -13.85 -4.88
N ASN B 102 18.31 -14.34 -3.93
CA ASN B 102 19.46 -13.57 -3.45
C ASN B 102 20.43 -13.14 -4.59
N ALA B 103 20.72 -14.05 -5.52
CA ALA B 103 21.50 -13.74 -6.70
C ALA B 103 20.92 -12.63 -7.56
N ILE B 104 19.62 -12.73 -7.86
CA ILE B 104 18.93 -11.69 -8.62
C ILE B 104 19.01 -10.34 -7.86
N HIS B 105 18.88 -10.42 -6.54
CA HIS B 105 18.89 -9.21 -5.71
C HIS B 105 20.28 -8.61 -5.63
N GLU B 106 21.29 -9.47 -5.70
CA GLU B 106 22.69 -9.00 -5.76
C GLU B 106 22.94 -8.15 -6.98
N ASN B 107 22.23 -8.47 -8.07
CA ASN B 107 22.30 -7.71 -9.32
C ASN B 107 21.40 -6.50 -9.31
N LYS B 108 20.68 -6.23 -8.21
CA LYS B 108 19.72 -5.13 -8.13
C LYS B 108 18.65 -5.20 -9.19
N SER B 109 18.21 -6.43 -9.38
CA SER B 109 17.11 -6.75 -10.23
C SER B 109 16.01 -7.33 -9.36
N PHE B 110 14.92 -7.77 -9.98
CA PHE B 110 13.72 -8.08 -9.27
C PHE B 110 13.17 -9.42 -9.78
N VAL B 111 12.51 -10.14 -8.91
CA VAL B 111 12.05 -11.48 -9.30
C VAL B 111 10.63 -11.78 -8.89
N TRP B 112 9.81 -12.22 -9.85
CA TRP B 112 8.41 -12.58 -9.58
C TRP B 112 8.22 -14.09 -9.84
N VAL B 113 7.66 -14.84 -8.87
CA VAL B 113 7.43 -16.26 -9.11
C VAL B 113 6.11 -16.51 -9.80
N GLN B 114 6.19 -17.19 -10.92
CA GLN B 114 4.97 -17.63 -11.65
C GLN B 114 4.47 -18.94 -11.01
N LEU B 115 3.28 -18.83 -10.46
CA LEU B 115 2.55 -19.95 -9.85
C LEU B 115 1.71 -20.65 -10.92
N TRP B 116 2.05 -21.92 -11.18
CA TRP B 116 1.61 -22.67 -12.34
C TRP B 116 0.87 -23.89 -11.90
N VAL B 117 -0.37 -24.04 -12.36
CA VAL B 117 -1.20 -25.19 -12.03
C VAL B 117 -1.65 -25.82 -13.31
N LEU B 118 -1.29 -27.08 -13.52
CA LEU B 118 -1.30 -27.67 -14.85
C LEU B 118 -2.67 -28.12 -15.32
N GLY B 119 -3.51 -28.63 -14.42
CA GLY B 119 -4.75 -29.26 -14.86
C GLY B 119 -4.49 -30.34 -15.90
N ARG B 120 -5.31 -30.37 -17.00
CA ARG B 120 -5.27 -31.50 -17.94
C ARG B 120 -3.95 -31.59 -18.78
N GLN B 121 -3.06 -30.62 -18.69
CA GLN B 121 -1.76 -30.71 -19.39
C GLN B 121 -0.75 -31.61 -18.68
N ALA B 122 -1.05 -31.95 -17.41
CA ALA B 122 -0.26 -32.84 -16.58
C ALA B 122 -0.09 -34.25 -17.14
N TRP B 123 0.93 -34.99 -16.68
CA TRP B 123 1.18 -36.39 -17.07
C TRP B 123 0.53 -37.36 -16.08
N PRO B 124 -0.59 -38.01 -16.50
CA PRO B 124 -1.37 -38.71 -15.48
C PRO B 124 -0.76 -39.90 -14.85
N GLU B 125 0.20 -40.52 -15.51
CA GLU B 125 0.95 -41.62 -14.87
C GLU B 125 1.96 -41.19 -13.81
N VAL B 126 2.53 -40.01 -13.99
CA VAL B 126 3.37 -39.36 -13.00
C VAL B 126 2.52 -39.02 -11.78
N LEU B 127 1.37 -38.39 -12.01
CA LEU B 127 0.46 -38.07 -10.92
C LEU B 127 -0.03 -39.31 -10.13
N LYS B 128 -0.39 -40.34 -10.87
CA LYS B 128 -0.84 -41.61 -10.31
C LYS B 128 0.18 -42.22 -9.35
N LYS B 129 1.45 -42.21 -9.73
CA LYS B 129 2.51 -42.78 -8.91
C LYS B 129 2.57 -42.10 -7.50
N GLU B 130 2.17 -40.83 -7.40
CA GLU B 130 2.09 -40.06 -6.18
C GLU B 130 0.74 -40.01 -5.51
N GLY B 131 -0.22 -40.78 -5.99
CA GLY B 131 -1.53 -40.76 -5.39
C GLY B 131 -2.33 -39.50 -5.63
N LEU B 132 -2.09 -38.83 -6.76
CA LEU B 132 -2.70 -37.57 -7.08
C LEU B 132 -3.66 -37.69 -8.29
N ARG B 133 -4.67 -36.84 -8.30
CA ARG B 133 -5.66 -36.83 -9.34
C ARG B 133 -5.08 -36.17 -10.59
N TYR B 134 -5.75 -36.46 -11.68
CA TYR B 134 -5.60 -35.78 -12.94
C TYR B 134 -6.80 -34.86 -13.14
N ASP B 135 -6.55 -33.53 -12.97
CA ASP B 135 -7.62 -32.56 -12.83
C ASP B 135 -7.92 -31.66 -14.06
N SER B 136 -9.18 -31.22 -14.18
CA SER B 136 -9.55 -30.17 -15.13
C SER B 136 -10.87 -29.57 -14.73
N ALA B 137 -11.47 -28.76 -15.60
CA ALA B 137 -12.73 -28.17 -15.33
C ALA B 137 -13.89 -29.21 -15.45
N THR B 138 -13.65 -30.21 -16.29
CA THR B 138 -14.60 -31.26 -16.65
C THR B 138 -14.01 -32.67 -16.59
N ASP B 139 -14.88 -33.67 -16.42
CA ASP B 139 -14.44 -35.07 -16.66
C ASP B 139 -14.19 -35.39 -18.12
N ASP B 140 -14.87 -34.71 -19.03
CA ASP B 140 -15.03 -35.23 -20.40
C ASP B 140 -14.37 -34.53 -21.48
N LEU B 141 -13.92 -33.30 -21.26
CA LEU B 141 -13.34 -32.54 -22.35
C LEU B 141 -11.83 -32.67 -22.24
N TYR B 142 -11.29 -33.65 -22.93
CA TYR B 142 -9.85 -33.97 -22.96
C TYR B 142 -9.15 -33.11 -23.98
N MET B 143 -7.83 -32.92 -23.84
CA MET B 143 -7.01 -32.18 -24.79
C MET B 143 -6.89 -32.82 -26.15
N GLY B 144 -7.11 -34.15 -26.19
CA GLY B 144 -6.82 -34.98 -27.35
C GLY B 144 -7.06 -36.46 -26.99
N GLU B 145 -7.23 -37.27 -28.01
CA GLU B 145 -7.36 -38.74 -27.81
C GLU B 145 -6.10 -39.39 -27.18
N GLU B 146 -4.91 -38.90 -27.53
CA GLU B 146 -3.69 -39.44 -26.95
C GLU B 146 -3.55 -39.17 -25.47
N GLU B 147 -3.99 -37.99 -25.05
CA GLU B 147 -3.96 -37.65 -23.67
C GLU B 147 -4.99 -38.50 -22.91
N LYS B 148 -6.17 -38.74 -23.54
CA LYS B 148 -7.16 -39.61 -22.90
C LYS B 148 -6.62 -41.05 -22.72
N GLU B 149 -6.05 -41.59 -23.77
CA GLU B 149 -5.42 -42.93 -23.69
C GLU B 149 -4.33 -43.02 -22.63
N ARG B 150 -3.46 -42.00 -22.57
CA ARG B 150 -2.51 -41.88 -21.48
C ARG B 150 -3.12 -41.91 -20.06
N ALA B 151 -4.24 -41.19 -19.86
CA ALA B 151 -4.90 -41.15 -18.56
C ALA B 151 -5.53 -42.52 -18.19
N LEU B 152 -6.16 -43.12 -19.14
CA LEU B 152 -6.84 -44.39 -18.84
C LEU B 152 -5.87 -45.53 -18.70
N LYS B 153 -4.79 -45.54 -19.46
CA LYS B 153 -3.73 -46.52 -19.24
C LYS B 153 -3.19 -46.40 -17.81
N ALA B 154 -3.17 -45.20 -17.24
CA ALA B 154 -2.70 -44.96 -15.89
C ALA B 154 -3.73 -45.18 -14.81
N ASN B 155 -4.93 -45.56 -15.21
CA ASN B 155 -6.07 -45.63 -14.32
C ASN B 155 -6.18 -44.31 -13.52
N ASN B 156 -5.96 -43.17 -14.21
CA ASN B 156 -6.12 -41.87 -13.63
C ASN B 156 -6.96 -40.96 -14.52
N PRO B 157 -8.25 -41.26 -14.67
CA PRO B 157 -9.08 -40.47 -15.60
C PRO B 157 -9.19 -39.00 -15.21
N GLN B 158 -9.32 -38.15 -16.20
CA GLN B 158 -9.58 -36.73 -15.98
C GLN B 158 -10.77 -36.54 -15.08
N HIS B 159 -10.65 -35.58 -14.20
CA HIS B 159 -11.59 -35.38 -13.15
C HIS B 159 -11.99 -33.92 -13.13
N GLY B 160 -13.28 -33.64 -13.30
CA GLY B 160 -13.81 -32.27 -13.22
C GLY B 160 -13.86 -31.91 -11.75
N ILE B 161 -13.05 -30.96 -11.35
CA ILE B 161 -12.89 -30.69 -9.91
C ILE B 161 -14.15 -30.10 -9.30
N THR B 162 -14.36 -30.44 -8.04
CA THR B 162 -15.50 -29.95 -7.25
C THR B 162 -15.23 -28.58 -6.70
N LYS B 163 -16.26 -27.95 -6.20
CA LYS B 163 -16.08 -26.67 -5.58
C LYS B 163 -15.13 -26.70 -4.43
N GLU B 164 -15.18 -27.78 -3.67
CA GLU B 164 -14.29 -27.93 -2.54
C GLU B 164 -12.83 -28.02 -3.00
N GLU B 165 -12.59 -28.70 -4.10
CA GLU B 165 -11.23 -28.84 -4.62
C GLU B 165 -10.71 -27.56 -5.27
N ILE B 166 -11.64 -26.76 -5.82
CA ILE B 166 -11.34 -25.41 -6.28
C ILE B 166 -10.81 -24.60 -5.10
N LYS B 167 -11.51 -24.63 -3.98
CA LYS B 167 -11.07 -23.88 -2.80
C LYS B 167 -9.75 -24.40 -2.30
N GLN B 168 -9.53 -25.70 -2.34
CA GLN B 168 -8.23 -26.23 -1.95
C GLN B 168 -7.12 -25.70 -2.88
N TYR B 169 -7.36 -25.60 -4.19
CA TYR B 169 -6.35 -24.98 -5.04
C TYR B 169 -6.07 -23.51 -4.67
N ILE B 170 -7.16 -22.77 -4.38
CA ILE B 170 -7.05 -21.41 -3.95
C ILE B 170 -6.14 -21.32 -2.74
N LYS B 171 -6.40 -22.18 -1.76
CA LYS B 171 -5.63 -22.25 -0.55
C LYS B 171 -4.13 -22.49 -0.82
N GLU B 172 -3.87 -23.27 -1.86
CA GLU B 172 -2.50 -23.56 -2.25
C GLU B 172 -1.90 -22.41 -2.97
N TYR B 173 -2.64 -21.69 -3.81
CA TYR B 173 -2.08 -20.45 -4.37
C TYR B 173 -1.67 -19.45 -3.27
N VAL B 174 -2.53 -19.32 -2.26
CA VAL B 174 -2.24 -18.44 -1.13
C VAL B 174 -0.98 -18.86 -0.35
N ASP B 175 -0.94 -20.14 0.03
CA ASP B 175 0.16 -20.71 0.79
C ASP B 175 1.49 -20.49 0.05
N ALA B 176 1.53 -20.78 -1.24
CA ALA B 176 2.72 -20.63 -2.09
C ALA B 176 3.13 -19.16 -2.23
N ALA B 177 2.13 -18.29 -2.36
CA ALA B 177 2.43 -16.88 -2.59
C ALA B 177 3.16 -16.33 -1.35
N LYS B 178 2.66 -16.67 -0.18
CA LYS B 178 3.25 -16.17 1.11
C LYS B 178 4.69 -16.69 1.26
N LYS B 179 4.84 -17.98 0.99
CA LYS B 179 6.14 -18.62 1.03
C LYS B 179 7.11 -18.02 0.03
N ALA B 180 6.65 -17.76 -1.18
CA ALA B 180 7.53 -17.22 -2.22
C ALA B 180 8.10 -15.86 -1.76
N ILE B 181 7.21 -15.02 -1.26
CA ILE B 181 7.56 -13.65 -0.93
C ILE B 181 8.49 -13.70 0.30
N ASP B 182 8.16 -14.56 1.26
CA ASP B 182 9.06 -14.76 2.40
C ASP B 182 10.47 -15.25 2.07
N ALA B 183 10.63 -15.98 1.00
CA ALA B 183 11.92 -16.46 0.55
C ALA B 183 12.65 -15.40 -0.18
N GLY B 184 11.94 -14.32 -0.52
CA GLY B 184 12.57 -13.14 -1.10
C GLY B 184 11.96 -12.65 -2.40
N ALA B 185 10.91 -13.30 -2.88
CA ALA B 185 10.34 -12.84 -4.11
C ALA B 185 9.69 -11.51 -3.94
N ASP B 186 9.78 -10.73 -5.01
CA ASP B 186 9.25 -9.40 -5.06
C ASP B 186 7.77 -9.39 -5.38
N GLY B 187 7.31 -10.46 -6.02
CA GLY B 187 5.87 -10.63 -6.24
C GLY B 187 5.61 -12.05 -6.81
N VAL B 188 4.35 -12.36 -7.04
CA VAL B 188 3.96 -13.60 -7.72
C VAL B 188 3.08 -13.30 -8.92
N GLN B 189 3.17 -14.17 -9.93
CA GLN B 189 2.30 -14.08 -11.07
C GLN B 189 1.40 -15.34 -11.11
N ILE B 190 0.12 -15.07 -11.13
CA ILE B 190 -0.87 -16.08 -11.42
C ILE B 190 -0.88 -16.49 -12.89
N HIS B 191 -0.51 -17.76 -13.15
CA HIS B 191 -0.56 -18.27 -14.48
C HIS B 191 -1.96 -18.64 -14.87
N SER B 192 -2.60 -17.81 -15.72
CA SER B 192 -3.95 -18.08 -16.18
C SER B 192 -4.09 -18.18 -17.74
N ALA B 193 -3.01 -18.65 -18.36
CA ALA B 193 -2.76 -18.66 -19.78
C ALA B 193 -2.33 -20.05 -20.23
N ASN B 194 -2.10 -20.13 -21.52
CA ASN B 194 -1.43 -21.22 -22.20
C ASN B 194 -2.08 -22.62 -22.00
N GLY B 195 -3.37 -22.59 -21.74
CA GLY B 195 -4.18 -23.84 -21.64
C GLY B 195 -3.94 -24.65 -20.39
N TYR B 196 -3.39 -23.98 -19.35
CA TYR B 196 -3.33 -24.59 -18.03
C TYR B 196 -4.63 -24.49 -17.20
N LEU B 197 -4.64 -24.95 -15.94
CA LEU B 197 -5.90 -25.17 -15.26
C LEU B 197 -6.87 -23.97 -15.31
N LEU B 198 -6.39 -22.74 -15.00
CA LEU B 198 -7.27 -21.61 -14.96
C LEU B 198 -7.80 -21.28 -16.34
N ASN B 199 -6.94 -21.42 -17.34
CA ASN B 199 -7.32 -21.22 -18.73
C ASN B 199 -8.34 -22.25 -19.15
N GLN B 200 -8.19 -23.48 -18.68
CA GLN B 200 -9.18 -24.52 -18.90
C GLN B 200 -10.60 -24.14 -18.42
N PHE B 201 -10.71 -23.37 -17.33
CA PHE B 201 -11.95 -22.79 -16.86
C PHE B 201 -12.36 -21.58 -17.66
N LEU B 202 -11.43 -20.67 -18.03
CA LEU B 202 -11.80 -19.52 -18.84
C LEU B 202 -12.39 -19.81 -20.24
N ASP B 203 -11.95 -20.90 -20.89
CA ASP B 203 -12.26 -21.16 -22.30
C ASP B 203 -13.46 -22.15 -22.40
N PRO B 204 -14.52 -21.76 -23.11
CA PRO B 204 -15.63 -22.73 -23.24
C PRO B 204 -15.26 -24.04 -23.92
N ILE B 205 -14.19 -24.05 -24.70
CA ILE B 205 -13.75 -25.29 -25.37
C ILE B 205 -13.45 -26.41 -24.36
N SER B 206 -13.07 -26.02 -23.14
CA SER B 206 -12.64 -26.95 -22.10
C SER B 206 -13.47 -26.84 -20.81
N ASN B 207 -14.55 -26.06 -20.86
CA ASN B 207 -15.42 -25.88 -19.73
C ASN B 207 -16.87 -25.75 -20.17
N ASN B 208 -17.60 -26.85 -20.11
CA ASN B 208 -19.05 -26.79 -20.28
C ASN B 208 -19.78 -27.02 -18.96
N ARG B 209 -19.18 -26.63 -17.86
CA ARG B 209 -19.80 -26.85 -16.54
C ARG B 209 -21.15 -26.12 -16.44
N THR B 210 -22.06 -26.75 -15.72
CA THR B 210 -23.40 -26.21 -15.49
C THR B 210 -23.56 -25.62 -14.07
N ASP B 211 -22.48 -25.58 -13.27
CA ASP B 211 -22.49 -24.89 -11.98
C ASP B 211 -22.01 -23.47 -12.20
N GLU B 212 -21.72 -22.81 -11.12
CA GLU B 212 -21.35 -21.40 -11.13
C GLU B 212 -19.96 -21.15 -11.66
N TYR B 213 -19.24 -22.22 -12.02
CA TYR B 213 -17.95 -22.11 -12.63
C TYR B 213 -17.98 -22.28 -14.14
N GLY B 214 -19.18 -22.47 -14.72
CA GLY B 214 -19.33 -22.60 -16.16
C GLY B 214 -20.63 -22.03 -16.70
N GLY B 215 -20.72 -21.90 -18.02
CA GLY B 215 -21.95 -21.56 -18.73
C GLY B 215 -22.19 -20.10 -19.09
N SER B 216 -21.25 -19.24 -18.76
CA SER B 216 -21.31 -17.80 -19.01
C SER B 216 -19.93 -17.21 -18.80
N ILE B 217 -19.71 -16.01 -19.35
CA ILE B 217 -18.47 -15.27 -19.16
C ILE B 217 -18.12 -15.09 -17.68
N GLU B 218 -19.08 -14.64 -16.90
CA GLU B 218 -18.88 -14.39 -15.47
C GLU B 218 -18.53 -15.66 -14.70
N ASN B 219 -19.18 -16.79 -15.05
CA ASN B 219 -18.90 -18.03 -14.36
C ASN B 219 -17.58 -18.61 -14.76
N ARG B 220 -17.23 -18.56 -16.04
CA ARG B 220 -15.94 -19.06 -16.52
C ARG B 220 -14.75 -18.27 -15.89
N ALA B 221 -15.00 -17.03 -15.51
CA ALA B 221 -13.94 -16.20 -14.94
C ALA B 221 -13.85 -16.38 -13.44
N ARG B 222 -14.80 -17.05 -12.85
CA ARG B 222 -14.94 -17.07 -11.40
C ARG B 222 -13.70 -17.63 -10.66
N PHE B 223 -13.18 -18.77 -11.11
CA PHE B 223 -12.00 -19.41 -10.45
C PHE B 223 -10.81 -18.45 -10.53
N THR B 224 -10.53 -17.89 -11.72
CA THR B 224 -9.43 -17.00 -11.87
C THR B 224 -9.57 -15.80 -10.96
N LEU B 225 -10.74 -15.19 -10.90
CA LEU B 225 -10.93 -14.02 -10.07
C LEU B 225 -10.90 -14.39 -8.56
N GLU B 226 -11.39 -15.57 -8.22
CA GLU B 226 -11.24 -16.02 -6.81
C GLU B 226 -9.76 -16.13 -6.39
N VAL B 227 -8.94 -16.68 -7.28
CA VAL B 227 -7.49 -16.83 -7.01
C VAL B 227 -6.87 -15.47 -6.88
N VAL B 228 -7.19 -14.57 -7.83
CA VAL B 228 -6.70 -13.20 -7.75
C VAL B 228 -7.07 -12.59 -6.39
N ASP B 229 -8.33 -12.69 -6.00
CA ASP B 229 -8.74 -12.01 -4.77
C ASP B 229 -8.00 -12.60 -3.56
N ALA B 230 -7.85 -13.92 -3.53
CA ALA B 230 -7.21 -14.58 -2.39
C ALA B 230 -5.72 -14.21 -2.26
N VAL B 231 -5.01 -14.18 -3.37
CA VAL B 231 -3.60 -13.83 -3.39
C VAL B 231 -3.39 -12.39 -3.01
N VAL B 232 -4.24 -11.51 -3.54
CA VAL B 232 -4.18 -10.11 -3.26
C VAL B 232 -4.33 -9.90 -1.76
N ASP B 233 -5.25 -10.64 -1.16
CA ASP B 233 -5.46 -10.43 0.24
C ASP B 233 -4.29 -10.95 1.05
N ALA B 234 -3.63 -12.00 0.60
CA ALA B 234 -2.48 -12.59 1.33
C ALA B 234 -1.21 -11.76 1.19
N VAL B 235 -0.93 -11.25 0.00
CA VAL B 235 0.36 -10.52 -0.20
C VAL B 235 0.31 -9.12 -0.72
N GLY B 236 -0.89 -8.65 -1.05
CA GLY B 236 -1.14 -7.30 -1.55
C GLY B 236 -1.14 -7.24 -3.07
N ALA B 237 -2.01 -6.39 -3.62
CA ALA B 237 -2.13 -6.30 -5.05
C ALA B 237 -0.80 -5.88 -5.69
N GLU B 238 -0.02 -5.04 -4.99
CA GLU B 238 1.28 -4.60 -5.53
C GLU B 238 2.35 -5.72 -5.74
N ARG B 239 2.13 -6.86 -5.12
CA ARG B 239 2.96 -8.07 -5.29
C ARG B 239 2.25 -9.23 -6.01
N THR B 240 1.20 -8.88 -6.72
CA THR B 240 0.39 -9.80 -7.49
C THR B 240 0.30 -9.37 -8.95
N SER B 241 0.43 -10.34 -9.84
CA SER B 241 0.23 -10.16 -11.25
C SER B 241 -0.43 -11.38 -11.88
N ILE B 242 -0.77 -11.30 -13.16
CA ILE B 242 -1.50 -12.41 -13.85
C ILE B 242 -1.11 -12.43 -15.31
N ARG B 243 -1.18 -13.61 -15.91
CA ARG B 243 -0.90 -13.83 -17.28
C ARG B 243 -2.10 -14.42 -17.97
N PHE B 244 -2.36 -13.90 -19.15
CA PHE B 244 -3.41 -14.40 -20.04
C PHE B 244 -2.85 -14.60 -21.46
N SER B 245 -3.53 -15.42 -22.28
CA SER B 245 -3.16 -15.65 -23.67
C SER B 245 -4.39 -15.74 -24.52
N PRO B 246 -5.06 -14.59 -24.70
CA PRO B 246 -6.38 -14.63 -25.34
C PRO B 246 -6.40 -15.33 -26.71
N TYR B 247 -5.28 -15.27 -27.46
CA TYR B 247 -5.23 -15.79 -28.82
C TYR B 247 -4.54 -17.15 -28.93
N GLY B 248 -4.21 -17.71 -27.78
CA GLY B 248 -3.50 -18.96 -27.74
C GLY B 248 -4.35 -20.13 -28.20
N THR B 249 -3.75 -21.06 -28.95
CA THR B 249 -4.37 -22.36 -29.19
C THR B 249 -3.62 -23.56 -28.52
N PHE B 250 -2.42 -23.31 -28.01
CA PHE B 250 -1.64 -24.32 -27.28
C PHE B 250 -2.44 -24.86 -26.11
N GLY B 251 -2.38 -26.20 -25.94
CA GLY B 251 -3.23 -26.86 -24.97
C GLY B 251 -4.69 -27.10 -25.35
N THR B 252 -4.96 -27.04 -26.64
CA THR B 252 -6.30 -27.20 -27.21
C THR B 252 -7.25 -26.17 -26.67
N MET B 253 -6.79 -24.91 -26.71
CA MET B 253 -7.61 -23.78 -26.39
C MET B 253 -8.19 -23.16 -27.70
N SER B 254 -9.18 -22.30 -27.53
CA SER B 254 -10.00 -21.81 -28.68
C SER B 254 -9.22 -20.90 -29.60
N GLY B 255 -8.51 -19.96 -29.01
CA GLY B 255 -7.90 -18.88 -29.78
C GLY B 255 -8.94 -17.99 -30.47
N GLY B 256 -8.47 -17.19 -31.41
CA GLY B 256 -9.31 -16.18 -32.04
C GLY B 256 -10.37 -16.67 -33.01
N GLU B 257 -10.40 -17.95 -33.34
CA GLU B 257 -11.43 -18.50 -34.24
C GLU B 257 -12.78 -18.61 -33.56
N ASN B 258 -12.81 -18.60 -32.22
CA ASN B 258 -14.06 -18.40 -31.52
C ASN B 258 -14.28 -16.87 -31.30
N PRO B 259 -15.29 -16.27 -31.96
CA PRO B 259 -15.43 -14.82 -31.86
C PRO B 259 -15.81 -14.26 -30.47
N GLY B 260 -16.05 -15.16 -29.50
CA GLY B 260 -16.44 -14.78 -28.15
C GLY B 260 -15.29 -14.70 -27.18
N ILE B 261 -14.10 -15.05 -27.63
CA ILE B 261 -12.96 -15.11 -26.75
C ILE B 261 -12.52 -13.71 -26.26
N VAL B 262 -12.58 -12.69 -27.12
CA VAL B 262 -12.16 -11.34 -26.69
C VAL B 262 -13.06 -10.85 -25.55
N ALA B 263 -14.39 -11.10 -25.64
CA ALA B 263 -15.31 -10.61 -24.63
C ALA B 263 -14.90 -11.30 -23.25
N GLN B 264 -14.48 -12.55 -23.30
CA GLN B 264 -14.11 -13.27 -22.07
C GLN B 264 -12.98 -12.58 -21.32
N TYR B 265 -11.96 -12.15 -22.06
CA TYR B 265 -10.81 -11.42 -21.50
C TYR B 265 -11.11 -9.96 -21.15
N ALA B 266 -11.90 -9.31 -21.99
CA ALA B 266 -12.41 -7.99 -21.63
C ALA B 266 -13.13 -7.94 -20.30
N TYR B 267 -13.94 -8.93 -20.07
CA TYR B 267 -14.66 -9.06 -18.80
C TYR B 267 -13.70 -9.23 -17.60
N VAL B 268 -12.76 -10.17 -17.71
CA VAL B 268 -11.85 -10.42 -16.64
C VAL B 268 -10.98 -9.23 -16.42
N ILE B 269 -10.43 -8.65 -17.48
CA ILE B 269 -9.58 -7.46 -17.30
C ILE B 269 -10.39 -6.26 -16.73
N GLY B 270 -11.65 -6.07 -17.15
CA GLY B 270 -12.50 -5.03 -16.62
C GLY B 270 -12.68 -5.21 -15.12
N GLU B 271 -12.90 -6.47 -14.71
CA GLU B 271 -13.04 -6.76 -13.28
C GLU B 271 -11.76 -6.47 -12.49
N LEU B 272 -10.61 -6.69 -13.11
CA LEU B 272 -9.34 -6.27 -12.50
C LEU B 272 -9.21 -4.76 -12.39
N GLU B 273 -9.65 -4.05 -13.43
CA GLU B 273 -9.59 -2.60 -13.41
C GLU B 273 -10.57 -2.06 -12.38
N LYS B 274 -11.72 -2.73 -12.22
CA LYS B 274 -12.65 -2.31 -11.19
C LYS B 274 -12.04 -2.42 -9.79
N ARG B 275 -11.34 -3.52 -9.52
CA ARG B 275 -10.61 -3.71 -8.23
C ARG B 275 -9.54 -2.64 -8.07
N ALA B 276 -8.86 -2.28 -9.16
CA ALA B 276 -7.78 -1.27 -9.13
C ALA B 276 -8.34 0.09 -8.75
N ARG B 277 -9.49 0.44 -9.31
CA ARG B 277 -10.07 1.76 -9.08
C ARG B 277 -10.51 1.82 -7.66
N ALA B 278 -10.87 0.69 -7.09
CA ALA B 278 -11.30 0.63 -5.68
C ALA B 278 -10.15 0.43 -4.69
N GLY B 279 -8.92 0.43 -5.15
CA GLY B 279 -7.76 0.54 -4.24
C GLY B 279 -6.80 -0.62 -4.23
N LYS B 280 -6.98 -1.59 -5.13
CA LYS B 280 -6.15 -2.77 -5.18
C LYS B 280 -5.75 -3.12 -6.59
N ARG B 281 -4.82 -2.38 -7.15
CA ARG B 281 -4.38 -2.58 -8.52
C ARG B 281 -3.23 -3.61 -8.55
N LEU B 282 -3.40 -4.66 -9.34
CA LEU B 282 -2.32 -5.65 -9.59
C LEU B 282 -1.15 -4.88 -10.15
N ALA B 283 0.06 -5.39 -9.89
CA ALA B 283 1.26 -4.78 -10.40
C ALA B 283 1.29 -4.68 -11.92
N PHE B 284 0.91 -5.73 -12.59
CA PHE B 284 0.85 -5.73 -14.07
C PHE B 284 0.00 -6.88 -14.54
N ILE B 285 -0.42 -6.76 -15.78
CA ILE B 285 -1.09 -7.82 -16.49
C ILE B 285 -0.17 -8.20 -17.68
N ASP B 286 0.09 -9.50 -17.82
CA ASP B 286 0.98 -10.07 -18.84
C ASP B 286 0.10 -10.75 -19.91
N LEU B 287 0.32 -10.40 -21.16
CA LEU B 287 -0.46 -10.95 -22.27
C LEU B 287 0.52 -11.55 -23.24
N VAL B 288 0.25 -12.78 -23.62
CA VAL B 288 0.93 -13.40 -24.76
C VAL B 288 0.32 -12.81 -26.05
N GLU B 289 1.20 -12.40 -26.96
CA GLU B 289 0.80 -11.88 -28.25
C GLU B 289 0.28 -12.96 -29.21
N PRO B 290 -0.62 -12.59 -30.13
CA PRO B 290 -0.99 -13.52 -31.12
C PRO B 290 0.15 -13.81 -32.11
N ARG B 291 1.23 -13.01 -32.02
CA ARG B 291 2.48 -13.21 -32.74
C ARG B 291 2.91 -14.68 -32.59
N VAL B 292 2.70 -15.20 -31.38
CA VAL B 292 3.00 -16.59 -31.02
C VAL B 292 1.76 -17.33 -30.43
N THR B 293 1.02 -18.11 -31.24
CA THR B 293 -0.12 -18.87 -30.67
C THR B 293 0.24 -20.26 -30.08
N ASP B 294 1.49 -20.67 -30.35
CA ASP B 294 2.03 -21.91 -29.80
C ASP B 294 3.57 -21.75 -29.80
N PRO B 295 4.20 -21.72 -28.58
CA PRO B 295 5.64 -21.41 -28.40
C PRO B 295 6.63 -22.56 -28.75
N PHE B 296 6.05 -23.69 -29.22
CA PHE B 296 6.80 -24.80 -29.82
C PHE B 296 6.97 -24.63 -31.34
N LEU B 297 6.29 -23.67 -31.94
CA LEU B 297 6.40 -23.39 -33.40
C LEU B 297 7.46 -22.29 -33.69
N PRO B 298 8.24 -22.46 -34.78
CA PRO B 298 9.25 -21.41 -35.11
C PRO B 298 8.69 -19.95 -35.16
N GLU B 299 9.55 -18.95 -34.94
CA GLU B 299 9.11 -17.55 -35.02
C GLU B 299 8.45 -17.28 -36.39
N PHE B 300 7.33 -16.54 -36.36
CA PHE B 300 6.53 -16.18 -37.57
C PHE B 300 5.47 -17.24 -38.06
N GLU B 301 5.60 -18.50 -37.62
CA GLU B 301 4.58 -19.56 -37.89
C GLU B 301 3.35 -19.46 -36.95
N LYS B 302 2.16 -19.70 -37.51
CA LYS B 302 0.88 -19.63 -36.80
C LYS B 302 0.78 -18.28 -36.07
N TRP B 303 1.32 -17.28 -36.75
CA TRP B 303 1.18 -15.87 -36.44
C TRP B 303 -0.33 -15.54 -36.73
N PHE B 304 -1.18 -15.47 -35.68
CA PHE B 304 -2.61 -15.04 -35.88
C PHE B 304 -2.67 -13.55 -36.21
N LYS B 305 -3.12 -13.20 -37.43
CA LYS B 305 -3.05 -11.78 -37.84
C LYS B 305 -4.43 -11.06 -37.79
N GLU B 306 -5.48 -11.79 -37.38
CA GLU B 306 -6.83 -11.28 -37.47
C GLU B 306 -7.35 -10.73 -36.11
N GLY B 307 -6.52 -10.79 -35.09
CA GLY B 307 -6.93 -10.31 -33.75
C GLY B 307 -5.69 -9.81 -33.07
N THR B 308 -5.83 -8.81 -32.20
CA THR B 308 -4.70 -8.22 -31.50
C THR B 308 -5.09 -8.01 -30.04
N ASN B 309 -4.08 -7.71 -29.22
CA ASN B 309 -4.27 -7.36 -27.82
C ASN B 309 -4.53 -5.89 -27.52
N GLU B 310 -4.77 -5.06 -28.55
CA GLU B 310 -4.91 -3.64 -28.35
C GLU B 310 -6.09 -3.31 -27.44
N PHE B 311 -7.16 -4.13 -27.44
CA PHE B 311 -8.32 -3.88 -26.56
C PHE B 311 -7.97 -3.64 -25.09
N ILE B 312 -6.90 -4.26 -24.59
CA ILE B 312 -6.56 -4.04 -23.17
C ILE B 312 -6.34 -2.58 -22.79
N TYR B 313 -5.83 -1.74 -23.68
CA TYR B 313 -5.60 -0.32 -23.35
C TYR B 313 -6.90 0.49 -23.20
N SER B 314 -8.02 -0.04 -23.68
CA SER B 314 -9.31 0.64 -23.49
C SER B 314 -9.96 0.23 -22.14
N ILE B 315 -9.28 -0.64 -21.39
CA ILE B 315 -9.89 -1.18 -20.20
C ILE B 315 -8.98 -1.02 -19.01
N TRP B 316 -7.80 -1.61 -19.07
CA TRP B 316 -6.83 -1.56 -17.93
C TRP B 316 -5.90 -0.36 -18.04
N LYS B 317 -5.73 0.32 -16.94
CA LYS B 317 -4.97 1.53 -16.84
C LYS B 317 -3.77 1.33 -15.93
N GLY B 318 -3.17 0.16 -16.00
CA GLY B 318 -1.93 -0.13 -15.22
C GLY B 318 -0.95 -0.68 -16.23
N PRO B 319 0.21 -1.18 -15.75
CA PRO B 319 1.27 -1.71 -16.59
C PRO B 319 0.78 -2.99 -17.33
N VAL B 320 1.22 -3.14 -18.58
CA VAL B 320 0.90 -4.29 -19.43
C VAL B 320 2.24 -4.80 -19.95
N LEU B 321 2.47 -6.10 -19.74
CA LEU B 321 3.60 -6.81 -20.32
C LEU B 321 3.14 -7.60 -21.53
N ARG B 322 3.83 -7.43 -22.62
CA ARG B 322 3.48 -8.11 -23.83
C ARG B 322 4.62 -9.00 -24.30
N VAL B 323 4.32 -10.24 -24.68
CA VAL B 323 5.37 -11.22 -24.98
C VAL B 323 5.09 -11.99 -26.26
N GLY B 324 6.05 -12.01 -27.18
CA GLY B 324 5.90 -12.88 -28.33
C GLY B 324 6.47 -12.36 -29.61
N ASN B 325 7.45 -13.11 -30.10
CA ASN B 325 8.26 -12.76 -31.30
C ASN B 325 8.70 -11.27 -31.42
N TYR B 326 9.10 -10.69 -30.30
CA TYR B 326 9.70 -9.35 -30.37
C TYR B 326 11.18 -9.27 -30.67
N ALA B 327 11.94 -10.32 -30.47
CA ALA B 327 13.38 -10.27 -30.68
C ALA B 327 13.72 -9.91 -32.14
N LEU B 328 13.01 -10.58 -33.05
CA LEU B 328 13.21 -10.38 -34.52
C LEU B 328 12.47 -9.19 -35.12
N ASP B 329 11.78 -8.40 -34.26
CA ASP B 329 10.88 -7.36 -34.70
C ASP B 329 10.99 -6.14 -33.78
N PRO B 330 12.17 -5.49 -33.75
CA PRO B 330 12.40 -4.29 -32.97
C PRO B 330 11.47 -3.10 -33.42
N ASP B 331 11.05 -3.09 -34.68
CA ASP B 331 10.02 -2.14 -35.12
C ASP B 331 8.77 -2.30 -34.25
N GLN B 332 8.29 -3.52 -34.14
CA GLN B 332 7.00 -3.78 -33.45
C GLN B 332 7.21 -3.58 -31.97
N ALA B 333 8.37 -3.88 -31.46
CA ALA B 333 8.60 -3.70 -30.02
C ALA B 333 8.60 -2.21 -29.72
N THR B 334 9.22 -1.43 -30.60
CA THR B 334 9.19 0.01 -30.47
C THR B 334 7.80 0.57 -30.56
N LEU B 335 7.02 0.16 -31.58
CA LEU B 335 5.65 0.64 -31.73
C LEU B 335 4.82 0.30 -30.48
N ASP B 336 4.86 -0.97 -30.07
CA ASP B 336 4.05 -1.36 -28.87
C ASP B 336 4.50 -0.65 -27.61
N SER B 337 5.80 -0.37 -27.45
CA SER B 337 6.30 0.32 -26.25
C SER B 337 5.86 1.82 -26.18
N LYS B 338 5.38 2.38 -27.30
CA LYS B 338 4.93 3.80 -27.30
C LYS B 338 3.58 3.85 -26.57
N LYS B 339 2.88 2.70 -26.51
CA LYS B 339 1.61 2.58 -25.75
C LYS B 339 1.97 2.75 -24.24
N PRO B 340 1.09 3.38 -23.45
CA PRO B 340 1.31 3.72 -22.06
C PRO B 340 1.71 2.51 -21.21
N ASN B 341 2.78 2.67 -20.41
CA ASN B 341 3.19 1.70 -19.38
C ASN B 341 3.31 0.27 -19.91
N THR B 342 3.94 0.14 -21.05
CA THR B 342 3.97 -1.18 -21.71
C THR B 342 5.40 -1.72 -21.62
N LEU B 343 5.49 -2.91 -21.03
CA LEU B 343 6.71 -3.71 -21.01
C LEU B 343 6.73 -4.73 -22.13
N ILE B 344 7.94 -5.01 -22.61
CA ILE B 344 8.22 -5.94 -23.65
C ILE B 344 9.00 -7.15 -23.14
N GLY B 345 8.36 -8.32 -23.24
CA GLY B 345 8.98 -9.58 -22.84
C GLY B 345 9.64 -10.33 -23.98
N TYR B 346 10.75 -10.97 -23.66
CA TYR B 346 11.58 -11.71 -24.64
C TYR B 346 11.80 -13.11 -24.04
N GLY B 347 11.30 -14.16 -24.72
CA GLY B 347 11.38 -15.52 -24.19
C GLY B 347 12.59 -16.30 -24.72
N ARG B 348 12.43 -16.85 -25.90
CA ARG B 348 13.50 -17.67 -26.51
C ARG B 348 14.81 -16.86 -26.61
N SER B 349 14.73 -15.55 -26.89
CA SER B 349 15.93 -14.74 -27.06
C SER B 349 16.64 -14.55 -25.71
N PHE B 350 15.87 -14.59 -24.63
CA PHE B 350 16.44 -14.45 -23.27
C PHE B 350 17.10 -15.76 -22.84
N ILE B 351 16.51 -16.89 -23.24
CA ILE B 351 17.17 -18.19 -23.06
C ILE B 351 18.61 -18.12 -23.63
N ALA B 352 18.76 -17.59 -24.85
CA ALA B 352 19.97 -17.58 -25.62
C ALA B 352 20.97 -16.44 -25.28
N ASN B 353 20.50 -15.41 -24.62
CA ASN B 353 21.26 -14.17 -24.54
C ASN B 353 21.22 -13.73 -23.12
N PRO B 354 22.20 -14.17 -22.32
CA PRO B 354 22.24 -13.75 -20.92
C PRO B 354 22.28 -12.19 -20.72
N ASP B 355 22.95 -11.50 -21.63
CA ASP B 355 23.05 -10.06 -21.62
C ASP B 355 22.11 -9.48 -22.68
N LEU B 356 20.90 -10.03 -22.79
CA LEU B 356 19.95 -9.55 -23.79
C LEU B 356 19.68 -8.03 -23.67
N VAL B 357 19.51 -7.53 -22.46
CA VAL B 357 19.06 -6.16 -22.26
C VAL B 357 20.11 -5.23 -22.86
N TYR B 358 21.38 -5.45 -22.50
CA TYR B 358 22.51 -4.73 -23.11
C TYR B 358 22.51 -4.78 -24.66
N ARG B 359 22.38 -5.98 -25.22
CA ARG B 359 22.28 -6.13 -26.70
C ARG B 359 21.12 -5.41 -27.35
N LEU B 360 19.98 -5.37 -26.66
CA LEU B 360 18.78 -4.70 -27.16
C LEU B 360 19.01 -3.20 -27.10
N GLU B 361 19.57 -2.74 -25.99
CA GLU B 361 19.92 -1.31 -25.82
C GLU B 361 20.78 -0.76 -26.93
N LYS B 362 21.82 -1.48 -27.24
CA LYS B 362 22.82 -1.03 -28.18
C LYS B 362 22.62 -1.57 -29.58
N GLY B 363 21.60 -2.40 -29.81
CA GLY B 363 21.37 -2.90 -31.18
C GLY B 363 22.43 -3.89 -31.69
N LEU B 364 22.88 -4.75 -30.83
CA LEU B 364 23.90 -5.78 -31.15
C LEU B 364 23.30 -7.06 -31.66
N PRO B 365 24.07 -7.88 -32.37
CA PRO B 365 23.58 -9.20 -32.75
C PRO B 365 23.11 -10.00 -31.57
N LEU B 366 22.14 -10.88 -31.81
CA LEU B 366 21.58 -11.76 -30.76
C LEU B 366 21.97 -13.21 -31.00
N ASN B 367 22.46 -13.88 -29.98
CA ASN B 367 22.73 -15.31 -30.06
C ASN B 367 21.45 -16.02 -30.51
N LYS B 368 21.61 -17.01 -31.37
CA LYS B 368 20.52 -17.91 -31.77
C LYS B 368 20.22 -18.92 -30.65
N TYR B 369 18.97 -19.18 -30.37
CA TYR B 369 18.63 -20.23 -29.39
C TYR B 369 18.88 -21.64 -29.94
N ASP B 370 19.16 -22.57 -29.02
CA ASP B 370 19.27 -23.98 -29.36
C ASP B 370 18.10 -24.75 -28.77
N ARG B 371 17.13 -25.03 -29.62
CA ARG B 371 15.88 -25.72 -29.19
C ARG B 371 16.12 -27.06 -28.56
N ASN B 372 17.23 -27.66 -28.95
CA ASN B 372 17.56 -29.04 -28.50
C ASN B 372 17.76 -29.12 -26.99
N THR B 373 18.18 -28.01 -26.38
CA THR B 373 18.46 -27.93 -24.94
C THR B 373 17.49 -27.02 -24.20
N PHE B 374 16.34 -26.72 -24.79
CA PHE B 374 15.31 -26.03 -24.05
C PHE B 374 14.92 -26.74 -22.75
N TYR B 375 14.76 -28.07 -22.80
CA TYR B 375 14.12 -28.85 -21.73
C TYR B 375 14.93 -30.06 -21.24
N THR B 376 16.22 -30.10 -21.54
CA THR B 376 17.06 -31.23 -21.12
C THR B 376 17.60 -30.92 -19.69
N PHE B 377 17.90 -31.94 -18.91
CA PHE B 377 18.53 -31.76 -17.58
C PHE B 377 20.04 -31.59 -17.72
N THR B 378 20.42 -30.39 -18.14
CA THR B 378 21.80 -30.10 -18.51
C THR B 378 22.18 -28.65 -18.23
N LYS B 379 23.45 -28.46 -17.92
CA LYS B 379 24.03 -27.16 -17.88
C LYS B 379 24.17 -26.62 -19.31
N GLU B 380 24.46 -27.51 -20.25
CA GLU B 380 24.50 -27.21 -21.66
C GLU B 380 23.18 -26.68 -22.16
N GLY B 381 23.22 -25.53 -22.82
CA GLY B 381 21.98 -24.85 -23.24
C GLY B 381 21.20 -24.18 -22.17
N TYR B 382 21.86 -23.96 -21.03
CA TYR B 382 21.25 -23.32 -19.88
C TYR B 382 22.10 -22.12 -19.42
N THR B 383 23.34 -22.41 -19.02
CA THR B 383 24.28 -21.39 -18.57
C THR B 383 25.51 -21.16 -19.44
N ASP B 384 25.63 -21.87 -20.56
CA ASP B 384 26.78 -21.71 -21.47
C ASP B 384 26.51 -20.94 -22.75
N TYR B 385 25.41 -20.18 -22.81
CA TYR B 385 25.26 -19.24 -23.88
C TYR B 385 26.21 -18.06 -23.55
N PRO B 386 26.95 -17.56 -24.54
CA PRO B 386 27.92 -16.50 -24.29
C PRO B 386 27.33 -15.12 -24.17
N SER B 387 27.98 -14.27 -23.37
CA SER B 387 27.83 -12.84 -23.47
C SER B 387 28.20 -12.35 -24.86
N TYR B 388 27.84 -11.11 -25.16
CA TYR B 388 28.18 -10.52 -26.45
C TYR B 388 29.68 -10.59 -26.71
N GLU B 389 30.47 -10.08 -25.77
CA GLU B 389 31.92 -10.12 -25.90
C GLU B 389 32.46 -11.54 -26.10
N GLU B 390 32.00 -12.54 -25.31
CA GLU B 390 32.45 -13.91 -25.54
C GLU B 390 31.95 -14.46 -26.91
N SER B 391 30.79 -14.03 -27.41
CA SER B 391 30.30 -14.56 -28.69
C SER B 391 31.19 -14.04 -29.85
N VAL B 392 31.59 -12.78 -29.74
CA VAL B 392 32.52 -12.15 -30.68
C VAL B 392 33.86 -12.89 -30.67
N ALA B 393 34.42 -13.10 -29.47
CA ALA B 393 35.69 -13.84 -29.31
C ALA B 393 35.60 -15.28 -29.85
N LYS B 394 34.40 -15.85 -29.85
CA LYS B 394 34.18 -17.21 -30.39
C LYS B 394 33.91 -17.23 -31.94
N GLY B 395 33.95 -16.08 -32.61
CA GLY B 395 33.70 -16.06 -34.04
C GLY B 395 32.27 -16.23 -34.50
N TYR B 396 31.29 -15.92 -33.64
CA TYR B 396 29.89 -15.99 -34.05
C TYR B 396 29.58 -15.16 -35.28
N LYS B 397 28.82 -15.73 -36.22
CA LYS B 397 28.27 -15.00 -37.37
C LYS B 397 26.79 -15.37 -37.58
N LYS B 398 26.03 -14.59 -38.33
CA LYS B 398 24.59 -14.88 -38.57
C LYS B 398 24.15 -16.31 -38.98
N MET C 1 41.86 -14.82 47.44
CA MET C 1 41.04 -15.03 48.67
C MET C 1 40.94 -13.71 49.49
N SER C 2 40.22 -12.76 48.96
CA SER C 2 40.04 -11.47 49.60
C SER C 2 38.56 -10.99 49.49
N TYR C 3 38.25 -9.86 50.13
CA TYR C 3 36.97 -9.19 49.98
C TYR C 3 37.02 -8.18 48.82
N MET C 4 35.85 -7.80 48.31
CA MET C 4 35.76 -6.71 47.32
C MET C 4 36.17 -5.43 48.01
N ASN C 5 36.93 -4.59 47.30
CA ASN C 5 37.35 -3.31 47.93
C ASN C 5 36.30 -2.24 47.75
N PHE C 6 35.45 -2.05 48.74
CA PHE C 6 34.33 -1.08 48.72
C PHE C 6 33.82 -0.93 50.12
N ASP C 7 32.90 -0.01 50.33
CA ASP C 7 32.36 0.23 51.67
C ASP C 7 30.95 -0.34 51.75
N PRO C 8 30.76 -1.50 52.43
CA PRO C 8 29.41 -2.09 52.47
C PRO C 8 28.41 -1.30 53.33
N LYS C 9 27.16 -1.39 52.97
CA LYS C 9 26.09 -0.73 53.65
C LYS C 9 24.97 -1.71 53.85
N PRO C 10 24.36 -1.66 55.03
CA PRO C 10 23.29 -2.58 55.28
C PRO C 10 22.04 -2.26 54.50
N LEU C 11 21.42 -3.28 53.91
CA LEU C 11 20.26 -3.05 53.04
C LEU C 11 19.00 -3.55 53.67
N GLY C 12 19.10 -4.13 54.87
CA GLY C 12 17.94 -4.68 55.59
C GLY C 12 16.76 -3.79 55.87
N ASP C 13 17.01 -2.48 55.92
CA ASP C 13 15.95 -1.49 56.15
C ASP C 13 15.55 -0.69 54.91
N THR C 14 15.97 -1.15 53.74
CA THR C 14 15.58 -0.57 52.43
C THR C 14 14.48 -1.41 51.78
N ASN C 15 14.02 -1.06 50.55
CA ASN C 15 12.97 -1.81 49.87
C ASN C 15 13.44 -3.15 49.40
N ILE C 16 14.74 -3.32 49.38
CA ILE C 16 15.32 -4.60 48.91
C ILE C 16 14.94 -5.75 49.88
N PHE C 17 14.72 -5.38 51.14
CA PHE C 17 14.26 -6.39 52.14
C PHE C 17 12.77 -6.39 52.45
N LYS C 18 11.97 -5.92 51.50
CA LYS C 18 10.53 -6.04 51.67
C LYS C 18 10.01 -7.20 50.87
N PRO C 19 9.05 -7.94 51.42
CA PRO C 19 8.54 -9.07 50.66
C PRO C 19 7.82 -8.63 49.40
N ILE C 20 7.68 -9.53 48.45
CA ILE C 20 6.93 -9.24 47.23
C ILE C 20 6.50 -10.54 46.60
N LYS C 21 5.28 -10.60 46.03
CA LYS C 21 4.81 -11.71 45.26
C LYS C 21 5.27 -11.60 43.80
N ILE C 22 5.93 -12.65 43.31
CA ILE C 22 6.43 -12.72 41.92
C ILE C 22 5.84 -14.01 41.35
N GLY C 23 4.90 -13.86 40.45
CA GLY C 23 4.23 -15.02 39.87
C GLY C 23 3.51 -15.76 41.00
N ASN C 24 3.75 -17.06 41.20
CA ASN C 24 3.06 -17.79 42.27
C ASN C 24 3.76 -17.65 43.61
N ASN C 25 4.94 -17.07 43.62
CA ASN C 25 5.90 -17.16 44.73
C ASN C 25 5.93 -15.93 45.66
N GLU C 26 5.81 -16.17 46.95
CA GLU C 26 5.95 -15.15 47.96
C GLU C 26 7.42 -14.99 48.33
N LEU C 27 8.11 -14.07 47.69
CA LEU C 27 9.48 -13.76 48.01
C LEU C 27 9.54 -13.06 49.36
N LYS C 28 10.51 -13.45 50.17
CA LYS C 28 10.79 -12.77 51.42
C LYS C 28 11.59 -11.51 51.28
N HIS C 29 12.34 -11.39 50.21
CA HIS C 29 13.19 -10.23 49.98
C HIS C 29 13.40 -10.12 48.45
N ARG C 30 14.09 -9.07 47.99
CA ARG C 30 14.14 -8.74 46.55
C ARG C 30 15.56 -8.86 45.97
N VAL C 31 16.40 -9.59 46.70
CA VAL C 31 17.74 -9.90 46.22
C VAL C 31 17.64 -11.15 45.39
N VAL C 32 18.03 -11.06 44.11
CA VAL C 32 17.80 -12.11 43.16
C VAL C 32 19.13 -12.64 42.62
N MET C 33 19.21 -13.96 42.47
CA MET C 33 20.31 -14.57 41.75
C MET C 33 19.92 -14.66 40.27
N PRO C 34 20.52 -13.81 39.42
CA PRO C 34 20.18 -13.92 38.00
C PRO C 34 20.86 -15.12 37.34
N ALA C 35 20.53 -15.37 36.07
CA ALA C 35 21.14 -16.44 35.33
C ALA C 35 22.67 -16.26 35.19
N LEU C 36 23.38 -17.34 35.47
CA LEU C 36 24.84 -17.41 35.48
C LEU C 36 25.36 -18.73 34.95
N THR C 37 25.85 -18.67 33.69
CA THR C 37 26.58 -19.77 33.04
C THR C 37 27.88 -20.09 33.74
N ARG C 38 27.99 -21.34 34.23
CA ARG C 38 29.15 -21.87 34.90
C ARG C 38 29.82 -23.07 34.20
N MET C 39 29.14 -23.74 33.28
CA MET C 39 29.73 -24.78 32.44
C MET C 39 30.21 -25.99 33.24
N ARG C 40 29.43 -26.36 34.25
CA ARG C 40 29.68 -27.55 35.01
C ARG C 40 28.81 -28.75 34.60
N ALA C 41 28.01 -28.61 33.53
CA ALA C 41 27.18 -29.71 33.10
C ALA C 41 28.05 -30.80 32.45
N ILE C 42 27.50 -32.00 32.36
CA ILE C 42 28.23 -33.19 31.89
C ILE C 42 27.96 -33.34 30.42
N ALA C 43 29.04 -33.61 29.68
CA ALA C 43 29.01 -33.89 28.23
C ALA C 43 29.41 -35.38 28.09
N PRO C 44 28.75 -36.13 27.18
CA PRO C 44 27.71 -35.65 26.28
C PRO C 44 26.36 -35.66 26.96
N GLY C 45 25.37 -35.05 26.29
CA GLY C 45 23.99 -35.08 26.75
C GLY C 45 23.53 -33.84 27.48
N ASN C 46 24.42 -32.88 27.67
CA ASN C 46 24.09 -31.62 28.40
C ASN C 46 23.38 -31.86 29.72
N ILE C 47 23.98 -32.71 30.58
CA ILE C 47 23.27 -33.16 31.77
C ILE C 47 23.65 -32.33 32.99
N PRO C 48 22.64 -31.76 33.66
CA PRO C 48 22.99 -31.07 34.85
C PRO C 48 23.86 -31.98 35.76
N ASN C 49 24.90 -31.38 36.34
CA ASN C 49 25.92 -32.13 37.07
C ASN C 49 25.53 -32.07 38.56
N THR C 50 24.52 -32.81 38.93
CA THR C 50 23.90 -32.73 40.27
C THR C 50 24.91 -32.91 41.39
N GLU C 51 25.86 -33.82 41.18
CA GLU C 51 26.94 -34.08 42.14
C GLU C 51 27.64 -32.80 42.61
N TRP C 52 27.78 -31.81 41.72
CA TRP C 52 28.32 -30.46 42.09
C TRP C 52 27.24 -29.39 42.16
N ALA C 53 26.28 -29.41 41.24
CA ALA C 53 25.31 -28.33 41.07
C ALA C 53 24.23 -28.24 42.14
N GLU C 54 23.86 -29.38 42.70
CA GLU C 54 22.90 -29.37 43.82
C GLU C 54 23.43 -28.50 44.93
N GLU C 55 24.66 -28.75 45.36
CA GLU C 55 25.29 -27.95 46.39
C GLU C 55 25.40 -26.45 46.04
N TYR C 56 25.76 -26.13 44.80
CA TYR C 56 25.93 -24.73 44.36
C TYR C 56 24.59 -24.01 44.55
N TYR C 57 23.52 -24.62 44.08
CA TYR C 57 22.22 -23.99 44.17
C TYR C 57 21.63 -24.07 45.59
N ARG C 58 21.92 -25.17 46.30
CA ARG C 58 21.54 -25.21 47.74
C ARG C 58 22.15 -24.04 48.50
N GLN C 59 23.47 -23.85 48.33
CA GLN C 59 24.18 -22.72 48.98
C GLN C 59 23.53 -21.40 48.72
N ARG C 60 23.31 -21.08 47.44
CA ARG C 60 22.85 -19.75 47.07
C ARG C 60 21.36 -19.46 47.30
N SER C 61 20.59 -20.52 47.63
CA SER C 61 19.18 -20.42 48.00
C SER C 61 18.95 -20.51 49.51
N GLN C 62 20.05 -20.49 50.27
CA GLN C 62 20.02 -20.75 51.74
C GLN C 62 19.12 -19.81 52.50
N TYR C 63 19.00 -18.57 52.03
CA TYR C 63 18.17 -17.59 52.72
C TYR C 63 16.73 -17.84 52.30
N PRO C 64 15.86 -18.19 53.26
CA PRO C 64 14.51 -18.59 52.83
C PRO C 64 13.80 -17.49 52.10
N GLY C 65 13.16 -17.87 51.00
CA GLY C 65 12.32 -16.95 50.22
C GLY C 65 13.07 -16.19 49.14
N THR C 66 14.16 -16.77 48.68
CA THR C 66 14.98 -16.18 47.61
C THR C 66 14.56 -16.66 46.23
N LEU C 67 14.49 -15.75 45.26
CA LEU C 67 14.28 -16.17 43.88
C LEU C 67 15.60 -16.45 43.20
N ILE C 68 15.80 -17.65 42.73
CA ILE C 68 16.96 -18.07 41.91
C ILE C 68 16.51 -18.31 40.49
N ILE C 69 17.25 -17.75 39.52
CA ILE C 69 17.13 -18.01 38.13
C ILE C 69 18.35 -18.86 37.79
N THR C 70 18.11 -19.97 37.12
CA THR C 70 19.18 -20.87 36.75
C THR C 70 20.09 -20.25 35.73
N GLU C 71 21.28 -20.78 35.66
CA GLU C 71 22.11 -20.71 34.48
C GLU C 71 21.29 -20.92 33.21
N GLY C 72 21.66 -20.23 32.14
CA GLY C 72 21.00 -20.48 30.85
C GLY C 72 21.01 -21.95 30.51
N THR C 73 19.89 -22.43 30.04
CA THR C 73 19.59 -23.85 29.88
C THR C 73 18.92 -24.07 28.53
N PHE C 74 19.48 -24.96 27.73
CA PHE C 74 18.97 -25.11 26.37
C PHE C 74 17.61 -25.84 26.31
N PRO C 75 16.63 -25.32 25.59
CA PRO C 75 15.37 -26.02 25.46
C PRO C 75 15.29 -27.13 24.42
N SER C 76 16.37 -27.28 23.66
CA SER C 76 16.48 -28.28 22.60
C SER C 76 17.92 -28.35 22.15
N ALA C 77 18.33 -29.45 21.56
CA ALA C 77 19.72 -29.61 21.09
C ALA C 77 20.14 -28.51 20.09
N GLN C 78 19.24 -28.15 19.21
CA GLN C 78 19.55 -27.20 18.16
C GLN C 78 19.67 -25.78 18.74
N SER C 79 19.19 -25.61 19.98
CA SER C 79 19.31 -24.32 20.68
C SER C 79 20.71 -24.11 21.26
N GLY C 80 21.50 -25.18 21.26
CA GLY C 80 22.64 -25.27 22.09
C GLY C 80 23.89 -25.08 21.30
N GLY C 81 24.95 -25.82 21.70
CA GLY C 81 26.26 -25.71 21.08
C GLY C 81 27.42 -25.45 22.03
N TYR C 82 27.15 -25.42 23.32
CA TYR C 82 28.19 -25.43 24.40
C TYR C 82 27.98 -26.71 25.21
N PRO C 83 28.92 -27.70 25.09
CA PRO C 83 28.71 -29.08 25.55
C PRO C 83 28.55 -29.23 27.06
N ASN C 84 29.13 -28.29 27.84
CA ASN C 84 29.03 -28.30 29.27
C ASN C 84 27.99 -27.33 29.91
N VAL C 85 26.99 -26.95 29.12
CA VAL C 85 25.81 -26.19 29.56
C VAL C 85 24.66 -27.18 29.55
N PRO C 86 23.78 -27.12 30.55
CA PRO C 86 22.67 -28.08 30.63
C PRO C 86 21.50 -27.78 29.71
N GLY C 87 20.76 -28.84 29.36
CA GLY C 87 19.52 -28.76 28.66
C GLY C 87 18.40 -29.24 29.55
N ILE C 88 17.19 -29.02 29.08
CA ILE C 88 16.02 -29.40 29.83
C ILE C 88 14.94 -30.06 28.97
N TRP C 89 15.36 -30.66 27.86
CA TRP C 89 14.43 -31.39 26.98
C TRP C 89 14.37 -32.91 27.22
N SER C 90 15.41 -33.48 27.82
CA SER C 90 15.53 -34.95 27.82
C SER C 90 15.22 -35.56 29.16
N LYS C 91 14.92 -36.84 29.15
CA LYS C 91 14.55 -37.49 30.39
C LYS C 91 15.67 -37.45 31.37
N GLU C 92 16.88 -37.70 30.88
CA GLU C 92 18.01 -37.75 31.77
C GLU C 92 18.38 -36.36 32.29
N GLN C 93 18.17 -35.30 31.49
CA GLN C 93 18.35 -33.95 32.05
C GLN C 93 17.37 -33.61 33.13
N LEU C 94 16.13 -33.91 32.84
CA LEU C 94 15.03 -33.61 33.75
C LEU C 94 15.17 -34.34 35.09
N ALA C 95 15.65 -35.58 35.05
CA ALA C 95 15.80 -36.38 36.25
C ALA C 95 16.81 -35.68 37.17
N GLU C 96 17.84 -35.04 36.61
CA GLU C 96 18.78 -34.26 37.43
C GLU C 96 18.21 -32.89 37.89
N TRP C 97 17.58 -32.19 36.98
CA TRP C 97 16.97 -30.94 37.39
C TRP C 97 15.94 -31.12 38.52
N LYS C 98 15.14 -32.18 38.49
CA LYS C 98 14.22 -32.43 39.60
C LYS C 98 14.93 -32.42 40.94
N LYS C 99 16.12 -33.00 41.01
CA LYS C 99 16.89 -33.04 42.29
C LYS C 99 17.37 -31.64 42.74
N ILE C 100 17.81 -30.87 41.79
CA ILE C 100 18.29 -29.50 42.03
C ILE C 100 17.10 -28.63 42.51
N PHE C 101 15.98 -28.68 41.80
CA PHE C 101 14.80 -27.94 42.24
C PHE C 101 14.38 -28.36 43.67
N ASN C 102 14.40 -29.65 43.94
CA ASN C 102 14.05 -30.09 45.25
C ASN C 102 14.90 -29.44 46.33
N ALA C 103 16.20 -29.34 46.13
CA ALA C 103 17.08 -28.76 47.09
C ALA C 103 16.78 -27.30 47.36
N ILE C 104 16.56 -26.55 46.29
CA ILE C 104 16.12 -25.17 46.40
C ILE C 104 14.80 -25.05 47.16
N HIS C 105 13.83 -25.90 46.83
CA HIS C 105 12.56 -25.88 47.58
C HIS C 105 12.69 -26.28 49.03
N GLU C 106 13.64 -27.15 49.36
CA GLU C 106 13.85 -27.51 50.76
C GLU C 106 14.29 -26.34 51.56
N ASN C 107 14.87 -25.33 50.89
CA ASN C 107 15.24 -24.06 51.49
C ASN C 107 14.11 -23.05 51.51
N LYS C 108 12.93 -23.42 51.01
CA LYS C 108 11.76 -22.52 50.94
C LYS C 108 12.08 -21.34 50.02
N SER C 109 12.91 -21.63 49.05
CA SER C 109 13.27 -20.70 47.97
C SER C 109 12.70 -21.19 46.67
N PHE C 110 12.89 -20.38 45.66
CA PHE C 110 12.17 -20.56 44.38
C PHE C 110 13.17 -20.58 43.25
N VAL C 111 12.79 -21.24 42.16
CA VAL C 111 13.66 -21.47 41.04
C VAL C 111 12.97 -21.30 39.68
N TRP C 112 13.59 -20.47 38.85
CA TRP C 112 13.09 -20.15 37.54
C TRP C 112 14.14 -20.55 36.49
N VAL C 113 13.72 -21.35 35.49
CA VAL C 113 14.67 -21.87 34.54
C VAL C 113 14.80 -20.91 33.42
N GLN C 114 16.01 -20.41 33.19
CA GLN C 114 16.22 -19.55 32.04
C GLN C 114 16.37 -20.39 30.79
N LEU C 115 15.52 -20.10 29.79
CA LEU C 115 15.54 -20.91 28.59
C LEU C 115 16.36 -20.10 27.63
N TRP C 116 17.46 -20.70 27.17
CA TRP C 116 18.57 -20.05 26.46
C TRP C 116 18.76 -20.68 25.12
N VAL C 117 18.61 -19.83 24.08
CA VAL C 117 18.80 -20.22 22.67
C VAL C 117 19.94 -19.37 22.07
N LEU C 118 21.01 -20.00 21.62
CA LEU C 118 22.30 -19.32 21.38
C LEU C 118 22.37 -18.53 20.06
N GLY C 119 21.72 -19.01 19.02
CA GLY C 119 21.94 -18.48 17.67
C GLY C 119 23.42 -18.38 17.33
N ARG C 120 23.87 -17.22 16.84
CA ARG C 120 25.28 -17.03 16.34
C ARG C 120 26.42 -17.03 17.38
N GLN C 121 26.06 -16.91 18.64
CA GLN C 121 27.03 -17.04 19.69
C GLN C 121 27.53 -18.49 19.88
N ALA C 122 26.76 -19.45 19.36
CA ALA C 122 27.15 -20.88 19.43
C ALA C 122 28.49 -21.17 18.79
N TRP C 123 29.10 -22.29 19.16
CA TRP C 123 30.36 -22.75 18.54
C TRP C 123 30.01 -23.67 17.37
N PRO C 124 30.28 -23.24 16.11
CA PRO C 124 29.70 -23.94 14.99
C PRO C 124 30.29 -25.34 14.70
N GLU C 125 31.54 -25.58 15.04
CA GLU C 125 32.10 -26.98 15.00
C GLU C 125 31.41 -27.96 15.94
N VAL C 126 30.89 -27.47 17.06
CA VAL C 126 30.27 -28.35 18.05
C VAL C 126 28.88 -28.71 17.54
N LEU C 127 28.17 -27.74 16.94
CA LEU C 127 26.87 -28.05 16.32
C LEU C 127 27.03 -28.99 15.11
N LYS C 128 28.06 -28.74 14.31
CA LYS C 128 28.30 -29.55 13.09
C LYS C 128 28.51 -31.03 13.45
N LYS C 129 29.32 -31.27 14.45
CA LYS C 129 29.50 -32.64 14.98
C LYS C 129 28.20 -33.36 15.30
N GLU C 130 27.20 -32.64 15.80
CA GLU C 130 25.88 -33.22 16.14
C GLU C 130 24.92 -33.15 14.97
N GLY C 131 25.38 -32.67 13.82
CA GLY C 131 24.49 -32.57 12.69
C GLY C 131 23.49 -31.43 12.78
N LEU C 132 23.85 -30.39 13.53
CA LEU C 132 22.96 -29.23 13.79
C LEU C 132 23.40 -27.99 13.07
N ARG C 133 22.43 -27.13 12.73
CA ARG C 133 22.68 -25.87 12.00
C ARG C 133 23.33 -24.86 12.94
N TYR C 134 23.97 -23.86 12.33
CA TYR C 134 24.43 -22.67 13.05
C TYR C 134 23.50 -21.53 12.69
N ASP C 135 22.63 -21.12 13.65
CA ASP C 135 21.48 -20.35 13.32
C ASP C 135 21.59 -18.87 13.69
N SER C 136 20.88 -18.02 12.92
CA SER C 136 20.67 -16.65 13.31
C SER C 136 19.48 -16.08 12.59
N ALA C 137 19.39 -14.75 12.58
CA ALA C 137 18.35 -14.08 11.87
C ALA C 137 18.63 -14.01 10.37
N THR C 138 19.91 -13.96 9.99
CA THR C 138 20.33 -13.88 8.60
C THR C 138 21.36 -14.91 8.31
N ASP C 139 21.60 -15.19 7.01
CA ASP C 139 22.70 -16.05 6.66
C ASP C 139 24.01 -15.26 6.77
N ASP C 140 23.99 -13.96 6.59
CA ASP C 140 25.31 -13.26 6.35
C ASP C 140 25.88 -12.30 7.39
N LEU C 141 25.09 -11.91 8.43
CA LEU C 141 25.63 -10.93 9.42
C LEU C 141 26.31 -11.65 10.60
N TYR C 142 27.59 -11.94 10.45
CA TYR C 142 28.33 -12.67 11.49
C TYR C 142 28.75 -11.76 12.60
N MET C 143 28.95 -12.35 13.77
CA MET C 143 29.28 -11.51 14.91
C MET C 143 30.72 -11.00 14.86
N GLY C 144 31.49 -11.52 13.94
CA GLY C 144 32.87 -11.05 13.80
C GLY C 144 33.64 -11.95 12.86
N GLU C 145 34.80 -11.50 12.43
CA GLU C 145 35.59 -12.27 11.44
C GLU C 145 36.18 -13.57 12.01
N GLU C 146 36.61 -13.56 13.27
CA GLU C 146 37.09 -14.77 13.90
C GLU C 146 35.98 -15.81 13.82
N GLU C 147 34.78 -15.40 14.17
CA GLU C 147 33.66 -16.31 14.32
C GLU C 147 33.25 -16.77 12.92
N LYS C 148 33.33 -15.87 11.97
CA LYS C 148 33.00 -16.22 10.58
C LYS C 148 33.92 -17.35 10.07
N GLU C 149 35.24 -17.17 10.23
CA GLU C 149 36.19 -18.23 9.80
C GLU C 149 35.96 -19.57 10.49
N ARG C 150 35.62 -19.50 11.78
CA ARG C 150 35.35 -20.65 12.57
C ARG C 150 34.20 -21.44 11.92
N ALA C 151 33.15 -20.74 11.50
CA ALA C 151 31.99 -21.37 10.90
C ALA C 151 32.33 -21.99 9.58
N LEU C 152 33.06 -21.23 8.79
CA LEU C 152 33.48 -21.74 7.46
C LEU C 152 34.47 -22.89 7.60
N LYS C 153 35.34 -22.84 8.60
CA LYS C 153 36.26 -23.94 8.81
C LYS C 153 35.53 -25.25 9.13
N ALA C 154 34.42 -25.15 9.86
CA ALA C 154 33.65 -26.30 10.27
C ALA C 154 32.59 -26.69 9.24
N ASN C 155 32.58 -26.02 8.07
CA ASN C 155 31.55 -26.13 7.06
C ASN C 155 30.17 -26.16 7.70
N ASN C 156 29.94 -25.16 8.53
CA ASN C 156 28.63 -24.91 9.13
C ASN C 156 28.33 -23.43 9.04
N PRO C 157 28.19 -22.90 7.82
CA PRO C 157 27.99 -21.44 7.70
C PRO C 157 26.72 -20.97 8.37
N GLN C 158 26.63 -19.70 8.73
CA GLN C 158 25.43 -19.20 9.42
C GLN C 158 24.17 -19.34 8.57
N HIS C 159 23.05 -19.53 9.25
CA HIS C 159 21.77 -19.79 8.59
C HIS C 159 20.63 -18.96 9.17
N GLY C 160 20.01 -18.11 8.32
CA GLY C 160 18.87 -17.36 8.74
C GLY C 160 17.63 -18.25 8.75
N ILE C 161 17.07 -18.44 9.93
CA ILE C 161 15.98 -19.41 10.09
C ILE C 161 14.67 -18.91 9.41
N THR C 162 13.95 -19.84 8.79
CA THR C 162 12.73 -19.64 8.09
C THR C 162 11.60 -19.71 9.08
N LYS C 163 10.48 -19.21 8.59
CA LYS C 163 9.28 -19.15 9.41
C LYS C 163 9.00 -20.55 9.99
N GLU C 164 9.14 -21.60 9.20
CA GLU C 164 8.99 -22.96 9.74
C GLU C 164 9.96 -23.30 10.89
N GLU C 165 11.20 -22.89 10.75
CA GLU C 165 12.19 -23.20 11.73
C GLU C 165 11.98 -22.34 12.99
N ILE C 166 11.48 -21.11 12.80
CA ILE C 166 11.08 -20.25 13.92
C ILE C 166 9.96 -20.91 14.68
N LYS C 167 8.96 -21.43 13.94
CA LYS C 167 7.87 -22.14 14.60
C LYS C 167 8.40 -23.34 15.38
N GLN C 168 9.44 -23.96 14.85
CA GLN C 168 10.05 -25.12 15.55
C GLN C 168 10.72 -24.72 16.86
N TYR C 169 11.40 -23.56 16.85
CA TYR C 169 11.96 -23.06 18.08
C TYR C 169 10.88 -22.74 19.08
N ILE C 170 9.79 -22.14 18.62
CA ILE C 170 8.69 -21.79 19.51
C ILE C 170 8.17 -23.06 20.15
N LYS C 171 7.96 -24.09 19.34
CA LYS C 171 7.51 -25.43 19.85
C LYS C 171 8.42 -25.96 20.97
N GLU C 172 9.71 -25.78 20.78
CA GLU C 172 10.73 -26.16 21.73
C GLU C 172 10.76 -25.37 23.02
N TYR C 173 10.58 -24.05 22.93
CA TYR C 173 10.41 -23.26 24.13
C TYR C 173 9.20 -23.77 24.92
N VAL C 174 8.11 -24.07 24.20
CA VAL C 174 6.87 -24.56 24.88
C VAL C 174 7.14 -25.91 25.59
N ASP C 175 7.77 -26.80 24.84
CA ASP C 175 8.10 -28.14 25.29
C ASP C 175 8.97 -28.08 26.50
N ALA C 176 10.03 -27.29 26.42
CA ALA C 176 10.96 -27.17 27.56
C ALA C 176 10.30 -26.50 28.76
N ALA C 177 9.37 -25.55 28.51
CA ALA C 177 8.66 -24.93 29.61
C ALA C 177 7.77 -25.87 30.33
N LYS C 178 6.97 -26.63 29.58
CA LYS C 178 6.08 -27.56 30.30
C LYS C 178 6.92 -28.56 31.06
N LYS C 179 8.01 -28.99 30.45
CA LYS C 179 8.89 -29.98 31.06
C LYS C 179 9.50 -29.45 32.33
N ALA C 180 9.91 -28.18 32.30
CA ALA C 180 10.57 -27.60 33.44
C ALA C 180 9.61 -27.47 34.63
N ILE C 181 8.39 -27.04 34.34
CA ILE C 181 7.40 -26.84 35.36
C ILE C 181 7.04 -28.22 35.93
N ASP C 182 6.83 -29.21 35.07
CA ASP C 182 6.56 -30.60 35.47
C ASP C 182 7.59 -31.20 36.38
N ALA C 183 8.85 -30.84 36.19
CA ALA C 183 9.91 -31.29 37.09
C ALA C 183 9.96 -30.51 38.40
N GLY C 184 9.17 -29.44 38.47
CA GLY C 184 9.01 -28.71 39.70
C GLY C 184 9.50 -27.27 39.68
N ALA C 185 9.88 -26.73 38.52
CA ALA C 185 10.31 -25.32 38.49
C ALA C 185 9.14 -24.40 38.77
N ASP C 186 9.42 -23.28 39.42
CA ASP C 186 8.39 -22.30 39.75
C ASP C 186 7.92 -21.43 38.55
N GLY C 187 8.75 -21.41 37.52
CA GLY C 187 8.60 -20.53 36.38
C GLY C 187 9.72 -20.75 35.38
N VAL C 188 9.60 -20.11 34.22
CA VAL C 188 10.68 -20.07 33.22
C VAL C 188 10.94 -18.65 32.81
N GLN C 189 12.20 -18.38 32.48
CA GLN C 189 12.60 -17.07 31.92
C GLN C 189 13.02 -17.23 30.46
N ILE C 190 12.35 -16.52 29.60
CA ILE C 190 12.73 -16.51 28.21
C ILE C 190 13.93 -15.56 28.07
N HIS C 191 15.06 -16.06 27.58
CA HIS C 191 16.26 -15.25 27.46
C HIS C 191 16.22 -14.51 26.11
N SER C 192 15.94 -13.22 26.15
CA SER C 192 15.87 -12.39 24.91
C SER C 192 16.94 -11.29 24.93
N ALA C 193 18.05 -11.57 25.61
CA ALA C 193 19.10 -10.59 25.89
C ALA C 193 20.48 -11.09 25.48
N ASN C 194 21.52 -10.27 25.81
CA ASN C 194 22.95 -10.54 25.74
C ASN C 194 23.49 -11.08 24.41
N GLY C 195 22.87 -10.63 23.34
CA GLY C 195 23.28 -11.02 22.00
C GLY C 195 22.99 -12.46 21.52
N TYR C 196 22.10 -13.18 22.19
CA TYR C 196 21.69 -14.52 21.81
C TYR C 196 20.54 -14.47 20.78
N LEU C 197 19.91 -15.61 20.47
CA LEU C 197 19.17 -15.69 19.21
C LEU C 197 18.05 -14.66 19.18
N LEU C 198 17.23 -14.61 20.23
CA LEU C 198 16.14 -13.63 20.19
C LEU C 198 16.65 -12.20 20.07
N ASN C 199 17.71 -11.87 20.81
CA ASN C 199 18.30 -10.52 20.76
C ASN C 199 18.87 -10.25 19.35
N GLN C 200 19.31 -11.30 18.65
CA GLN C 200 19.77 -11.18 17.28
C GLN C 200 18.67 -10.79 16.32
N PHE C 201 17.43 -11.23 16.57
CA PHE C 201 16.26 -10.72 15.82
C PHE C 201 15.90 -9.24 16.23
N LEU C 202 15.99 -8.91 17.50
CA LEU C 202 15.60 -7.57 17.96
C LEU C 202 16.50 -6.43 17.44
N ASP C 203 17.77 -6.71 17.22
CA ASP C 203 18.78 -5.68 16.92
C ASP C 203 19.01 -5.60 15.40
N PRO C 204 18.82 -4.43 14.81
CA PRO C 204 19.03 -4.24 13.35
C PRO C 204 20.48 -4.56 12.91
N ILE C 205 21.42 -4.49 13.85
CA ILE C 205 22.78 -4.78 13.53
C ILE C 205 22.99 -6.25 13.12
N SER C 206 22.12 -7.12 13.59
CA SER C 206 22.14 -8.55 13.28
C SER C 206 20.88 -9.02 12.54
N ASN C 207 20.00 -8.10 12.13
CA ASN C 207 18.77 -8.48 11.49
C ASN C 207 18.34 -7.38 10.52
N ASN C 208 18.65 -7.62 9.25
CA ASN C 208 18.20 -6.78 8.12
C ASN C 208 17.32 -7.61 7.19
N ARG C 209 16.68 -8.64 7.74
CA ARG C 209 15.53 -9.31 7.06
C ARG C 209 14.46 -8.37 6.49
N THR C 210 13.82 -8.78 5.37
CA THR C 210 12.70 -8.00 4.84
C THR C 210 11.37 -8.75 4.78
N ASP C 211 11.26 -9.81 5.57
CA ASP C 211 10.01 -10.48 5.78
C ASP C 211 9.39 -9.95 7.07
N GLU C 212 8.37 -10.63 7.57
CA GLU C 212 7.66 -10.08 8.75
C GLU C 212 8.56 -10.15 9.99
N TYR C 213 9.72 -10.79 9.89
CA TYR C 213 10.59 -10.94 11.09
C TYR C 213 11.68 -9.88 11.12
N GLY C 214 11.75 -8.99 10.15
CA GLY C 214 12.57 -7.83 10.29
C GLY C 214 12.16 -6.62 9.49
N GLY C 215 13.02 -5.60 9.57
CA GLY C 215 12.89 -4.33 8.83
C GLY C 215 12.08 -3.24 9.47
N SER C 216 11.57 -3.50 10.66
CA SER C 216 10.82 -2.53 11.42
C SER C 216 10.88 -2.97 12.86
N ILE C 217 10.44 -2.10 13.74
CA ILE C 217 10.35 -2.39 15.13
C ILE C 217 9.41 -3.57 15.42
N GLU C 218 8.19 -3.51 14.89
CA GLU C 218 7.22 -4.57 15.14
C GLU C 218 7.74 -5.89 14.59
N ASN C 219 8.39 -5.82 13.44
CA ASN C 219 8.83 -7.07 12.83
C ASN C 219 9.93 -7.67 13.64
N ARG C 220 10.85 -6.82 14.09
CA ARG C 220 12.03 -7.31 14.77
C ARG C 220 11.65 -7.92 16.09
N ALA C 221 10.56 -7.44 16.66
CA ALA C 221 10.03 -7.97 17.95
C ALA C 221 9.19 -9.22 17.79
N ARG C 222 8.82 -9.55 16.56
CA ARG C 222 7.80 -10.61 16.32
C ARG C 222 8.16 -12.00 16.88
N PHE C 223 9.36 -12.44 16.65
CA PHE C 223 9.79 -13.76 17.18
C PHE C 223 9.74 -13.76 18.73
N THR C 224 10.27 -12.72 19.36
CA THR C 224 10.21 -12.65 20.80
C THR C 224 8.77 -12.70 21.32
N LEU C 225 7.86 -11.95 20.71
CA LEU C 225 6.48 -11.95 21.18
C LEU C 225 5.74 -13.23 20.90
N GLU C 226 6.04 -13.90 19.80
CA GLU C 226 5.46 -15.22 19.55
C GLU C 226 5.86 -16.23 20.63
N VAL C 227 7.10 -16.16 21.07
CA VAL C 227 7.64 -17.07 22.11
C VAL C 227 6.92 -16.82 23.41
N VAL C 228 6.83 -15.53 23.72
CA VAL C 228 6.09 -15.16 24.93
C VAL C 228 4.68 -15.71 24.86
N ASP C 229 3.96 -15.45 23.77
CA ASP C 229 2.55 -15.83 23.74
C ASP C 229 2.36 -17.37 23.80
N ALA C 230 3.26 -18.09 23.13
CA ALA C 230 3.21 -19.56 23.20
C ALA C 230 3.48 -20.12 24.62
N VAL C 231 4.44 -19.54 25.30
CA VAL C 231 4.84 -20.05 26.56
C VAL C 231 3.77 -19.72 27.59
N VAL C 232 3.28 -18.51 27.48
CA VAL C 232 2.23 -18.07 28.35
C VAL C 232 1.03 -19.00 28.16
N ASP C 233 0.69 -19.33 26.92
CA ASP C 233 -0.45 -20.23 26.69
C ASP C 233 -0.22 -21.62 27.31
N ALA C 234 1.01 -22.10 27.29
CA ALA C 234 1.36 -23.43 27.78
C ALA C 234 1.49 -23.54 29.29
N VAL C 235 2.08 -22.53 29.95
CA VAL C 235 2.32 -22.53 31.37
C VAL C 235 1.70 -21.41 32.22
N GLY C 236 1.15 -20.39 31.60
CA GLY C 236 0.47 -19.32 32.32
C GLY C 236 1.43 -18.16 32.42
N ALA C 237 0.92 -16.94 32.27
CA ALA C 237 1.76 -15.76 32.44
C ALA C 237 2.38 -15.64 33.79
N GLU C 238 1.77 -16.19 34.83
CA GLU C 238 2.34 -16.15 36.18
C GLU C 238 3.60 -17.08 36.39
N ARG C 239 3.85 -17.95 35.44
CA ARG C 239 5.04 -18.78 35.48
C ARG C 239 5.96 -18.39 34.32
N THR C 240 5.76 -17.21 33.77
CA THR C 240 6.54 -16.74 32.60
C THR C 240 7.23 -15.38 32.85
N SER C 241 8.49 -15.27 32.43
CA SER C 241 9.27 -14.04 32.55
C SER C 241 10.17 -13.93 31.33
N ILE C 242 10.80 -12.80 31.18
CA ILE C 242 11.63 -12.52 30.07
C ILE C 242 12.77 -11.59 30.44
N ARG C 243 13.90 -11.72 29.79
CA ARG C 243 15.10 -10.87 30.02
C ARG C 243 15.57 -10.14 28.76
N PHE C 244 15.80 -8.82 28.90
CA PHE C 244 16.33 -7.95 27.86
C PHE C 244 17.61 -7.23 28.34
N SER C 245 18.42 -6.76 27.38
CA SER C 245 19.62 -5.97 27.64
C SER C 245 19.74 -4.81 26.66
N PRO C 246 18.90 -3.77 26.81
CA PRO C 246 18.87 -2.72 25.75
C PRO C 246 20.21 -2.09 25.44
N TYR C 247 21.05 -1.92 26.48
CA TYR C 247 22.29 -1.25 26.31
C TYR C 247 23.47 -2.19 26.12
N GLY C 248 23.19 -3.48 25.98
CA GLY C 248 24.28 -4.48 25.85
C GLY C 248 25.00 -4.33 24.50
N THR C 249 26.31 -4.49 24.55
CA THR C 249 27.15 -4.66 23.39
C THR C 249 27.75 -6.06 23.23
N PHE C 250 27.79 -6.83 24.29
CA PHE C 250 28.20 -8.23 24.24
C PHE C 250 27.44 -9.02 23.18
N GLY C 251 28.17 -9.84 22.39
CA GLY C 251 27.59 -10.50 21.27
C GLY C 251 27.59 -9.64 19.99
N THR C 252 28.39 -8.56 19.97
CA THR C 252 28.35 -7.59 18.84
C THR C 252 26.92 -7.09 18.59
N MET C 253 26.35 -6.59 19.67
CA MET C 253 25.08 -5.92 19.66
C MET C 253 25.28 -4.39 19.62
N SER C 254 24.22 -3.65 19.23
CA SER C 254 24.38 -2.22 18.99
C SER C 254 24.71 -1.37 20.23
N GLY C 255 24.01 -1.66 21.30
CA GLY C 255 23.98 -0.79 22.49
C GLY C 255 23.49 0.62 22.22
N GLY C 256 23.75 1.49 23.20
CA GLY C 256 23.13 2.82 23.22
C GLY C 256 23.61 3.80 22.17
N GLU C 257 24.71 3.53 21.49
CA GLU C 257 25.17 4.41 20.42
C GLU C 257 24.22 4.38 19.24
N ASN C 258 23.44 3.31 19.08
CA ASN C 258 22.32 3.30 18.12
C ASN C 258 21.06 3.95 18.76
N PRO C 259 20.69 5.17 18.32
CA PRO C 259 19.59 5.89 19.04
C PRO C 259 18.17 5.28 18.94
N GLY C 260 18.00 4.27 18.11
CA GLY C 260 16.72 3.55 17.90
C GLY C 260 16.45 2.47 18.91
N ILE C 261 17.44 2.28 19.79
CA ILE C 261 17.39 1.15 20.76
C ILE C 261 16.24 1.22 21.69
N VAL C 262 16.11 2.35 22.34
CA VAL C 262 15.05 2.52 23.26
C VAL C 262 13.69 2.26 22.65
N ALA C 263 13.41 2.79 21.45
CA ALA C 263 12.11 2.53 20.86
C ALA C 263 11.79 1.02 20.73
N GLN C 264 12.79 0.24 20.34
CA GLN C 264 12.60 -1.21 20.14
C GLN C 264 12.09 -1.84 21.41
N TYR C 265 12.72 -1.48 22.56
CA TYR C 265 12.32 -2.06 23.83
C TYR C 265 11.06 -1.43 24.38
N ALA C 266 10.83 -0.15 24.12
CA ALA C 266 9.54 0.44 24.53
C ALA C 266 8.39 -0.24 23.82
N TYR C 267 8.63 -0.60 22.56
CA TYR C 267 7.60 -1.28 21.77
C TYR C 267 7.32 -2.68 22.34
N VAL C 268 8.36 -3.47 22.57
CA VAL C 268 8.16 -4.83 23.08
C VAL C 268 7.55 -4.78 24.48
N ILE C 269 8.04 -3.89 25.34
CA ILE C 269 7.51 -3.80 26.70
C ILE C 269 6.07 -3.26 26.73
N GLY C 270 5.75 -2.32 25.86
CA GLY C 270 4.36 -1.88 25.70
C GLY C 270 3.42 -2.99 25.24
N GLU C 271 3.88 -3.83 24.33
CA GLU C 271 3.12 -5.02 23.93
C GLU C 271 2.86 -6.01 25.07
N LEU C 272 3.85 -6.16 25.94
CA LEU C 272 3.73 -6.93 27.14
C LEU C 272 2.73 -6.30 28.15
N GLU C 273 2.71 -5.00 28.26
CA GLU C 273 1.73 -4.36 29.10
C GLU C 273 0.28 -4.47 28.58
N LYS C 274 0.12 -4.32 27.26
CA LYS C 274 -1.17 -4.58 26.58
C LYS C 274 -1.64 -6.01 26.95
N ARG C 275 -0.76 -7.00 26.93
CA ARG C 275 -1.15 -8.37 27.32
C ARG C 275 -1.59 -8.45 28.77
N ALA C 276 -0.80 -7.84 29.64
CA ALA C 276 -1.12 -7.73 31.02
C ALA C 276 -2.51 -7.16 31.26
N ARG C 277 -2.80 -6.03 30.60
CA ARG C 277 -4.08 -5.35 30.81
C ARG C 277 -5.27 -6.15 30.28
N ALA C 278 -5.05 -6.98 29.27
CA ALA C 278 -6.01 -7.95 28.79
C ALA C 278 -6.07 -9.24 29.66
N GLY C 279 -5.33 -9.28 30.77
CA GLY C 279 -5.41 -10.30 31.85
C GLY C 279 -4.34 -11.39 31.85
N LYS C 280 -3.25 -11.17 31.13
CA LYS C 280 -2.11 -12.11 31.09
C LYS C 280 -0.79 -11.40 31.34
N ARG C 281 -0.54 -11.07 32.61
CA ARG C 281 0.65 -10.28 32.97
C ARG C 281 1.81 -11.21 33.32
N LEU C 282 2.88 -11.10 32.55
CA LEU C 282 4.10 -11.80 32.97
C LEU C 282 4.51 -11.52 34.40
N ALA C 283 5.15 -12.52 35.00
CA ALA C 283 5.56 -12.50 36.40
C ALA C 283 6.54 -11.35 36.67
N PHE C 284 7.46 -11.20 35.74
CA PHE C 284 8.41 -10.09 35.78
C PHE C 284 9.18 -9.92 34.48
N ILE C 285 9.70 -8.71 34.28
CA ILE C 285 10.64 -8.43 33.22
C ILE C 285 11.97 -8.14 33.93
N ASP C 286 13.03 -8.73 33.39
CA ASP C 286 14.43 -8.66 33.88
C ASP C 286 15.21 -7.81 32.87
N LEU C 287 15.85 -6.76 33.33
CA LEU C 287 16.66 -5.88 32.48
C LEU C 287 18.10 -5.84 32.97
N VAL C 288 19.03 -6.03 32.04
CA VAL C 288 20.42 -5.74 32.35
C VAL C 288 20.64 -4.26 32.29
N GLU C 289 21.27 -3.72 33.30
CA GLU C 289 21.60 -2.26 33.37
C GLU C 289 22.70 -1.87 32.42
N PRO C 290 22.68 -0.63 31.96
CA PRO C 290 23.76 -0.09 31.14
C PRO C 290 25.04 -0.01 31.91
N ARG C 291 24.93 -0.22 33.20
CA ARG C 291 26.02 -0.31 34.09
C ARG C 291 27.01 -1.38 33.66
N VAL C 292 26.48 -2.48 33.06
CA VAL C 292 27.31 -3.57 32.53
C VAL C 292 26.88 -3.85 31.09
N THR C 293 27.66 -3.30 30.16
CA THR C 293 27.43 -3.48 28.71
C THR C 293 28.00 -4.81 28.20
N ASP C 294 28.93 -5.37 28.98
CA ASP C 294 29.64 -6.61 28.64
C ASP C 294 30.15 -7.26 29.93
N PRO C 295 29.59 -8.38 30.27
CA PRO C 295 29.86 -8.97 31.62
C PRO C 295 31.25 -9.63 31.71
N PHE C 296 31.96 -9.67 30.59
CA PHE C 296 33.36 -10.05 30.60
C PHE C 296 34.28 -8.94 31.09
N LEU C 297 33.76 -7.72 31.29
CA LEU C 297 34.66 -6.59 31.68
C LEU C 297 34.47 -6.28 33.15
N PRO C 298 35.51 -5.79 33.82
CA PRO C 298 35.47 -5.45 35.22
C PRO C 298 34.40 -4.44 35.55
N GLU C 299 33.84 -4.53 36.74
CA GLU C 299 32.86 -3.59 37.22
C GLU C 299 33.38 -2.16 37.00
N PHE C 300 32.51 -1.35 36.41
CA PHE C 300 32.70 0.09 36.18
C PHE C 300 33.39 0.32 34.82
N GLU C 301 33.91 -0.72 34.18
CA GLU C 301 34.37 -0.55 32.78
C GLU C 301 33.20 -0.63 31.80
N LYS C 302 33.30 0.13 30.72
CA LYS C 302 32.23 0.27 29.73
C LYS C 302 30.80 0.37 30.36
N TRP C 303 30.70 1.26 31.34
CA TRP C 303 29.42 1.72 31.86
C TRP C 303 28.83 2.77 30.87
N PHE C 304 27.73 2.42 30.16
CA PHE C 304 27.10 3.36 29.25
C PHE C 304 26.35 4.40 30.11
N LYS C 305 26.91 5.58 30.28
CA LYS C 305 26.29 6.61 31.10
C LYS C 305 25.28 7.51 30.37
N GLU C 306 25.09 7.35 29.05
CA GLU C 306 24.24 8.25 28.29
C GLU C 306 22.85 7.68 28.15
N GLY C 307 22.56 6.56 28.78
CA GLY C 307 21.23 5.99 28.68
C GLY C 307 20.89 5.16 29.92
N THR C 308 19.59 5.07 30.26
CA THR C 308 19.13 4.33 31.44
C THR C 308 17.93 3.47 31.05
N ASN C 309 17.55 2.58 31.95
CA ASN C 309 16.37 1.78 31.80
C ASN C 309 15.12 2.39 32.45
N GLU C 310 15.22 3.65 32.86
CA GLU C 310 14.09 4.26 33.56
C GLU C 310 12.83 4.32 32.73
N PHE C 311 12.97 4.33 31.41
CA PHE C 311 11.79 4.30 30.51
C PHE C 311 10.79 3.19 30.86
N ILE C 312 11.26 2.04 31.35
CA ILE C 312 10.34 0.93 31.66
C ILE C 312 9.15 1.35 32.54
N TYR C 313 9.40 2.24 33.46
CA TYR C 313 8.44 2.58 34.48
C TYR C 313 7.30 3.44 33.93
N SER C 314 7.44 3.95 32.71
CA SER C 314 6.35 4.69 32.07
C SER C 314 5.46 3.76 31.24
N ILE C 315 5.80 2.49 31.17
CA ILE C 315 5.15 1.57 30.26
C ILE C 315 4.62 0.30 30.99
N TRP C 316 5.54 -0.44 31.64
CA TRP C 316 5.24 -1.64 32.36
C TRP C 316 4.90 -1.35 33.82
N LYS C 317 3.76 -1.92 34.24
CA LYS C 317 3.27 -1.77 35.60
C LYS C 317 3.24 -3.13 36.34
N GLY C 318 4.27 -3.92 36.13
CA GLY C 318 4.52 -5.16 36.78
C GLY C 318 5.89 -5.12 37.42
N PRO C 319 6.31 -6.22 38.06
CA PRO C 319 7.63 -6.30 38.68
C PRO C 319 8.77 -6.16 37.61
N VAL C 320 9.86 -5.54 38.04
CA VAL C 320 11.06 -5.32 37.22
C VAL C 320 12.26 -5.79 38.02
N LEU C 321 13.06 -6.67 37.47
CA LEU C 321 14.34 -7.13 38.00
C LEU C 321 15.41 -6.35 37.20
N ARG C 322 16.31 -5.73 37.93
CA ARG C 322 17.41 -4.95 37.39
C ARG C 322 18.71 -5.51 37.93
N VAL C 323 19.64 -5.73 37.01
CA VAL C 323 20.93 -6.38 37.27
C VAL C 323 22.09 -5.67 36.62
N GLY C 324 23.17 -5.49 37.38
CA GLY C 324 24.41 -5.04 36.87
C GLY C 324 25.15 -4.05 37.76
N ASN C 325 26.28 -4.51 38.21
CA ASN C 325 27.16 -3.79 39.12
C ASN C 325 26.47 -3.14 40.33
N TYR C 326 25.60 -3.90 40.98
CA TYR C 326 24.97 -3.43 42.19
C TYR C 326 25.72 -3.72 43.50
N ALA C 327 26.62 -4.71 43.51
CA ALA C 327 27.28 -5.13 44.76
C ALA C 327 28.14 -4.00 45.30
N LEU C 328 28.83 -3.36 44.37
CA LEU C 328 29.76 -2.31 44.70
C LEU C 328 29.07 -0.96 44.91
N ASP C 329 27.75 -0.88 44.76
CA ASP C 329 27.01 0.39 44.76
C ASP C 329 25.70 0.19 45.51
N PRO C 330 25.79 -0.11 46.82
CA PRO C 330 24.54 -0.17 47.61
C PRO C 330 23.68 1.11 47.54
N ASP C 331 24.28 2.29 47.33
CA ASP C 331 23.50 3.54 47.19
C ASP C 331 22.59 3.48 46.00
N GLN C 332 23.11 2.98 44.88
CA GLN C 332 22.27 2.85 43.66
C GLN C 332 21.25 1.75 43.76
N ALA C 333 21.64 0.62 44.33
CA ALA C 333 20.65 -0.42 44.63
C ALA C 333 19.48 0.09 45.48
N THR C 334 19.80 0.81 46.57
CA THR C 334 18.79 1.38 47.41
C THR C 334 17.84 2.33 46.65
N LEU C 335 18.43 3.25 45.88
CA LEU C 335 17.69 4.21 45.09
C LEU C 335 16.80 3.50 44.06
N ASP C 336 17.36 2.57 43.32
CA ASP C 336 16.57 1.85 42.27
C ASP C 336 15.45 1.04 42.93
N SER C 337 15.69 0.51 44.14
CA SER C 337 14.68 -0.30 44.78
C SER C 337 13.50 0.54 45.29
N LYS C 338 13.61 1.87 45.30
CA LYS C 338 12.48 2.72 45.67
C LYS C 338 11.44 2.80 44.56
N LYS C 339 11.84 2.40 43.35
CA LYS C 339 10.89 2.33 42.20
C LYS C 339 9.92 1.16 42.46
N PRO C 340 8.70 1.26 41.95
CA PRO C 340 7.72 0.24 42.32
C PRO C 340 8.14 -1.18 41.85
N ASN C 341 7.80 -2.14 42.68
CA ASN C 341 7.95 -3.54 42.38
C ASN C 341 9.27 -3.90 41.73
N THR C 342 10.33 -3.36 42.31
CA THR C 342 11.68 -3.51 41.72
C THR C 342 12.56 -4.46 42.53
N LEU C 343 13.06 -5.48 41.87
CA LEU C 343 13.99 -6.46 42.44
C LEU C 343 15.41 -6.12 41.98
N ILE C 344 16.39 -6.47 42.81
CA ILE C 344 17.78 -6.19 42.51
C ILE C 344 18.56 -7.49 42.40
N GLY C 345 19.17 -7.69 41.22
CA GLY C 345 19.91 -8.88 40.92
C GLY C 345 21.38 -8.67 41.11
N TYR C 346 22.06 -9.71 41.58
CA TYR C 346 23.53 -9.69 41.80
C TYR C 346 24.13 -10.92 41.15
N GLY C 347 25.01 -10.74 40.13
CA GLY C 347 25.58 -11.85 39.38
C GLY C 347 26.93 -12.29 39.94
N ARG C 348 27.99 -11.59 39.56
CA ARG C 348 29.34 -11.99 39.96
C ARG C 348 29.49 -12.07 41.47
N SER C 349 28.77 -11.21 42.17
CA SER C 349 28.91 -11.22 43.62
C SER C 349 28.13 -12.44 44.21
N PHE C 350 27.11 -12.97 43.53
CA PHE C 350 26.42 -14.19 44.00
C PHE C 350 27.28 -15.41 43.67
N ILE C 351 27.97 -15.38 42.53
CA ILE C 351 28.98 -16.43 42.27
C ILE C 351 29.89 -16.58 43.53
N ALA C 352 30.36 -15.43 44.07
CA ALA C 352 31.40 -15.39 45.06
C ALA C 352 30.91 -15.51 46.48
N ASN C 353 29.60 -15.29 46.72
CA ASN C 353 29.08 -15.24 48.11
C ASN C 353 27.89 -16.12 48.24
N PRO C 354 28.08 -17.36 48.72
CA PRO C 354 26.86 -18.23 48.96
C PRO C 354 25.77 -17.57 49.80
N ASP C 355 26.18 -16.83 50.80
CA ASP C 355 25.29 -16.13 51.75
C ASP C 355 25.21 -14.66 51.42
N LEU C 356 25.16 -14.35 50.15
CA LEU C 356 25.10 -12.95 49.75
C LEU C 356 23.91 -12.25 50.40
N VAL C 357 22.74 -12.89 50.49
CA VAL C 357 21.58 -12.18 50.95
C VAL C 357 21.80 -11.64 52.39
N TYR C 358 22.24 -12.51 53.25
CA TYR C 358 22.58 -12.15 54.61
C TYR C 358 23.63 -11.03 54.68
N ARG C 359 24.66 -11.14 53.87
CA ARG C 359 25.73 -10.12 53.85
C ARG C 359 25.19 -8.78 53.36
N LEU C 360 24.27 -8.79 52.39
CA LEU C 360 23.65 -7.52 51.95
C LEU C 360 22.79 -6.98 53.06
N GLU C 361 22.02 -7.86 53.72
CA GLU C 361 21.09 -7.37 54.72
C GLU C 361 21.83 -6.65 55.81
N LYS C 362 22.99 -7.20 56.20
CA LYS C 362 23.72 -6.75 57.40
C LYS C 362 24.86 -5.83 57.08
N GLY C 363 25.12 -5.53 55.81
CA GLY C 363 26.21 -4.67 55.47
C GLY C 363 27.59 -5.28 55.70
N LEU C 364 27.74 -6.56 55.49
CA LEU C 364 29.04 -7.21 55.71
C LEU C 364 29.94 -7.18 54.46
N PRO C 365 31.28 -7.31 54.66
CA PRO C 365 32.21 -7.44 53.55
C PRO C 365 31.81 -8.61 52.60
N LEU C 366 32.04 -8.46 51.28
CA LEU C 366 31.70 -9.51 50.33
C LEU C 366 32.93 -10.19 49.79
N ASN C 367 32.91 -11.48 49.62
CA ASN C 367 34.07 -12.13 48.99
C ASN C 367 34.20 -11.57 47.56
N LYS C 368 35.42 -11.41 47.13
CA LYS C 368 35.70 -11.09 45.73
C LYS C 368 35.68 -12.33 44.86
N TYR C 369 35.05 -12.22 43.69
CA TYR C 369 34.97 -13.33 42.77
C TYR C 369 36.32 -13.59 42.10
N ASP C 370 36.54 -14.80 41.62
CA ASP C 370 37.69 -15.17 40.86
C ASP C 370 37.26 -15.59 39.44
N ARG C 371 37.48 -14.70 38.47
CA ARG C 371 37.08 -14.97 37.09
C ARG C 371 37.69 -16.25 36.54
N ASN C 372 38.90 -16.56 37.02
CA ASN C 372 39.62 -17.74 36.59
C ASN C 372 38.79 -19.02 36.61
N THR C 373 37.87 -19.11 37.58
CA THR C 373 37.06 -20.28 37.73
C THR C 373 35.61 -20.09 37.41
N PHE C 374 35.25 -19.00 36.74
CA PHE C 374 33.88 -18.84 36.26
C PHE C 374 33.35 -20.03 35.42
N TYR C 375 34.22 -20.63 34.61
CA TYR C 375 33.85 -21.63 33.59
C TYR C 375 34.65 -22.91 33.64
N THR C 376 35.53 -23.06 34.64
CA THR C 376 36.32 -24.27 34.78
C THR C 376 35.51 -25.45 35.22
N PHE C 377 35.95 -26.64 34.81
CA PHE C 377 35.24 -27.85 35.16
C PHE C 377 35.71 -28.36 36.50
N THR C 378 35.31 -27.63 37.51
CA THR C 378 35.80 -27.82 38.89
C THR C 378 34.79 -27.43 39.99
N LYS C 379 34.94 -27.97 41.21
CA LYS C 379 34.20 -27.50 42.37
C LYS C 379 34.82 -26.23 42.89
N GLU C 380 36.14 -26.13 42.80
CA GLU C 380 36.83 -24.89 43.14
C GLU C 380 36.32 -23.72 42.32
N GLY C 381 35.98 -22.61 43.01
CA GLY C 381 35.36 -21.48 42.35
C GLY C 381 33.89 -21.69 42.00
N TYR C 382 33.26 -22.72 42.56
CA TYR C 382 31.86 -23.05 42.33
C TYR C 382 31.17 -23.19 43.71
N THR C 383 31.66 -24.16 44.49
CA THR C 383 31.01 -24.50 45.76
C THR C 383 31.88 -24.26 46.92
N ASP C 384 33.10 -23.74 46.70
CA ASP C 384 34.10 -23.60 47.85
C ASP C 384 34.29 -22.14 48.28
N TYR C 385 33.53 -21.20 47.70
CA TYR C 385 33.60 -19.85 48.23
C TYR C 385 33.03 -19.87 49.70
N PRO C 386 33.68 -19.17 50.63
CA PRO C 386 33.31 -19.32 52.03
C PRO C 386 32.09 -18.50 52.46
N SER C 387 31.33 -18.99 53.46
CA SER C 387 30.37 -18.17 54.18
C SER C 387 31.12 -17.01 54.86
N TYR C 388 30.36 -16.02 55.33
CA TYR C 388 30.93 -14.88 56.04
C TYR C 388 31.78 -15.33 57.23
N GLU C 389 31.22 -16.22 58.04
CA GLU C 389 31.99 -16.61 59.24
C GLU C 389 33.29 -17.32 58.85
N GLU C 390 33.21 -18.15 57.82
CA GLU C 390 34.38 -18.82 57.32
C GLU C 390 35.44 -17.88 56.75
N SER C 391 35.02 -16.85 56.03
CA SER C 391 35.97 -15.87 55.53
C SER C 391 36.69 -15.14 56.69
N VAL C 392 35.97 -14.89 57.79
CA VAL C 392 36.55 -14.21 59.00
C VAL C 392 37.58 -15.19 59.60
N ALA C 393 37.24 -16.45 59.70
CA ALA C 393 38.16 -17.44 60.25
C ALA C 393 39.45 -17.57 59.42
N LYS C 394 39.34 -17.36 58.11
CA LYS C 394 40.47 -17.41 57.21
C LYS C 394 41.20 -16.07 57.10
N GLY C 395 40.73 -15.04 57.81
CA GLY C 395 41.43 -13.74 57.84
C GLY C 395 41.38 -12.98 56.53
N TYR C 396 40.27 -13.11 55.82
CA TYR C 396 40.07 -12.31 54.63
C TYR C 396 40.15 -10.82 54.94
N LYS C 397 40.68 -10.09 53.95
CA LYS C 397 40.79 -8.63 53.99
C LYS C 397 40.45 -8.12 52.58
N LYS C 398 40.14 -6.82 52.46
CA LYS C 398 39.97 -6.19 51.14
C LYS C 398 41.20 -6.38 50.21
N GLU C 399 40.89 -6.85 49.02
CA GLU C 399 41.64 -6.72 47.76
C GLU C 399 42.47 -5.43 47.67
N MET D 1 -23.20 32.83 -42.66
CA MET D 1 -21.98 32.60 -41.81
C MET D 1 -20.69 32.31 -42.63
N SER D 2 -20.10 31.14 -42.40
CA SER D 2 -18.66 30.96 -42.45
C SER D 2 -18.27 29.51 -42.84
N TYR D 3 -16.99 29.34 -43.18
CA TYR D 3 -16.42 28.04 -43.33
C TYR D 3 -15.84 27.65 -41.98
N MET D 4 -15.77 26.35 -41.70
CA MET D 4 -15.20 25.86 -40.47
C MET D 4 -13.71 26.16 -40.44
N ASN D 5 -13.21 26.45 -39.24
CA ASN D 5 -11.83 26.80 -39.02
C ASN D 5 -10.93 25.57 -38.90
N PHE D 6 -10.39 25.10 -40.03
CA PHE D 6 -9.34 24.09 -39.98
C PHE D 6 -8.43 24.13 -41.22
N ASP D 7 -8.50 23.16 -42.10
CA ASP D 7 -7.38 22.82 -42.93
C ASP D 7 -7.77 21.65 -43.82
N PRO D 8 -8.61 21.94 -44.81
CA PRO D 8 -9.22 20.81 -45.50
C PRO D 8 -8.17 20.06 -46.32
N LYS D 9 -8.44 18.80 -46.66
CA LYS D 9 -7.52 17.98 -47.42
C LYS D 9 -8.24 17.03 -48.36
N PRO D 10 -7.74 16.91 -49.60
CA PRO D 10 -8.40 16.00 -50.51
C PRO D 10 -8.38 14.60 -49.95
N LEU D 11 -9.57 13.99 -49.84
CA LEU D 11 -9.69 12.60 -49.46
C LEU D 11 -9.83 11.73 -50.70
N GLY D 12 -9.81 12.39 -51.88
CA GLY D 12 -10.01 11.71 -53.15
C GLY D 12 -9.12 10.51 -53.30
N ASP D 13 -7.88 10.65 -52.83
CA ASP D 13 -6.80 9.70 -53.05
C ASP D 13 -6.57 8.90 -51.76
N THR D 14 -7.69 8.57 -51.10
CA THR D 14 -7.68 7.62 -49.98
C THR D 14 -8.74 6.57 -50.17
N ASN D 15 -8.81 5.65 -49.19
CA ASN D 15 -9.84 4.56 -49.19
C ASN D 15 -11.27 5.03 -48.96
N ILE D 16 -11.40 6.26 -48.54
CA ILE D 16 -12.73 6.83 -48.42
C ILE D 16 -13.39 6.95 -49.79
N PHE D 17 -12.61 7.17 -50.85
CA PHE D 17 -13.17 7.19 -52.19
C PHE D 17 -12.99 5.91 -53.01
N LYS D 18 -12.85 4.76 -52.31
CA LYS D 18 -12.96 3.46 -52.98
C LYS D 18 -14.40 2.96 -52.88
N PRO D 19 -14.93 2.38 -53.96
CA PRO D 19 -16.25 1.73 -53.87
C PRO D 19 -16.25 0.57 -52.91
N ILE D 20 -17.43 0.25 -52.39
CA ILE D 20 -17.60 -0.89 -51.50
C ILE D 20 -19.06 -1.37 -51.55
N LYS D 21 -19.24 -2.66 -51.42
CA LYS D 21 -20.56 -3.22 -51.37
C LYS D 21 -21.04 -3.21 -49.93
N ILE D 22 -22.21 -2.66 -49.71
CA ILE D 22 -22.86 -2.69 -48.38
C ILE D 22 -24.25 -3.23 -48.59
N GLY D 23 -24.50 -4.40 -48.00
CA GLY D 23 -25.73 -5.10 -48.27
C GLY D 23 -25.90 -5.29 -49.80
N ASN D 24 -27.04 -4.88 -50.32
CA ASN D 24 -27.31 -5.02 -51.76
C ASN D 24 -26.73 -3.89 -52.60
N ASN D 25 -26.15 -2.90 -51.94
CA ASN D 25 -25.84 -1.64 -52.55
C ASN D 25 -24.37 -1.54 -52.89
N GLU D 26 -24.07 -1.16 -54.12
CA GLU D 26 -22.71 -0.80 -54.47
C GLU D 26 -22.45 0.67 -54.27
N LEU D 27 -21.79 1.00 -53.18
CA LEU D 27 -21.43 2.39 -52.88
C LEU D 27 -20.30 2.87 -53.73
N LYS D 28 -20.35 4.11 -54.17
CA LYS D 28 -19.27 4.60 -55.00
C LYS D 28 -18.15 5.17 -54.14
N HIS D 29 -18.45 5.42 -52.87
CA HIS D 29 -17.50 5.99 -51.89
C HIS D 29 -17.97 5.67 -50.44
N ARG D 30 -17.14 6.07 -49.47
CA ARG D 30 -17.29 5.61 -48.06
C ARG D 30 -17.66 6.77 -47.09
N VAL D 31 -18.06 7.91 -47.66
CA VAL D 31 -18.58 9.01 -46.88
C VAL D 31 -20.07 8.73 -46.63
N VAL D 32 -20.45 8.62 -45.36
CA VAL D 32 -21.82 8.22 -45.00
C VAL D 32 -22.55 9.35 -44.22
N MET D 33 -23.83 9.64 -44.56
CA MET D 33 -24.72 10.46 -43.73
C MET D 33 -25.34 9.60 -42.68
N PRO D 34 -24.91 9.75 -41.41
CA PRO D 34 -25.50 8.93 -40.37
C PRO D 34 -26.86 9.50 -39.99
N ALA D 35 -27.50 8.84 -39.03
CA ALA D 35 -28.79 9.27 -38.59
C ALA D 35 -28.72 10.60 -37.85
N LEU D 36 -29.59 11.54 -38.25
CA LEU D 36 -29.65 12.87 -37.68
C LEU D 36 -31.10 13.35 -37.47
N THR D 37 -31.50 13.43 -36.21
CA THR D 37 -32.80 13.94 -35.81
C THR D 37 -32.88 15.43 -36.03
N ARG D 38 -33.84 15.83 -36.85
CA ARG D 38 -34.09 17.18 -37.24
C ARG D 38 -35.46 17.75 -36.81
N MET D 39 -36.43 16.89 -36.45
CA MET D 39 -37.73 17.33 -35.96
C MET D 39 -38.49 18.26 -36.87
N ARG D 40 -38.45 17.99 -38.17
CA ARG D 40 -39.39 18.69 -39.09
C ARG D 40 -40.59 17.85 -39.45
N ALA D 41 -40.80 16.71 -38.79
CA ALA D 41 -41.97 15.87 -39.09
C ALA D 41 -43.23 16.61 -38.61
N ILE D 42 -44.35 16.36 -39.28
CA ILE D 42 -45.64 16.98 -38.92
C ILE D 42 -46.34 16.29 -37.71
N ALA D 43 -46.84 17.09 -36.75
CA ALA D 43 -47.70 16.65 -35.64
C ALA D 43 -49.13 17.16 -35.85
N PRO D 44 -50.15 16.33 -35.58
CA PRO D 44 -50.03 14.98 -35.05
C PRO D 44 -49.75 14.00 -36.16
N GLY D 45 -49.52 12.75 -35.80
CA GLY D 45 -49.31 11.72 -36.81
C GLY D 45 -47.86 11.27 -37.09
N ASN D 46 -46.90 11.98 -36.55
CA ASN D 46 -45.47 11.75 -36.82
C ASN D 46 -45.19 11.54 -38.33
N ILE D 47 -45.63 12.47 -39.12
CA ILE D 47 -45.63 12.28 -40.59
C ILE D 47 -44.42 12.98 -41.14
N PRO D 48 -43.63 12.28 -41.96
CA PRO D 48 -42.53 12.95 -42.60
C PRO D 48 -42.99 14.14 -43.42
N ASN D 49 -42.24 15.22 -43.29
CA ASN D 49 -42.63 16.48 -43.79
C ASN D 49 -42.13 16.50 -45.25
N THR D 50 -42.76 15.76 -46.12
CA THR D 50 -42.26 15.58 -47.53
C THR D 50 -41.94 16.90 -48.22
N GLU D 51 -42.85 17.88 -48.10
CA GLU D 51 -42.56 19.26 -48.61
C GLU D 51 -41.21 19.88 -48.25
N TRP D 52 -40.61 19.59 -47.08
CA TRP D 52 -39.22 20.02 -46.81
C TRP D 52 -38.21 18.88 -46.86
N ALA D 53 -38.62 17.73 -46.34
CA ALA D 53 -37.73 16.60 -46.21
C ALA D 53 -37.23 15.94 -47.50
N GLU D 54 -38.08 15.82 -48.50
CA GLU D 54 -37.63 15.33 -49.82
C GLU D 54 -36.42 16.17 -50.29
N GLU D 55 -36.52 17.49 -50.18
CA GLU D 55 -35.46 18.36 -50.66
C GLU D 55 -34.21 18.20 -49.81
N TYR D 56 -34.38 18.06 -48.52
CA TYR D 56 -33.21 17.87 -47.65
C TYR D 56 -32.42 16.61 -47.99
N TYR D 57 -33.12 15.50 -48.11
CA TYR D 57 -32.50 14.23 -48.51
C TYR D 57 -32.01 14.19 -49.98
N ARG D 58 -32.71 14.87 -50.87
CA ARG D 58 -32.23 15.01 -52.28
C ARG D 58 -30.86 15.71 -52.31
N GLN D 59 -30.79 16.87 -51.67
CA GLN D 59 -29.53 17.56 -51.51
C GLN D 59 -28.41 16.67 -51.05
N ARG D 60 -28.61 15.95 -49.95
CA ARG D 60 -27.51 15.25 -49.30
C ARG D 60 -27.14 13.94 -49.96
N SER D 61 -28.00 13.48 -50.87
CA SER D 61 -27.77 12.26 -51.61
C SER D 61 -27.28 12.57 -53.06
N GLN D 62 -26.96 13.82 -53.35
CA GLN D 62 -26.63 14.29 -54.73
C GLN D 62 -25.40 13.64 -55.37
N TYR D 63 -24.45 13.21 -54.53
CA TYR D 63 -23.23 12.50 -55.02
C TYR D 63 -23.63 11.06 -55.27
N PRO D 64 -23.65 10.65 -56.54
CA PRO D 64 -24.16 9.31 -56.83
C PRO D 64 -23.39 8.27 -56.05
N GLY D 65 -24.12 7.32 -55.44
CA GLY D 65 -23.53 6.20 -54.80
C GLY D 65 -23.30 6.41 -53.31
N THR D 66 -24.00 7.38 -52.71
CA THR D 66 -23.89 7.70 -51.31
C THR D 66 -24.86 6.90 -50.44
N LEU D 67 -24.35 6.42 -49.31
CA LEU D 67 -25.22 5.79 -48.32
C LEU D 67 -25.80 6.80 -47.31
N ILE D 68 -27.14 6.89 -47.25
CA ILE D 68 -27.84 7.85 -46.41
C ILE D 68 -28.51 7.03 -45.34
N ILE D 69 -28.28 7.37 -44.07
CA ILE D 69 -29.11 6.78 -43.03
C ILE D 69 -30.09 7.86 -42.58
N THR D 70 -31.36 7.52 -42.50
CA THR D 70 -32.36 8.47 -42.09
C THR D 70 -32.23 8.89 -40.63
N GLU D 71 -32.83 10.04 -40.32
CA GLU D 71 -33.09 10.41 -38.96
C GLU D 71 -33.70 9.26 -38.25
N GLY D 72 -33.47 9.15 -36.93
CA GLY D 72 -34.26 8.24 -36.13
C GLY D 72 -35.75 8.30 -36.42
N THR D 73 -36.38 7.13 -36.57
CA THR D 73 -37.75 6.98 -36.94
C THR D 73 -38.39 5.91 -36.08
N PHE D 74 -39.55 6.27 -35.50
CA PHE D 74 -40.25 5.44 -34.54
C PHE D 74 -40.95 4.28 -35.23
N PRO D 75 -40.74 3.06 -34.70
CA PRO D 75 -41.36 1.90 -35.35
C PRO D 75 -42.77 1.62 -34.91
N SER D 76 -43.19 2.33 -33.85
CA SER D 76 -44.55 2.25 -33.32
C SER D 76 -44.75 3.47 -32.45
N ALA D 77 -46.01 3.75 -32.11
CA ALA D 77 -46.34 4.97 -31.36
C ALA D 77 -45.74 4.85 -29.94
N GLN D 78 -45.83 3.65 -29.36
CA GLN D 78 -45.24 3.43 -28.02
C GLN D 78 -43.73 3.61 -28.01
N SER D 79 -43.07 3.49 -29.17
CA SER D 79 -41.65 3.75 -29.26
C SER D 79 -41.25 5.21 -29.18
N GLY D 80 -42.21 6.13 -29.35
CA GLY D 80 -41.90 7.55 -29.51
C GLY D 80 -42.09 8.43 -28.28
N GLY D 81 -42.65 9.61 -28.49
CA GLY D 81 -42.73 10.60 -27.45
C GLY D 81 -42.16 11.95 -27.83
N TYR D 82 -41.75 12.14 -29.10
CA TYR D 82 -41.31 13.48 -29.63
C TYR D 82 -42.20 13.69 -30.83
N PRO D 83 -43.12 14.65 -30.77
CA PRO D 83 -44.17 14.74 -31.80
C PRO D 83 -43.72 15.10 -33.18
N ASN D 84 -42.51 15.68 -33.30
CA ASN D 84 -42.09 16.18 -34.57
C ASN D 84 -41.04 15.25 -35.16
N VAL D 85 -40.98 14.01 -34.64
CA VAL D 85 -40.10 12.99 -35.18
C VAL D 85 -40.96 12.03 -35.98
N PRO D 86 -40.46 11.55 -37.15
CA PRO D 86 -41.30 10.66 -37.96
C PRO D 86 -41.42 9.25 -37.43
N GLY D 87 -42.52 8.60 -37.78
CA GLY D 87 -42.68 7.16 -37.55
C GLY D 87 -42.75 6.48 -38.89
N ILE D 88 -42.87 5.16 -38.89
CA ILE D 88 -42.90 4.37 -40.12
C ILE D 88 -43.81 3.16 -40.01
N TRP D 89 -44.85 3.27 -39.17
CA TRP D 89 -45.87 2.22 -39.10
C TRP D 89 -47.15 2.54 -39.82
N SER D 90 -47.43 3.82 -40.08
CA SER D 90 -48.74 4.20 -40.62
C SER D 90 -48.78 4.42 -42.13
N LYS D 91 -49.97 4.28 -42.69
CA LYS D 91 -50.09 4.44 -44.13
C LYS D 91 -49.74 5.86 -44.54
N GLU D 92 -50.18 6.86 -43.76
CA GLU D 92 -49.82 8.27 -43.98
C GLU D 92 -48.32 8.52 -43.95
N GLN D 93 -47.62 7.89 -43.00
CA GLN D 93 -46.17 8.00 -42.94
C GLN D 93 -45.48 7.36 -44.12
N LEU D 94 -45.92 6.17 -44.44
CA LEU D 94 -45.28 5.39 -45.45
C LEU D 94 -45.44 6.00 -46.82
N ALA D 95 -46.54 6.71 -47.02
CA ALA D 95 -46.77 7.40 -48.31
C ALA D 95 -45.75 8.52 -48.53
N GLU D 96 -45.36 9.17 -47.43
CA GLU D 96 -44.38 10.24 -47.51
C GLU D 96 -43.01 9.68 -47.56
N TRP D 97 -42.72 8.64 -46.75
CA TRP D 97 -41.42 7.98 -46.87
C TRP D 97 -41.13 7.49 -48.30
N LYS D 98 -42.15 6.99 -48.96
CA LYS D 98 -41.94 6.47 -50.32
C LYS D 98 -41.40 7.57 -51.26
N LYS D 99 -41.98 8.76 -51.18
CA LYS D 99 -41.46 9.93 -51.94
C LYS D 99 -40.02 10.29 -51.60
N ILE D 100 -39.69 10.21 -50.31
CA ILE D 100 -38.35 10.54 -49.86
C ILE D 100 -37.33 9.52 -50.39
N PHE D 101 -37.67 8.23 -50.37
CA PHE D 101 -36.75 7.25 -50.84
C PHE D 101 -36.59 7.40 -52.33
N ASN D 102 -37.68 7.74 -52.99
CA ASN D 102 -37.66 7.94 -54.46
C ASN D 102 -36.60 8.97 -54.83
N ALA D 103 -36.61 10.07 -54.09
CA ALA D 103 -35.75 11.21 -54.36
C ALA D 103 -34.27 10.86 -54.22
N ILE D 104 -33.99 10.10 -53.18
CA ILE D 104 -32.66 9.56 -52.99
C ILE D 104 -32.21 8.59 -54.08
N HIS D 105 -33.09 7.68 -54.47
CA HIS D 105 -32.78 6.74 -55.52
C HIS D 105 -32.65 7.45 -56.90
N GLU D 106 -33.36 8.54 -57.10
CA GLU D 106 -33.26 9.24 -58.39
C GLU D 106 -31.86 9.89 -58.52
N ASN D 107 -31.17 10.05 -57.38
CA ASN D 107 -29.74 10.38 -57.38
C ASN D 107 -28.77 9.21 -57.39
N LYS D 108 -29.28 7.98 -57.56
CA LYS D 108 -28.42 6.76 -57.68
C LYS D 108 -27.73 6.57 -56.33
N SER D 109 -28.39 7.05 -55.30
CA SER D 109 -27.81 6.92 -53.94
C SER D 109 -28.71 5.95 -53.16
N PHE D 110 -28.35 5.64 -51.90
CA PHE D 110 -29.05 4.60 -51.07
C PHE D 110 -29.55 5.09 -49.73
N VAL D 111 -30.64 4.49 -49.23
CA VAL D 111 -31.22 4.91 -47.96
C VAL D 111 -31.55 3.75 -47.02
N TRP D 112 -31.12 3.93 -45.77
CA TRP D 112 -31.35 2.98 -44.66
C TRP D 112 -32.15 3.68 -43.57
N VAL D 113 -33.29 3.10 -43.15
CA VAL D 113 -34.14 3.73 -42.17
C VAL D 113 -33.65 3.29 -40.79
N GLN D 114 -33.30 4.28 -39.97
CA GLN D 114 -32.92 3.99 -38.58
C GLN D 114 -34.21 3.84 -37.71
N LEU D 115 -34.34 2.68 -37.09
CA LEU D 115 -35.47 2.38 -36.23
C LEU D 115 -35.12 2.68 -34.78
N TRP D 116 -35.82 3.68 -34.25
CA TRP D 116 -35.44 4.38 -33.02
C TRP D 116 -36.52 4.22 -31.98
N VAL D 117 -36.16 3.71 -30.78
CA VAL D 117 -37.13 3.44 -29.72
C VAL D 117 -36.53 4.10 -28.45
N LEU D 118 -37.30 4.99 -27.85
CA LEU D 118 -36.73 6.02 -26.96
C LEU D 118 -36.49 5.52 -25.53
N GLY D 119 -37.35 4.66 -25.02
CA GLY D 119 -37.32 4.39 -23.57
C GLY D 119 -37.36 5.64 -22.69
N ARG D 120 -36.52 5.68 -21.68
CA ARG D 120 -36.55 6.78 -20.70
C ARG D 120 -36.14 8.13 -21.22
N GLN D 121 -35.64 8.22 -22.47
CA GLN D 121 -35.28 9.53 -23.01
C GLN D 121 -36.53 10.29 -23.48
N ALA D 122 -37.65 9.59 -23.60
CA ALA D 122 -38.88 10.15 -24.08
C ALA D 122 -39.37 11.27 -23.16
N TRP D 123 -40.26 12.14 -23.68
CA TRP D 123 -41.01 13.10 -22.85
C TRP D 123 -42.32 12.50 -22.28
N PRO D 124 -42.36 12.29 -20.97
CA PRO D 124 -43.43 11.42 -20.44
C PRO D 124 -44.83 12.05 -20.46
N GLU D 125 -44.89 13.36 -20.41
CA GLU D 125 -46.15 14.09 -20.46
C GLU D 125 -46.74 13.99 -21.87
N VAL D 126 -45.89 13.95 -22.90
CA VAL D 126 -46.34 13.70 -24.31
C VAL D 126 -46.94 12.33 -24.43
N LEU D 127 -46.21 11.35 -23.89
CA LEU D 127 -46.73 10.00 -23.88
C LEU D 127 -48.04 9.89 -23.12
N LYS D 128 -48.12 10.54 -21.95
CA LYS D 128 -49.27 10.40 -21.06
C LYS D 128 -50.57 10.85 -21.74
N LYS D 129 -50.47 11.99 -22.42
CA LYS D 129 -51.55 12.57 -23.25
C LYS D 129 -52.05 11.63 -24.36
N GLU D 130 -51.17 10.78 -24.92
CA GLU D 130 -51.53 9.75 -25.87
C GLU D 130 -51.90 8.43 -25.19
N GLY D 131 -51.86 8.35 -23.86
CA GLY D 131 -52.20 7.10 -23.18
C GLY D 131 -51.10 6.06 -23.29
N LEU D 132 -49.88 6.50 -23.50
CA LEU D 132 -48.75 5.58 -23.64
C LEU D 132 -47.88 5.50 -22.36
N ARG D 133 -47.20 4.37 -22.16
CA ARG D 133 -46.29 4.26 -21.00
C ARG D 133 -45.00 5.05 -21.16
N TYR D 134 -44.30 5.25 -20.05
CA TYR D 134 -42.94 5.81 -20.03
C TYR D 134 -42.03 4.64 -19.70
N ASP D 135 -41.45 4.07 -20.74
CA ASP D 135 -40.78 2.72 -20.66
C ASP D 135 -39.28 2.78 -20.43
N SER D 136 -38.75 1.86 -19.63
CA SER D 136 -37.33 1.57 -19.64
C SER D 136 -37.07 0.10 -19.23
N ALA D 137 -35.80 -0.20 -18.92
CA ALA D 137 -35.48 -1.53 -18.37
C ALA D 137 -36.00 -1.77 -16.97
N THR D 138 -36.11 -0.70 -16.18
CA THR D 138 -36.44 -0.81 -14.74
C THR D 138 -37.46 0.23 -14.39
N ASP D 139 -38.11 0.06 -13.26
CA ASP D 139 -39.03 1.04 -12.71
C ASP D 139 -38.29 2.21 -12.08
N ASP D 140 -37.11 1.93 -11.56
CA ASP D 140 -36.51 2.86 -10.56
C ASP D 140 -35.32 3.68 -10.98
N LEU D 141 -34.63 3.23 -12.02
CA LEU D 141 -33.41 3.90 -12.44
C LEU D 141 -33.70 5.02 -13.44
N TYR D 142 -34.06 6.19 -12.91
CA TYR D 142 -34.34 7.36 -13.73
C TYR D 142 -33.03 7.94 -14.27
N MET D 143 -33.10 8.64 -15.41
CA MET D 143 -31.90 9.25 -16.03
C MET D 143 -31.47 10.56 -15.35
N GLY D 144 -32.34 11.14 -14.52
CA GLY D 144 -31.91 12.23 -13.65
C GLY D 144 -33.04 12.74 -12.80
N GLU D 145 -32.73 13.66 -11.91
CA GLU D 145 -33.77 14.17 -11.00
C GLU D 145 -34.76 15.03 -11.73
N GLU D 146 -34.33 15.79 -12.74
CA GLU D 146 -35.31 16.65 -13.41
C GLU D 146 -36.31 15.81 -14.25
N GLU D 147 -35.79 14.74 -14.87
CA GLU D 147 -36.58 13.81 -15.64
C GLU D 147 -37.60 13.04 -14.78
N LYS D 148 -37.13 12.59 -13.64
CA LYS D 148 -38.00 11.94 -12.62
C LYS D 148 -39.14 12.86 -12.26
N GLU D 149 -38.85 14.10 -11.91
CA GLU D 149 -39.94 15.03 -11.53
C GLU D 149 -40.91 15.33 -12.64
N ARG D 150 -40.42 15.37 -13.86
CA ARG D 150 -41.30 15.54 -15.02
C ARG D 150 -42.20 14.31 -15.20
N ALA D 151 -41.67 13.12 -14.98
CA ALA D 151 -42.48 11.91 -15.13
C ALA D 151 -43.53 11.82 -14.04
N LEU D 152 -43.17 12.25 -12.84
CA LEU D 152 -44.09 12.20 -11.67
C LEU D 152 -45.22 13.20 -11.78
N LYS D 153 -44.85 14.43 -12.13
CA LYS D 153 -45.79 15.49 -12.46
C LYS D 153 -46.80 15.08 -13.56
N ALA D 154 -46.35 14.32 -14.55
CA ALA D 154 -47.25 13.81 -15.63
C ALA D 154 -48.06 12.57 -15.25
N ASN D 155 -47.92 12.10 -14.01
CA ASN D 155 -48.39 10.82 -13.54
C ASN D 155 -48.16 9.69 -14.50
N ASN D 156 -46.93 9.62 -14.99
CA ASN D 156 -46.48 8.57 -15.91
C ASN D 156 -45.09 8.14 -15.45
N PRO D 157 -45.02 7.52 -14.28
CA PRO D 157 -43.74 7.09 -13.70
C PRO D 157 -43.08 6.06 -14.60
N GLN D 158 -41.77 5.99 -14.50
CA GLN D 158 -41.01 5.07 -15.34
C GLN D 158 -41.45 3.62 -15.09
N HIS D 159 -41.43 2.81 -16.15
CA HIS D 159 -41.96 1.47 -16.13
C HIS D 159 -40.97 0.50 -16.71
N GLY D 160 -40.48 -0.44 -15.87
CA GLY D 160 -39.61 -1.55 -16.36
C GLY D 160 -40.43 -2.50 -17.18
N ILE D 161 -40.17 -2.62 -18.47
CA ILE D 161 -41.04 -3.41 -19.34
C ILE D 161 -41.04 -4.91 -19.06
N THR D 162 -42.24 -5.51 -19.21
CA THR D 162 -42.38 -6.96 -18.94
C THR D 162 -41.88 -7.78 -20.11
N LYS D 163 -41.73 -9.09 -19.92
CA LYS D 163 -41.34 -10.00 -21.03
C LYS D 163 -42.26 -9.85 -22.23
N GLU D 164 -43.55 -9.80 -21.96
CA GLU D 164 -44.55 -9.62 -23.01
C GLU D 164 -44.47 -8.25 -23.71
N GLU D 165 -44.08 -7.22 -22.98
CA GLU D 165 -43.89 -5.91 -23.62
C GLU D 165 -42.65 -5.86 -24.47
N ILE D 166 -41.60 -6.57 -24.08
CA ILE D 166 -40.40 -6.77 -24.88
C ILE D 166 -40.80 -7.53 -26.17
N LYS D 167 -41.56 -8.60 -26.05
CA LYS D 167 -42.06 -9.27 -27.27
C LYS D 167 -42.80 -8.35 -28.23
N GLN D 168 -43.56 -7.43 -27.68
CA GLN D 168 -44.32 -6.52 -28.48
C GLN D 168 -43.39 -5.50 -29.18
N TYR D 169 -42.38 -4.98 -28.47
CA TYR D 169 -41.42 -4.11 -29.17
C TYR D 169 -40.76 -4.85 -30.36
N ILE D 170 -40.40 -6.11 -30.11
CA ILE D 170 -39.79 -6.95 -31.16
C ILE D 170 -40.70 -7.07 -32.38
N LYS D 171 -42.00 -7.34 -32.16
CA LYS D 171 -42.97 -7.35 -33.25
C LYS D 171 -43.02 -6.05 -34.04
N GLU D 172 -42.87 -4.93 -33.35
CA GLU D 172 -42.89 -3.61 -33.97
C GLU D 172 -41.62 -3.26 -34.73
N TYR D 173 -40.46 -3.65 -34.21
CA TYR D 173 -39.27 -3.55 -35.00
C TYR D 173 -39.42 -4.35 -36.33
N VAL D 174 -39.89 -5.59 -36.23
CA VAL D 174 -40.18 -6.38 -37.45
C VAL D 174 -41.21 -5.78 -38.38
N ASP D 175 -42.38 -5.43 -37.86
CA ASP D 175 -43.38 -4.73 -38.66
C ASP D 175 -42.77 -3.49 -39.39
N ALA D 176 -42.11 -2.63 -38.66
CA ALA D 176 -41.55 -1.44 -39.24
C ALA D 176 -40.49 -1.75 -40.32
N ALA D 177 -39.67 -2.74 -40.08
CA ALA D 177 -38.62 -3.11 -41.05
C ALA D 177 -39.22 -3.57 -42.35
N LYS D 178 -40.23 -4.42 -42.21
CA LYS D 178 -40.97 -4.92 -43.38
C LYS D 178 -41.59 -3.78 -44.15
N LYS D 179 -42.21 -2.84 -43.44
CA LYS D 179 -42.86 -1.74 -44.11
C LYS D 179 -41.86 -0.80 -44.75
N ALA D 180 -40.77 -0.56 -44.08
CA ALA D 180 -39.73 0.29 -44.66
C ALA D 180 -39.22 -0.30 -45.96
N ILE D 181 -38.88 -1.58 -45.94
CA ILE D 181 -38.32 -2.20 -47.14
C ILE D 181 -39.40 -2.19 -48.26
N ASP D 182 -40.66 -2.42 -47.91
CA ASP D 182 -41.73 -2.42 -48.93
C ASP D 182 -41.93 -1.03 -49.54
N ALA D 183 -41.61 0.02 -48.79
CA ALA D 183 -41.77 1.36 -49.28
C ALA D 183 -40.56 1.76 -50.11
N GLY D 184 -39.57 0.87 -50.18
CA GLY D 184 -38.41 1.02 -51.02
C GLY D 184 -37.14 1.33 -50.27
N ALA D 185 -37.11 1.24 -48.94
CA ALA D 185 -35.84 1.42 -48.28
C ALA D 185 -34.83 0.33 -48.61
N ASP D 186 -33.54 0.67 -48.69
CA ASP D 186 -32.50 -0.35 -49.08
C ASP D 186 -32.14 -1.27 -47.91
N GLY D 187 -32.43 -0.76 -46.74
CA GLY D 187 -32.01 -1.44 -45.48
C GLY D 187 -32.56 -0.74 -44.26
N VAL D 188 -32.40 -1.36 -43.08
CA VAL D 188 -32.85 -0.72 -41.84
C VAL D 188 -31.75 -0.85 -40.87
N GLN D 189 -31.64 0.13 -39.99
CA GLN D 189 -30.67 0.11 -38.93
C GLN D 189 -31.38 0.10 -37.56
N ILE D 190 -31.00 -0.88 -36.77
CA ILE D 190 -31.50 -0.94 -35.40
C ILE D 190 -30.65 0.01 -34.55
N HIS D 191 -31.32 1.00 -33.96
CA HIS D 191 -30.67 1.94 -33.09
C HIS D 191 -30.49 1.27 -31.71
N SER D 192 -29.25 0.97 -31.28
CA SER D 192 -28.97 0.39 -29.96
C SER D 192 -27.93 1.26 -29.23
N ALA D 193 -27.91 2.57 -29.54
CA ALA D 193 -26.92 3.50 -29.13
C ALA D 193 -27.54 4.70 -28.35
N ASN D 194 -26.63 5.61 -27.98
CA ASN D 194 -26.91 6.96 -27.48
C ASN D 194 -27.95 7.03 -26.38
N GLY D 195 -27.97 6.03 -25.51
CA GLY D 195 -28.83 6.00 -24.37
C GLY D 195 -30.30 5.71 -24.53
N TYR D 196 -30.72 5.26 -25.70
CA TYR D 196 -32.15 4.99 -25.91
C TYR D 196 -32.47 3.57 -25.45
N LEU D 197 -33.61 3.01 -25.82
CA LEU D 197 -34.15 1.91 -25.05
C LEU D 197 -33.22 0.71 -25.03
N LEU D 198 -32.72 0.32 -26.21
CA LEU D 198 -31.81 -0.87 -26.28
C LEU D 198 -30.56 -0.65 -25.53
N ASN D 199 -30.03 0.57 -25.59
CA ASN D 199 -28.80 0.86 -24.86
C ASN D 199 -29.10 0.90 -23.37
N GLN D 200 -30.30 1.33 -23.02
CA GLN D 200 -30.71 1.26 -21.59
C GLN D 200 -30.68 -0.18 -21.05
N PHE D 201 -30.95 -1.19 -21.86
CA PHE D 201 -30.77 -2.56 -21.43
C PHE D 201 -29.32 -3.01 -21.43
N LEU D 202 -28.58 -2.52 -22.42
CA LEU D 202 -27.15 -2.89 -22.51
C LEU D 202 -26.32 -2.44 -21.32
N ASP D 203 -26.61 -1.26 -20.79
CA ASP D 203 -25.83 -0.62 -19.75
C ASP D 203 -26.28 -0.89 -18.32
N PRO D 204 -25.37 -1.35 -17.46
CA PRO D 204 -25.77 -1.68 -16.06
C PRO D 204 -26.24 -0.47 -15.28
N ILE D 205 -25.81 0.72 -15.70
CA ILE D 205 -26.24 1.96 -15.00
C ILE D 205 -27.74 2.14 -15.09
N SER D 206 -28.35 1.56 -16.13
CA SER D 206 -29.80 1.70 -16.35
C SER D 206 -30.56 0.35 -16.31
N ASN D 207 -29.84 -0.75 -16.13
CA ASN D 207 -30.46 -2.08 -16.17
C ASN D 207 -29.73 -2.98 -15.15
N ASN D 208 -30.36 -3.07 -14.02
CA ASN D 208 -29.97 -4.10 -13.04
C ASN D 208 -31.11 -5.11 -12.79
N ARG D 209 -31.88 -5.43 -13.84
CA ARG D 209 -32.97 -6.33 -13.69
C ARG D 209 -32.55 -7.69 -13.15
N THR D 210 -33.44 -8.29 -12.39
CA THR D 210 -33.17 -9.61 -11.85
C THR D 210 -33.76 -10.74 -12.69
N ASP D 211 -34.28 -10.46 -13.87
CA ASP D 211 -34.77 -11.51 -14.75
C ASP D 211 -33.68 -11.85 -15.80
N GLU D 212 -34.05 -12.58 -16.85
CA GLU D 212 -33.06 -12.98 -17.85
C GLU D 212 -32.64 -11.84 -18.79
N TYR D 213 -33.18 -10.63 -18.56
CA TYR D 213 -32.77 -9.47 -19.36
C TYR D 213 -31.84 -8.52 -18.66
N GLY D 214 -31.31 -8.90 -17.51
CA GLY D 214 -30.37 -8.08 -16.75
C GLY D 214 -29.51 -8.90 -15.82
N GLY D 215 -28.51 -8.25 -15.22
CA GLY D 215 -27.66 -8.87 -14.19
C GLY D 215 -26.41 -9.59 -14.71
N SER D 216 -26.23 -9.63 -16.02
CA SER D 216 -25.06 -10.27 -16.69
C SER D 216 -24.86 -9.69 -18.06
N ILE D 217 -23.66 -9.87 -18.60
CA ILE D 217 -23.39 -9.46 -19.96
C ILE D 217 -24.39 -10.09 -20.93
N GLU D 218 -24.55 -11.40 -20.84
CA GLU D 218 -25.44 -12.09 -21.78
C GLU D 218 -26.89 -11.68 -21.61
N ASN D 219 -27.30 -11.49 -20.39
CA ASN D 219 -28.68 -11.01 -20.14
C ASN D 219 -28.95 -9.56 -20.59
N ARG D 220 -27.99 -8.66 -20.37
CA ARG D 220 -28.16 -7.33 -20.84
C ARG D 220 -28.21 -7.26 -22.37
N ALA D 221 -27.54 -8.18 -23.03
CA ALA D 221 -27.50 -8.20 -24.51
C ALA D 221 -28.72 -8.81 -25.16
N ARG D 222 -29.52 -9.47 -24.36
CA ARG D 222 -30.58 -10.34 -24.85
C ARG D 222 -31.63 -9.65 -25.70
N PHE D 223 -32.13 -8.50 -25.23
CA PHE D 223 -33.17 -7.77 -26.02
C PHE D 223 -32.59 -7.36 -27.37
N THR D 224 -31.42 -6.77 -27.31
CA THR D 224 -30.79 -6.30 -28.51
C THR D 224 -30.67 -7.45 -29.52
N LEU D 225 -30.21 -8.60 -29.06
CA LEU D 225 -29.97 -9.75 -29.97
C LEU D 225 -31.26 -10.37 -30.47
N GLU D 226 -32.33 -10.28 -29.69
CA GLU D 226 -33.63 -10.79 -30.11
C GLU D 226 -34.15 -9.89 -31.24
N VAL D 227 -33.96 -8.56 -31.11
CA VAL D 227 -34.35 -7.61 -32.14
C VAL D 227 -33.58 -7.89 -33.40
N VAL D 228 -32.28 -8.01 -33.28
CA VAL D 228 -31.43 -8.42 -34.42
C VAL D 228 -31.95 -9.63 -35.14
N ASP D 229 -32.19 -10.71 -34.41
CA ASP D 229 -32.59 -12.00 -35.04
C ASP D 229 -33.95 -11.94 -35.69
N ALA D 230 -34.87 -11.27 -35.03
CA ALA D 230 -36.22 -11.08 -35.62
C ALA D 230 -36.24 -10.24 -36.91
N VAL D 231 -35.53 -9.15 -36.94
CA VAL D 231 -35.41 -8.28 -38.14
C VAL D 231 -34.69 -9.01 -39.22
N VAL D 232 -33.62 -9.70 -38.84
CA VAL D 232 -32.85 -10.49 -39.82
C VAL D 232 -33.73 -11.52 -40.53
N ASP D 233 -34.56 -12.19 -39.78
CA ASP D 233 -35.44 -13.21 -40.40
C ASP D 233 -36.51 -12.56 -41.27
N ALA D 234 -36.96 -11.36 -40.86
CA ALA D 234 -37.99 -10.65 -41.64
C ALA D 234 -37.49 -10.07 -42.94
N VAL D 235 -36.35 -9.38 -42.96
CA VAL D 235 -35.88 -8.73 -44.18
C VAL D 235 -34.55 -9.15 -44.74
N GLY D 236 -33.86 -10.04 -44.04
CA GLY D 236 -32.57 -10.52 -44.44
C GLY D 236 -31.42 -9.74 -43.79
N ALA D 237 -30.35 -10.46 -43.44
CA ALA D 237 -29.20 -9.81 -42.80
C ALA D 237 -28.58 -8.75 -43.67
N GLU D 238 -28.66 -8.93 -45.00
CA GLU D 238 -28.06 -8.00 -45.93
C GLU D 238 -28.86 -6.66 -45.98
N ARG D 239 -30.06 -6.66 -45.42
CA ARG D 239 -30.80 -5.43 -45.26
C ARG D 239 -30.93 -4.91 -43.83
N THR D 240 -30.09 -5.45 -42.95
CA THR D 240 -30.09 -5.09 -41.51
C THR D 240 -28.72 -4.58 -41.03
N SER D 241 -28.75 -3.51 -40.26
CA SER D 241 -27.54 -3.06 -39.53
C SER D 241 -27.91 -2.69 -38.13
N ILE D 242 -26.92 -2.29 -37.37
CA ILE D 242 -27.16 -1.86 -36.00
C ILE D 242 -26.09 -0.80 -35.61
N ARG D 243 -26.44 0.07 -34.67
CA ARG D 243 -25.59 1.13 -34.16
C ARG D 243 -25.39 0.95 -32.65
N PHE D 244 -24.16 1.12 -32.21
CA PHE D 244 -23.81 1.15 -30.79
C PHE D 244 -22.93 2.37 -30.52
N SER D 245 -22.84 2.74 -29.23
CA SER D 245 -22.01 3.85 -28.80
C SER D 245 -21.33 3.47 -27.50
N PRO D 246 -20.30 2.59 -27.55
CA PRO D 246 -19.70 2.04 -26.32
C PRO D 246 -19.26 3.09 -25.31
N TYR D 247 -18.81 4.22 -25.81
CA TYR D 247 -18.18 5.26 -25.01
C TYR D 247 -19.16 6.41 -24.68
N GLY D 248 -20.40 6.28 -25.10
CA GLY D 248 -21.32 7.38 -24.95
C GLY D 248 -21.71 7.63 -23.49
N THR D 249 -21.88 8.91 -23.14
CA THR D 249 -22.48 9.25 -21.83
C THR D 249 -23.82 9.87 -22.03
N PHE D 250 -24.12 10.40 -23.22
CA PHE D 250 -25.45 10.99 -23.48
C PHE D 250 -26.60 10.08 -23.06
N GLY D 251 -27.61 10.60 -22.38
CA GLY D 251 -28.67 9.74 -21.90
C GLY D 251 -28.42 9.16 -20.53
N THR D 252 -27.36 9.63 -19.89
CA THR D 252 -26.88 9.13 -18.55
C THR D 252 -26.43 7.68 -18.67
N MET D 253 -25.67 7.40 -19.71
CA MET D 253 -24.99 6.11 -19.90
C MET D 253 -23.59 6.14 -19.25
N SER D 254 -23.02 4.96 -19.04
CA SER D 254 -21.78 4.82 -18.26
C SER D 254 -20.54 5.40 -18.93
N GLY D 255 -20.41 5.11 -20.21
CA GLY D 255 -19.19 5.41 -20.97
C GLY D 255 -17.99 4.70 -20.36
N GLY D 256 -16.83 5.19 -20.79
CA GLY D 256 -15.59 4.44 -20.57
C GLY D 256 -15.18 4.36 -19.11
N GLU D 257 -15.76 5.21 -18.24
CA GLU D 257 -15.36 5.20 -16.83
C GLU D 257 -15.80 3.92 -16.11
N ASN D 258 -16.77 3.19 -16.69
CA ASN D 258 -17.13 1.86 -16.19
C ASN D 258 -16.26 0.85 -16.98
N PRO D 259 -15.30 0.22 -16.31
CA PRO D 259 -14.36 -0.65 -17.02
C PRO D 259 -14.97 -1.95 -17.64
N GLY D 260 -16.24 -2.24 -17.34
CA GLY D 260 -16.93 -3.42 -17.90
C GLY D 260 -17.61 -3.14 -19.20
N ILE D 261 -17.56 -1.87 -19.64
CA ILE D 261 -18.28 -1.49 -20.87
C ILE D 261 -17.75 -2.18 -22.11
N VAL D 262 -16.43 -2.25 -22.30
CA VAL D 262 -15.92 -2.83 -23.53
C VAL D 262 -16.37 -4.29 -23.66
N ALA D 263 -16.35 -5.03 -22.56
CA ALA D 263 -16.74 -6.43 -22.63
C ALA D 263 -18.16 -6.63 -23.08
N GLN D 264 -19.03 -5.72 -22.70
CA GLN D 264 -20.44 -5.81 -23.12
C GLN D 264 -20.53 -5.82 -24.65
N TYR D 265 -19.80 -4.91 -25.26
CA TYR D 265 -19.83 -4.75 -26.74
C TYR D 265 -19.06 -5.82 -27.42
N ALA D 266 -17.97 -6.28 -26.78
CA ALA D 266 -17.20 -7.32 -27.42
C ALA D 266 -18.09 -8.58 -27.45
N TYR D 267 -18.88 -8.77 -26.40
CA TYR D 267 -19.77 -9.92 -26.38
C TYR D 267 -20.82 -9.81 -27.50
N VAL D 268 -21.57 -8.71 -27.49
CA VAL D 268 -22.64 -8.51 -28.50
C VAL D 268 -22.07 -8.65 -29.92
N ILE D 269 -20.98 -7.98 -30.15
CA ILE D 269 -20.34 -8.00 -31.50
C ILE D 269 -19.82 -9.43 -31.86
N GLY D 270 -19.22 -10.14 -30.90
CA GLY D 270 -18.90 -11.53 -31.03
C GLY D 270 -20.10 -12.40 -31.37
N GLU D 271 -21.27 -12.12 -30.76
CA GLU D 271 -22.50 -12.85 -31.09
C GLU D 271 -22.93 -12.55 -32.54
N LEU D 272 -22.68 -11.31 -33.00
CA LEU D 272 -22.98 -10.96 -34.39
C LEU D 272 -22.03 -11.66 -35.37
N GLU D 273 -20.78 -11.81 -34.98
CA GLU D 273 -19.83 -12.48 -35.85
C GLU D 273 -20.14 -13.98 -35.93
N LYS D 274 -20.63 -14.55 -34.84
CA LYS D 274 -21.00 -15.95 -34.81
C LYS D 274 -22.15 -16.18 -35.76
N ARG D 275 -23.16 -15.29 -35.71
CA ARG D 275 -24.23 -15.35 -36.69
C ARG D 275 -23.73 -15.23 -38.13
N ALA D 276 -22.78 -14.31 -38.34
CA ALA D 276 -22.20 -14.11 -39.66
C ALA D 276 -21.48 -15.34 -40.15
N ARG D 277 -20.76 -16.00 -39.25
CA ARG D 277 -20.05 -17.26 -39.62
C ARG D 277 -21.02 -18.36 -40.03
N ALA D 278 -22.18 -18.39 -39.40
CA ALA D 278 -23.22 -19.37 -39.66
C ALA D 278 -24.14 -19.00 -40.86
N GLY D 279 -23.87 -17.87 -41.53
CA GLY D 279 -24.53 -17.51 -42.79
C GLY D 279 -25.36 -16.24 -42.83
N LYS D 280 -25.38 -15.47 -41.74
CA LYS D 280 -26.17 -14.25 -41.68
C LYS D 280 -25.37 -13.08 -41.18
N ARG D 281 -24.60 -12.44 -42.09
CA ARG D 281 -23.75 -11.35 -41.72
C ARG D 281 -24.54 -10.05 -41.86
N LEU D 282 -24.63 -9.25 -40.80
CA LEU D 282 -25.29 -7.96 -40.95
C LEU D 282 -24.55 -7.14 -42.00
N ALA D 283 -25.28 -6.26 -42.66
CA ALA D 283 -24.69 -5.47 -43.73
C ALA D 283 -23.56 -4.65 -43.19
N PHE D 284 -23.79 -4.06 -42.01
CA PHE D 284 -22.73 -3.31 -41.31
C PHE D 284 -23.05 -3.07 -39.85
N ILE D 285 -22.00 -2.79 -39.09
CA ILE D 285 -22.10 -2.26 -37.71
C ILE D 285 -21.62 -0.82 -37.70
N ASP D 286 -22.39 0.06 -37.07
CA ASP D 286 -22.09 1.47 -36.97
C ASP D 286 -21.70 1.72 -35.53
N LEU D 287 -20.54 2.32 -35.30
CA LEU D 287 -20.11 2.74 -33.96
C LEU D 287 -19.95 4.25 -33.88
N VAL D 288 -20.46 4.85 -32.80
CA VAL D 288 -20.13 6.22 -32.46
C VAL D 288 -18.74 6.24 -31.81
N GLU D 289 -17.85 7.14 -32.27
CA GLU D 289 -16.49 7.22 -31.74
C GLU D 289 -16.51 7.91 -30.38
N PRO D 290 -15.51 7.61 -29.50
CA PRO D 290 -15.37 8.30 -28.20
C PRO D 290 -14.98 9.77 -28.38
N ARG D 291 -14.68 10.13 -29.64
CA ARG D 291 -14.36 11.47 -30.06
C ARG D 291 -15.55 12.39 -29.68
N VAL D 292 -16.75 11.79 -29.71
CA VAL D 292 -18.02 12.45 -29.37
C VAL D 292 -18.84 11.59 -28.39
N THR D 293 -18.71 11.91 -27.09
CA THR D 293 -19.41 11.18 -26.01
C THR D 293 -20.83 11.71 -25.78
N ASP D 294 -21.02 12.94 -26.27
CA ASP D 294 -22.34 13.62 -26.14
C ASP D 294 -22.43 14.60 -27.29
N PRO D 295 -23.37 14.32 -28.21
CA PRO D 295 -23.42 15.09 -29.47
C PRO D 295 -24.00 16.50 -29.29
N PHE D 296 -24.37 16.85 -28.06
CA PHE D 296 -24.78 18.22 -27.64
C PHE D 296 -23.61 19.15 -27.30
N LEU D 297 -22.40 18.59 -27.22
CA LEU D 297 -21.22 19.39 -26.92
C LEU D 297 -20.42 19.66 -28.16
N PRO D 298 -19.77 20.85 -28.21
CA PRO D 298 -19.02 21.22 -29.40
C PRO D 298 -17.84 20.28 -29.60
N GLU D 299 -17.47 20.08 -30.88
CA GLU D 299 -16.39 19.17 -31.24
C GLU D 299 -15.13 19.43 -30.46
N PHE D 300 -14.43 18.32 -30.16
CA PHE D 300 -13.27 18.31 -29.25
C PHE D 300 -13.56 18.36 -27.75
N GLU D 301 -14.75 18.80 -27.36
CA GLU D 301 -15.18 18.64 -25.96
C GLU D 301 -15.66 17.20 -25.66
N LYS D 302 -15.39 16.82 -24.40
CA LYS D 302 -15.60 15.47 -23.89
C LYS D 302 -15.24 14.34 -24.88
N TRP D 303 -14.04 14.49 -25.45
CA TRP D 303 -13.36 13.45 -26.18
C TRP D 303 -12.80 12.50 -25.09
N PHE D 304 -13.38 11.30 -25.03
CA PHE D 304 -12.84 10.23 -24.14
C PHE D 304 -11.54 9.64 -24.75
N LYS D 305 -10.41 9.99 -24.16
CA LYS D 305 -9.12 9.66 -24.77
C LYS D 305 -8.58 8.36 -24.24
N GLU D 306 -9.25 7.77 -23.24
CA GLU D 306 -8.76 6.54 -22.61
C GLU D 306 -9.44 5.25 -23.18
N GLY D 307 -10.17 5.30 -24.27
CA GLY D 307 -10.59 4.06 -24.91
C GLY D 307 -10.87 4.33 -26.36
N THR D 308 -10.81 3.29 -27.16
CA THR D 308 -11.06 3.40 -28.60
C THR D 308 -11.97 2.29 -29.04
N ASN D 309 -12.45 2.38 -30.29
CA ASN D 309 -13.28 1.34 -30.82
C ASN D 309 -12.43 0.30 -31.57
N GLU D 310 -11.13 0.37 -31.46
CA GLU D 310 -10.25 -0.54 -32.23
C GLU D 310 -10.51 -2.02 -31.97
N PHE D 311 -10.92 -2.37 -30.76
CA PHE D 311 -11.34 -3.74 -30.44
C PHE D 311 -12.30 -4.42 -31.45
N ILE D 312 -13.19 -3.68 -32.13
CA ILE D 312 -14.13 -4.32 -33.05
C ILE D 312 -13.39 -5.14 -34.12
N TYR D 313 -12.23 -4.66 -34.59
CA TYR D 313 -11.48 -5.29 -35.66
C TYR D 313 -10.90 -6.64 -35.29
N SER D 314 -10.85 -6.92 -34.01
CA SER D 314 -10.41 -8.23 -33.55
C SER D 314 -11.57 -9.22 -33.43
N ILE D 315 -12.79 -8.79 -33.76
CA ILE D 315 -14.00 -9.61 -33.58
C ILE D 315 -14.86 -9.68 -34.87
N TRP D 316 -15.26 -8.54 -35.40
CA TRP D 316 -16.21 -8.46 -36.53
C TRP D 316 -15.31 -8.38 -37.73
N LYS D 317 -15.69 -9.13 -38.76
CA LYS D 317 -14.99 -9.20 -40.05
C LYS D 317 -15.90 -8.71 -41.20
N GLY D 318 -16.80 -7.83 -40.88
CA GLY D 318 -17.67 -7.23 -41.88
C GLY D 318 -17.49 -5.73 -41.88
N PRO D 319 -18.29 -5.05 -42.70
CA PRO D 319 -18.08 -3.60 -42.73
C PRO D 319 -18.40 -2.89 -41.38
N VAL D 320 -17.67 -1.81 -41.12
CA VAL D 320 -17.83 -0.99 -39.89
C VAL D 320 -17.96 0.46 -40.34
N LEU D 321 -19.00 1.16 -39.86
CA LEU D 321 -19.17 2.62 -40.03
C LEU D 321 -18.74 3.27 -38.75
N ARG D 322 -17.85 4.25 -38.83
CA ARG D 322 -17.41 4.99 -37.66
C ARG D 322 -17.76 6.47 -37.85
N VAL D 323 -18.26 7.06 -36.78
CA VAL D 323 -18.82 8.38 -36.77
C VAL D 323 -18.44 9.18 -35.54
N GLY D 324 -17.97 10.41 -35.73
CA GLY D 324 -17.68 11.33 -34.60
C GLY D 324 -16.44 12.20 -34.86
N ASN D 325 -16.67 13.49 -34.99
CA ASN D 325 -15.65 14.52 -35.24
C ASN D 325 -14.61 14.18 -36.34
N TYR D 326 -15.05 13.62 -37.46
CA TYR D 326 -14.14 13.42 -38.58
C TYR D 326 -13.95 14.65 -39.52
N ALA D 327 -14.93 15.55 -39.51
CA ALA D 327 -14.92 16.72 -40.44
C ALA D 327 -13.64 17.54 -40.26
N LEU D 328 -13.35 17.85 -38.99
CA LEU D 328 -12.18 18.65 -38.58
C LEU D 328 -10.87 17.86 -38.50
N ASP D 329 -10.94 16.55 -38.79
CA ASP D 329 -9.77 15.70 -38.69
C ASP D 329 -9.61 14.76 -39.87
N PRO D 330 -9.35 15.34 -41.05
CA PRO D 330 -9.04 14.54 -42.24
C PRO D 330 -7.93 13.51 -42.07
N ASP D 331 -6.92 13.81 -41.23
CA ASP D 331 -5.83 12.85 -41.06
C ASP D 331 -6.37 11.58 -40.38
N GLN D 332 -7.22 11.75 -39.40
CA GLN D 332 -7.79 10.56 -38.71
C GLN D 332 -8.80 9.77 -39.56
N ALA D 333 -9.63 10.46 -40.33
CA ALA D 333 -10.54 9.74 -41.22
C ALA D 333 -9.71 8.91 -42.22
N THR D 334 -8.61 9.49 -42.69
CA THR D 334 -7.69 8.82 -43.62
C THR D 334 -7.13 7.60 -42.91
N LEU D 335 -6.67 7.80 -41.68
CA LEU D 335 -6.05 6.74 -40.90
C LEU D 335 -7.06 5.62 -40.65
N ASP D 336 -8.27 5.99 -40.28
CA ASP D 336 -9.26 4.96 -39.95
C ASP D 336 -9.78 4.24 -41.19
N SER D 337 -9.80 4.94 -42.35
CA SER D 337 -10.24 4.31 -43.59
C SER D 337 -9.30 3.21 -44.05
N LYS D 338 -8.04 3.22 -43.58
CA LYS D 338 -7.10 2.17 -43.96
C LYS D 338 -7.43 0.83 -43.32
N LYS D 339 -8.26 0.85 -42.28
CA LYS D 339 -8.75 -0.36 -41.67
C LYS D 339 -9.73 -1.07 -42.61
N PRO D 340 -9.74 -2.39 -42.57
CA PRO D 340 -10.58 -3.10 -43.56
C PRO D 340 -12.08 -2.69 -43.60
N ASN D 341 -12.64 -2.50 -44.79
CA ASN D 341 -14.08 -2.21 -45.00
C ASN D 341 -14.67 -1.23 -44.00
N THR D 342 -13.96 -0.13 -43.81
CA THR D 342 -14.39 0.91 -42.92
C THR D 342 -14.97 2.12 -43.71
N LEU D 343 -16.20 2.48 -43.31
CA LEU D 343 -16.87 3.70 -43.74
C LEU D 343 -16.74 4.81 -42.71
N ILE D 344 -16.79 6.05 -43.20
CA ILE D 344 -16.63 7.24 -42.33
C ILE D 344 -17.89 8.11 -42.37
N GLY D 345 -18.49 8.32 -41.21
CA GLY D 345 -19.74 9.05 -41.08
C GLY D 345 -19.50 10.49 -40.63
N TYR D 346 -20.25 11.44 -41.20
CA TYR D 346 -20.13 12.84 -40.92
C TYR D 346 -21.55 13.35 -40.56
N GLY D 347 -21.73 13.71 -39.30
CA GLY D 347 -23.04 14.12 -38.76
C GLY D 347 -23.32 15.58 -39.00
N ARG D 348 -22.90 16.39 -38.05
CA ARG D 348 -23.04 17.83 -38.11
C ARG D 348 -22.51 18.48 -39.38
N SER D 349 -21.43 17.97 -39.96
CA SER D 349 -20.93 18.57 -41.19
C SER D 349 -21.86 18.28 -42.36
N PHE D 350 -22.60 17.18 -42.31
CA PHE D 350 -23.50 16.84 -43.43
C PHE D 350 -24.78 17.68 -43.25
N ILE D 351 -25.20 17.96 -42.02
CA ILE D 351 -26.27 18.98 -41.77
C ILE D 351 -25.92 20.24 -42.54
N ALA D 352 -24.69 20.69 -42.37
CA ALA D 352 -24.26 21.97 -42.90
C ALA D 352 -23.82 21.97 -44.37
N ASN D 353 -23.57 20.81 -44.98
CA ASN D 353 -22.98 20.79 -46.30
C ASN D 353 -23.72 19.85 -47.22
N PRO D 354 -24.65 20.38 -48.05
CA PRO D 354 -25.41 19.46 -48.92
C PRO D 354 -24.47 18.65 -49.84
N ASP D 355 -23.39 19.29 -50.28
CA ASP D 355 -22.40 18.71 -51.21
C ASP D 355 -21.14 18.24 -50.46
N LEU D 356 -21.34 17.64 -49.28
CA LEU D 356 -20.16 17.31 -48.47
C LEU D 356 -19.22 16.30 -49.14
N VAL D 357 -19.79 15.33 -49.85
CA VAL D 357 -18.99 14.30 -50.45
C VAL D 357 -18.03 14.95 -51.41
N TYR D 358 -18.55 15.85 -52.23
CA TYR D 358 -17.75 16.54 -53.25
C TYR D 358 -16.63 17.33 -52.60
N ARG D 359 -16.97 18.07 -51.54
CA ARG D 359 -16.03 18.89 -50.79
C ARG D 359 -14.92 18.10 -50.12
N LEU D 360 -15.27 16.94 -49.58
CA LEU D 360 -14.26 16.10 -48.96
C LEU D 360 -13.31 15.55 -50.03
N GLU D 361 -13.89 15.15 -51.16
CA GLU D 361 -13.16 14.50 -52.23
C GLU D 361 -12.11 15.45 -52.72
N LYS D 362 -12.52 16.70 -52.91
CA LYS D 362 -11.63 17.69 -53.53
C LYS D 362 -10.84 18.50 -52.50
N GLY D 363 -11.18 18.37 -51.22
CA GLY D 363 -10.43 19.08 -50.20
C GLY D 363 -10.85 20.51 -50.10
N LEU D 364 -12.13 20.77 -50.29
CA LEU D 364 -12.65 22.12 -50.30
C LEU D 364 -13.11 22.49 -48.90
N PRO D 365 -13.11 23.79 -48.55
CA PRO D 365 -13.61 24.22 -47.22
C PRO D 365 -15.09 23.80 -47.01
N LEU D 366 -15.48 23.58 -45.76
CA LEU D 366 -16.84 23.15 -45.39
C LEU D 366 -17.62 24.26 -44.73
N ASN D 367 -18.93 24.36 -45.01
CA ASN D 367 -19.77 25.34 -44.31
C ASN D 367 -19.85 25.00 -42.85
N LYS D 368 -19.87 26.03 -42.02
CA LYS D 368 -20.08 25.82 -40.60
C LYS D 368 -21.54 25.46 -40.37
N TYR D 369 -21.81 24.65 -39.34
CA TYR D 369 -23.16 24.35 -38.98
C TYR D 369 -23.72 25.39 -38.03
N ASP D 370 -25.05 25.48 -38.00
CA ASP D 370 -25.76 26.37 -37.09
C ASP D 370 -26.57 25.58 -36.10
N ARG D 371 -26.07 25.42 -34.87
CA ARG D 371 -26.75 24.65 -33.87
C ARG D 371 -28.18 25.16 -33.54
N ASN D 372 -28.39 26.47 -33.69
CA ASN D 372 -29.72 27.09 -33.46
C ASN D 372 -30.84 26.41 -34.22
N THR D 373 -30.52 25.89 -35.41
CA THR D 373 -31.54 25.30 -36.26
C THR D 373 -31.49 23.76 -36.42
N PHE D 374 -30.87 23.08 -35.45
CA PHE D 374 -30.80 21.60 -35.51
C PHE D 374 -32.22 21.01 -35.43
N TYR D 375 -33.07 21.62 -34.62
CA TYR D 375 -34.34 21.04 -34.23
C TYR D 375 -35.51 22.00 -34.36
N THR D 376 -35.34 23.09 -35.09
CA THR D 376 -36.39 24.04 -35.25
C THR D 376 -37.27 23.63 -36.39
N PHE D 377 -38.54 23.98 -36.27
CA PHE D 377 -39.50 23.62 -37.28
C PHE D 377 -39.45 24.63 -38.44
N THR D 378 -38.37 24.56 -39.19
CA THR D 378 -38.05 25.53 -40.20
C THR D 378 -37.32 24.93 -41.41
N LYS D 379 -37.52 25.48 -42.63
CA LYS D 379 -36.59 25.11 -43.72
C LYS D 379 -35.23 25.77 -43.51
N GLU D 380 -35.24 26.96 -42.88
CA GLU D 380 -34.02 27.62 -42.46
C GLU D 380 -33.19 26.67 -41.57
N GLY D 381 -31.93 26.48 -41.95
CA GLY D 381 -31.04 25.53 -41.26
C GLY D 381 -31.30 24.08 -41.58
N TYR D 382 -32.06 23.85 -42.64
CA TYR D 382 -32.43 22.52 -43.09
C TYR D 382 -32.08 22.36 -44.53
N THR D 383 -32.70 23.15 -45.40
CA THR D 383 -32.46 23.03 -46.84
C THR D 383 -31.79 24.29 -47.41
N ASP D 384 -31.36 25.21 -46.57
CA ASP D 384 -30.82 26.43 -47.13
C ASP D 384 -29.31 26.63 -46.91
N TYR D 385 -28.59 25.59 -46.52
CA TYR D 385 -27.14 25.68 -46.51
C TYR D 385 -26.65 25.58 -47.96
N PRO D 386 -25.70 26.44 -48.36
CA PRO D 386 -25.29 26.52 -49.76
C PRO D 386 -24.35 25.41 -50.18
N SER D 387 -24.35 25.11 -51.49
CA SER D 387 -23.31 24.29 -52.13
C SER D 387 -21.96 25.03 -52.08
N TYR D 388 -20.88 24.38 -52.48
CA TYR D 388 -19.61 25.06 -52.47
C TYR D 388 -19.66 26.26 -53.48
N GLU D 389 -20.17 26.03 -54.69
CA GLU D 389 -20.32 27.15 -55.64
C GLU D 389 -21.01 28.41 -55.00
N GLU D 390 -22.11 28.20 -54.28
CA GLU D 390 -22.94 29.30 -53.76
C GLU D 390 -22.28 29.94 -52.56
N SER D 391 -21.59 29.14 -51.75
CA SER D 391 -20.76 29.66 -50.66
C SER D 391 -19.68 30.61 -51.22
N VAL D 392 -19.15 30.31 -52.41
CA VAL D 392 -18.08 31.12 -53.03
C VAL D 392 -18.69 32.39 -53.58
N ALA D 393 -19.81 32.28 -54.26
CA ALA D 393 -20.55 33.49 -54.70
C ALA D 393 -20.94 34.40 -53.53
N LYS D 394 -21.18 33.82 -52.35
CA LYS D 394 -21.45 34.60 -51.15
C LYS D 394 -20.12 34.91 -50.43
N GLY D 395 -20.18 35.56 -49.26
CA GLY D 395 -18.97 35.94 -48.52
C GLY D 395 -18.03 34.79 -48.23
N TYR D 396 -18.39 33.97 -47.25
CA TYR D 396 -17.64 32.79 -46.76
C TYR D 396 -16.13 32.86 -47.01
#